data_2E8M
#
_entry.id   2E8M
#
_cell.length_a   1.000
_cell.length_b   1.000
_cell.length_c   1.000
_cell.angle_alpha   90.00
_cell.angle_beta   90.00
_cell.angle_gamma   90.00
#
_symmetry.space_group_name_H-M   'P 1'
#
_entity_poly.entity_id   1
_entity_poly.type   'polypeptide(L)'
_entity_poly.pdbx_seq_one_letter_code
;GSSGSSGTIGRSAAQKKFHVPRQNVPVINITYDSTPEDVKTWLQSKGFNPVTVNSLGVLNGAQLFSLNKDELRTVCPEGA
RVYSQITVQKAALSGPSSG
;
_entity_poly.pdbx_strand_id   A
#
# COMPACT_ATOMS: atom_id res chain seq x y z
N GLY A 1 14.18 -9.33 -30.20
CA GLY A 1 14.33 -10.73 -29.82
C GLY A 1 13.35 -11.63 -30.53
N SER A 2 13.55 -11.80 -31.85
CA SER A 2 12.67 -12.64 -32.65
C SER A 2 13.12 -14.09 -32.59
N SER A 3 14.36 -14.34 -33.00
CA SER A 3 14.90 -15.70 -33.00
C SER A 3 15.16 -16.18 -31.57
N GLY A 4 15.54 -17.45 -31.45
CA GLY A 4 15.80 -18.01 -30.13
C GLY A 4 14.76 -19.04 -29.73
N SER A 5 14.60 -19.24 -28.42
CA SER A 5 13.64 -20.21 -27.90
C SER A 5 12.23 -19.90 -28.41
N SER A 6 11.44 -20.94 -28.62
CA SER A 6 10.08 -20.79 -29.11
C SER A 6 9.24 -19.99 -28.12
N GLY A 7 9.46 -20.24 -26.83
CA GLY A 7 8.71 -19.53 -25.81
C GLY A 7 9.26 -18.14 -25.55
N THR A 8 9.11 -17.67 -24.31
CA THR A 8 9.59 -16.35 -23.94
C THR A 8 10.66 -16.44 -22.86
N ILE A 9 11.71 -15.63 -23.00
CA ILE A 9 12.81 -15.63 -22.04
C ILE A 9 13.19 -14.20 -21.64
N GLY A 10 13.35 -13.97 -20.35
CA GLY A 10 13.73 -12.65 -19.87
C GLY A 10 13.97 -12.63 -18.37
N ARG A 11 14.75 -13.58 -17.89
CA ARG A 11 15.07 -13.67 -16.47
C ARG A 11 16.17 -12.69 -16.09
N SER A 12 15.87 -11.77 -15.17
CA SER A 12 16.84 -10.79 -14.73
C SER A 12 16.29 -9.98 -13.55
N ALA A 13 15.29 -9.15 -13.83
CA ALA A 13 14.68 -8.33 -12.78
C ALA A 13 13.24 -8.74 -12.54
N ALA A 14 12.89 -8.96 -11.27
CA ALA A 14 11.54 -9.35 -10.91
C ALA A 14 10.74 -8.17 -10.38
N GLN A 15 11.44 -7.19 -9.82
CA GLN A 15 10.79 -6.00 -9.29
C GLN A 15 10.76 -4.88 -10.33
N LYS A 16 9.92 -3.87 -10.08
CA LYS A 16 9.79 -2.75 -11.00
C LYS A 16 9.87 -1.42 -10.24
N LYS A 17 11.09 -0.93 -10.06
CA LYS A 17 11.30 0.33 -9.35
C LYS A 17 11.02 1.52 -10.27
N PHE A 18 9.77 1.66 -10.69
CA PHE A 18 9.37 2.75 -11.57
C PHE A 18 8.25 3.57 -10.94
N HIS A 19 8.20 4.86 -11.28
CA HIS A 19 7.17 5.75 -10.76
C HIS A 19 7.16 5.73 -9.23
N VAL A 20 8.13 6.43 -8.63
CA VAL A 20 8.23 6.50 -7.18
C VAL A 20 8.07 7.93 -6.68
N PRO A 21 7.66 8.07 -5.41
CA PRO A 21 7.45 9.38 -4.79
C PRO A 21 8.77 10.11 -4.54
N ARG A 22 8.71 11.44 -4.56
CA ARG A 22 9.89 12.26 -4.34
C ARG A 22 9.60 13.41 -3.38
N GLN A 23 8.68 14.29 -3.78
CA GLN A 23 8.32 15.42 -2.95
C GLN A 23 7.41 14.99 -1.80
N ASN A 24 7.34 15.82 -0.77
CA ASN A 24 6.50 15.52 0.39
C ASN A 24 5.04 15.39 -0.01
N VAL A 25 4.43 14.26 0.34
CA VAL A 25 3.03 14.01 0.01
C VAL A 25 2.21 13.77 1.28
N PRO A 26 0.91 14.10 1.21
CA PRO A 26 -0.01 13.93 2.34
C PRO A 26 -0.30 12.46 2.63
N VAL A 27 -0.84 12.19 3.81
CA VAL A 27 -1.17 10.84 4.22
C VAL A 27 -2.33 10.28 3.40
N ILE A 28 -2.24 9.01 3.03
CA ILE A 28 -3.28 8.36 2.24
C ILE A 28 -4.12 7.43 3.11
N ASN A 29 -5.42 7.35 2.80
CA ASN A 29 -6.33 6.50 3.55
C ASN A 29 -7.50 6.05 2.68
N ILE A 30 -8.12 4.94 3.05
CA ILE A 30 -9.26 4.41 2.30
C ILE A 30 -10.41 4.08 3.22
N THR A 31 -11.62 4.08 2.67
CA THR A 31 -12.82 3.78 3.45
C THR A 31 -13.71 2.78 2.72
N TYR A 32 -14.82 2.41 3.35
CA TYR A 32 -15.76 1.46 2.76
C TYR A 32 -16.41 2.04 1.51
N ASP A 33 -16.32 3.36 1.37
CA ASP A 33 -16.90 4.05 0.21
C ASP A 33 -15.81 4.70 -0.63
N SER A 34 -14.69 4.00 -0.79
CA SER A 34 -13.57 4.52 -1.56
C SER A 34 -13.58 3.94 -2.98
N THR A 35 -12.75 4.51 -3.85
CA THR A 35 -12.67 4.06 -5.24
C THR A 35 -11.51 3.09 -5.42
N PRO A 36 -11.62 2.23 -6.45
CA PRO A 36 -10.59 1.23 -6.75
C PRO A 36 -9.30 1.87 -7.29
N GLU A 37 -9.36 3.17 -7.55
CA GLU A 37 -8.20 3.89 -8.06
C GLU A 37 -7.41 4.53 -6.93
N ASP A 38 -8.09 4.79 -5.82
CA ASP A 38 -7.45 5.40 -4.66
C ASP A 38 -6.64 4.37 -3.88
N VAL A 39 -7.17 3.16 -3.79
CA VAL A 39 -6.50 2.07 -3.08
C VAL A 39 -5.11 1.83 -3.65
N LYS A 40 -4.98 1.95 -4.96
CA LYS A 40 -3.70 1.74 -5.63
C LYS A 40 -2.61 2.60 -5.00
N THR A 41 -2.92 3.87 -4.76
CA THR A 41 -1.97 4.80 -4.16
C THR A 41 -1.81 4.53 -2.67
N TRP A 42 -2.90 4.13 -2.02
CA TRP A 42 -2.86 3.84 -0.60
C TRP A 42 -1.88 2.71 -0.29
N LEU A 43 -1.79 1.75 -1.20
CA LEU A 43 -0.89 0.62 -1.02
C LEU A 43 0.56 1.03 -1.27
N GLN A 44 0.76 1.84 -2.31
CA GLN A 44 2.10 2.31 -2.65
C GLN A 44 2.64 3.24 -1.56
N SER A 45 1.80 4.16 -1.10
CA SER A 45 2.20 5.11 -0.07
C SER A 45 2.81 4.38 1.13
N LYS A 46 2.11 3.36 1.61
CA LYS A 46 2.57 2.58 2.76
C LYS A 46 3.91 1.93 2.47
N GLY A 47 4.15 1.63 1.18
CA GLY A 47 5.40 1.01 0.80
C GLY A 47 5.25 -0.47 0.49
N PHE A 48 4.12 -0.84 -0.11
CA PHE A 48 3.84 -2.23 -0.45
C PHE A 48 4.34 -2.54 -1.86
N ASN A 49 4.79 -3.78 -2.05
CA ASN A 49 5.29 -4.21 -3.35
C ASN A 49 4.27 -3.94 -4.45
N PRO A 50 4.75 -3.80 -5.69
CA PRO A 50 3.89 -3.53 -6.85
C PRO A 50 3.02 -4.73 -7.21
N VAL A 51 3.51 -5.93 -6.90
CA VAL A 51 2.78 -7.16 -7.19
C VAL A 51 1.43 -7.18 -6.47
N THR A 52 1.34 -6.43 -5.39
CA THR A 52 0.11 -6.35 -4.60
C THR A 52 -0.78 -5.20 -5.07
N VAL A 53 -0.17 -4.04 -5.29
CA VAL A 53 -0.91 -2.87 -5.73
C VAL A 53 -1.54 -3.11 -7.09
N ASN A 54 -1.01 -4.08 -7.83
CA ASN A 54 -1.53 -4.41 -9.15
C ASN A 54 -2.75 -5.31 -9.04
N SER A 55 -2.69 -6.28 -8.15
CA SER A 55 -3.79 -7.21 -7.95
C SER A 55 -4.91 -6.57 -7.12
N LEU A 56 -4.53 -5.64 -6.25
CA LEU A 56 -5.49 -4.95 -5.40
C LEU A 56 -5.63 -3.49 -5.82
N GLY A 57 -5.30 -3.21 -7.07
CA GLY A 57 -5.41 -1.85 -7.57
C GLY A 57 -6.65 -1.64 -8.44
N VAL A 58 -7.51 -2.66 -8.47
CA VAL A 58 -8.74 -2.59 -9.26
C VAL A 58 -9.96 -2.70 -8.36
N LEU A 59 -9.76 -3.16 -7.14
CA LEU A 59 -10.84 -3.32 -6.19
C LEU A 59 -11.02 -2.05 -5.35
N ASN A 60 -12.27 -1.65 -5.15
CA ASN A 60 -12.58 -0.46 -4.37
C ASN A 60 -12.35 -0.71 -2.87
N GLY A 61 -12.28 0.37 -2.11
CA GLY A 61 -12.07 0.25 -0.68
C GLY A 61 -13.05 -0.70 -0.02
N ALA A 62 -14.29 -0.67 -0.49
CA ALA A 62 -15.33 -1.54 0.05
C ALA A 62 -14.96 -3.02 -0.12
N GLN A 63 -14.68 -3.42 -1.36
CA GLN A 63 -14.31 -4.79 -1.65
C GLN A 63 -13.06 -5.20 -0.89
N LEU A 64 -12.02 -4.37 -0.99
CA LEU A 64 -10.76 -4.64 -0.31
C LEU A 64 -10.97 -4.81 1.19
N PHE A 65 -11.86 -4.01 1.75
CA PHE A 65 -12.16 -4.08 3.18
C PHE A 65 -12.81 -5.42 3.54
N SER A 66 -13.41 -6.07 2.54
CA SER A 66 -14.06 -7.35 2.75
C SER A 66 -13.04 -8.48 2.78
N LEU A 67 -11.94 -8.29 2.09
CA LEU A 67 -10.88 -9.29 2.03
C LEU A 67 -10.15 -9.38 3.36
N ASN A 68 -10.12 -10.59 3.94
CA ASN A 68 -9.45 -10.80 5.22
C ASN A 68 -8.00 -11.19 5.00
N LYS A 69 -7.33 -11.61 6.08
CA LYS A 69 -5.93 -12.02 6.02
C LYS A 69 -5.76 -13.20 5.07
N ASP A 70 -6.84 -13.95 4.84
CA ASP A 70 -6.79 -15.10 3.96
C ASP A 70 -6.98 -14.68 2.50
N GLU A 71 -8.11 -14.05 2.22
CA GLU A 71 -8.42 -13.60 0.86
C GLU A 71 -7.27 -12.75 0.31
N LEU A 72 -6.72 -11.87 1.14
CA LEU A 72 -5.62 -11.01 0.74
C LEU A 72 -4.34 -11.82 0.54
N ARG A 73 -4.16 -12.84 1.36
CA ARG A 73 -2.98 -13.69 1.28
C ARG A 73 -3.02 -14.55 0.01
N THR A 74 -4.22 -14.80 -0.49
CA THR A 74 -4.39 -15.60 -1.70
C THR A 74 -4.11 -14.78 -2.95
N VAL A 75 -4.71 -13.59 -3.02
CA VAL A 75 -4.53 -12.71 -4.17
C VAL A 75 -3.07 -12.28 -4.29
N CYS A 76 -2.43 -12.04 -3.16
CA CYS A 76 -1.02 -11.63 -3.13
C CYS A 76 -0.29 -12.23 -1.95
N PRO A 77 1.04 -12.37 -2.08
CA PRO A 77 1.88 -12.94 -1.02
C PRO A 77 2.01 -12.00 0.18
N GLU A 78 1.78 -10.72 -0.06
CA GLU A 78 1.87 -9.71 1.01
C GLU A 78 0.49 -9.44 1.61
N GLY A 79 -0.41 -10.41 1.48
CA GLY A 79 -1.74 -10.24 2.02
C GLY A 79 -1.74 -9.99 3.52
N ALA A 80 -1.13 -10.90 4.26
CA ALA A 80 -1.06 -10.76 5.72
C ALA A 80 -0.53 -9.40 6.11
N ARG A 81 0.33 -8.83 5.27
CA ARG A 81 0.91 -7.52 5.53
C ARG A 81 -0.07 -6.40 5.17
N VAL A 82 -0.86 -6.63 4.13
CA VAL A 82 -1.85 -5.65 3.68
C VAL A 82 -3.02 -5.57 4.64
N TYR A 83 -3.58 -6.72 4.99
CA TYR A 83 -4.72 -6.78 5.90
C TYR A 83 -4.41 -6.03 7.20
N SER A 84 -3.22 -6.24 7.74
CA SER A 84 -2.81 -5.59 8.97
C SER A 84 -2.86 -4.08 8.83
N GLN A 85 -2.78 -3.61 7.59
CA GLN A 85 -2.82 -2.17 7.31
C GLN A 85 -4.24 -1.70 7.08
N ILE A 86 -5.12 -2.63 6.70
CA ILE A 86 -6.51 -2.31 6.43
C ILE A 86 -7.35 -2.39 7.71
N THR A 87 -6.96 -3.29 8.60
CA THR A 87 -7.68 -3.46 9.86
C THR A 87 -7.78 -2.15 10.62
N VAL A 88 -6.74 -1.33 10.53
CA VAL A 88 -6.72 -0.03 11.21
C VAL A 88 -7.69 0.94 10.55
N GLN A 89 -7.98 0.70 9.27
CA GLN A 89 -8.89 1.57 8.53
C GLN A 89 -10.35 1.26 8.90
N LYS A 90 -10.70 -0.01 8.89
CA LYS A 90 -12.05 -0.44 9.23
C LYS A 90 -12.39 -0.10 10.68
N ALA A 91 -11.44 -0.35 11.58
CA ALA A 91 -11.65 -0.06 12.99
C ALA A 91 -11.97 1.42 13.21
N ALA A 92 -11.53 2.26 12.28
CA ALA A 92 -11.78 3.70 12.37
C ALA A 92 -13.22 4.03 12.01
N LEU A 93 -13.74 3.34 10.99
CA LEU A 93 -15.11 3.57 10.54
C LEU A 93 -16.10 2.84 11.45
N SER A 94 -15.95 1.54 11.56
CA SER A 94 -16.84 0.72 12.39
C SER A 94 -16.21 -0.63 12.70
N GLY A 95 -16.24 -1.02 13.96
CA GLY A 95 -15.68 -2.29 14.37
C GLY A 95 -16.47 -2.96 15.48
N PRO A 96 -16.33 -2.44 16.71
CA PRO A 96 -17.02 -2.96 17.89
C PRO A 96 -18.52 -2.69 17.84
N SER A 97 -18.89 -1.50 17.39
CA SER A 97 -20.29 -1.11 17.30
C SER A 97 -20.94 -1.11 18.68
N SER A 98 -22.23 -0.77 18.72
CA SER A 98 -22.96 -0.72 19.98
C SER A 98 -24.24 -1.57 19.89
N GLY A 99 -24.99 -1.40 18.81
CA GLY A 99 -26.21 -2.15 18.63
C GLY A 99 -26.00 -3.41 17.82
N GLY A 1 55.43 24.94 6.82
CA GLY A 1 54.44 24.76 7.86
C GLY A 1 53.67 26.04 8.15
N SER A 2 53.26 26.73 7.11
CA SER A 2 52.50 27.96 7.25
C SER A 2 51.46 28.11 6.14
N SER A 3 50.42 27.29 6.21
CA SER A 3 49.36 27.32 5.21
C SER A 3 48.17 28.13 5.71
N GLY A 4 48.25 29.45 5.55
CA GLY A 4 47.18 30.31 5.99
C GLY A 4 45.85 29.98 5.32
N SER A 5 45.88 29.85 4.01
CA SER A 5 44.66 29.52 3.25
C SER A 5 44.48 28.01 3.13
N SER A 6 43.30 27.54 3.50
CA SER A 6 42.99 26.11 3.44
C SER A 6 41.96 25.82 2.36
N GLY A 7 42.16 24.73 1.63
CA GLY A 7 41.24 24.36 0.57
C GLY A 7 41.64 24.96 -0.77
N THR A 8 40.83 24.69 -1.79
CA THR A 8 41.10 25.18 -3.13
C THR A 8 39.91 25.99 -3.67
N ILE A 9 40.11 26.63 -4.81
CA ILE A 9 39.05 27.43 -5.43
C ILE A 9 37.82 26.57 -5.73
N GLY A 10 36.65 27.15 -5.54
CA GLY A 10 35.41 26.44 -5.79
C GLY A 10 34.77 25.92 -4.53
N ARG A 11 34.14 24.75 -4.62
CA ARG A 11 33.48 24.15 -3.47
C ARG A 11 34.27 22.96 -2.95
N SER A 12 34.99 23.17 -1.84
CA SER A 12 35.80 22.12 -1.24
C SER A 12 35.08 21.49 -0.06
N ALA A 13 34.57 22.33 0.85
CA ALA A 13 33.87 21.85 2.03
C ALA A 13 32.43 21.48 1.68
N ALA A 14 31.70 20.94 2.66
CA ALA A 14 30.32 20.53 2.46
C ALA A 14 29.37 21.60 2.98
N GLN A 15 28.46 22.06 2.13
CA GLN A 15 27.48 23.07 2.51
C GLN A 15 26.26 22.43 3.16
N LYS A 16 25.57 23.21 3.99
CA LYS A 16 24.37 22.73 4.67
C LYS A 16 24.68 21.46 5.47
N LYS A 17 25.42 21.63 6.57
CA LYS A 17 25.78 20.51 7.42
C LYS A 17 24.54 19.79 7.94
N PHE A 18 23.64 20.56 8.54
CA PHE A 18 22.40 20.00 9.09
C PHE A 18 21.38 19.76 7.98
N HIS A 19 20.76 18.58 7.99
CA HIS A 19 19.77 18.22 7.00
C HIS A 19 18.57 19.17 7.06
N VAL A 20 17.86 19.30 5.94
CA VAL A 20 16.70 20.17 5.86
C VAL A 20 15.44 19.38 5.54
N PRO A 21 14.28 19.93 5.93
CA PRO A 21 12.99 19.29 5.69
C PRO A 21 12.60 19.29 4.22
N ARG A 22 12.42 18.09 3.66
CA ARG A 22 12.06 17.96 2.25
C ARG A 22 10.56 17.70 2.10
N GLN A 23 9.99 18.17 1.00
CA GLN A 23 8.57 17.99 0.74
C GLN A 23 8.25 16.53 0.48
N ASN A 24 7.03 16.12 0.84
CA ASN A 24 6.60 14.74 0.63
C ASN A 24 5.11 14.68 0.31
N VAL A 25 4.59 13.47 0.12
CA VAL A 25 3.19 13.27 -0.20
C VAL A 25 2.35 13.21 1.06
N PRO A 26 1.07 13.62 0.95
CA PRO A 26 0.13 13.62 2.06
C PRO A 26 -0.26 12.21 2.51
N VAL A 27 -0.82 12.10 3.70
CA VAL A 27 -1.24 10.81 4.24
C VAL A 27 -2.43 10.25 3.46
N ILE A 28 -2.26 9.05 2.90
CA ILE A 28 -3.32 8.41 2.14
C ILE A 28 -4.14 7.48 3.02
N ASN A 29 -5.44 7.42 2.75
CA ASN A 29 -6.35 6.56 3.52
C ASN A 29 -7.50 6.08 2.65
N ILE A 30 -8.10 4.96 3.05
CA ILE A 30 -9.21 4.39 2.31
C ILE A 30 -10.38 4.06 3.24
N THR A 31 -11.59 4.05 2.68
CA THR A 31 -12.79 3.76 3.46
C THR A 31 -13.68 2.75 2.74
N TYR A 32 -14.77 2.37 3.38
CA TYR A 32 -15.71 1.42 2.80
C TYR A 32 -16.35 1.99 1.55
N ASP A 33 -16.32 3.31 1.41
CA ASP A 33 -16.90 3.98 0.25
C ASP A 33 -15.82 4.64 -0.59
N SER A 34 -14.66 3.98 -0.69
CA SER A 34 -13.54 4.52 -1.46
C SER A 34 -13.56 3.96 -2.88
N THR A 35 -12.73 4.54 -3.74
CA THR A 35 -12.65 4.12 -5.13
C THR A 35 -11.48 3.14 -5.34
N PRO A 36 -11.59 2.31 -6.38
CA PRO A 36 -10.57 1.32 -6.71
C PRO A 36 -9.29 1.96 -7.23
N GLU A 37 -9.34 3.27 -7.46
CA GLU A 37 -8.18 4.00 -7.97
C GLU A 37 -7.38 4.61 -6.81
N ASP A 38 -8.06 4.85 -5.69
CA ASP A 38 -7.42 5.42 -4.52
C ASP A 38 -6.62 4.36 -3.76
N VAL A 39 -7.15 3.14 -3.72
CA VAL A 39 -6.49 2.05 -3.03
C VAL A 39 -5.10 1.80 -3.60
N LYS A 40 -4.96 1.97 -4.91
CA LYS A 40 -3.68 1.76 -5.59
C LYS A 40 -2.59 2.60 -4.94
N THR A 41 -2.89 3.88 -4.72
CA THR A 41 -1.93 4.79 -4.11
C THR A 41 -1.76 4.50 -2.62
N TRP A 42 -2.85 4.12 -1.98
CA TRP A 42 -2.83 3.80 -0.56
C TRP A 42 -1.85 2.68 -0.26
N LEU A 43 -1.73 1.75 -1.19
CA LEU A 43 -0.82 0.61 -1.04
C LEU A 43 0.62 1.02 -1.28
N GLN A 44 0.83 1.84 -2.31
CA GLN A 44 2.16 2.31 -2.66
C GLN A 44 2.71 3.23 -1.57
N SER A 45 1.87 4.14 -1.09
CA SER A 45 2.28 5.07 -0.04
C SER A 45 2.87 4.33 1.15
N LYS A 46 2.15 3.32 1.63
CA LYS A 46 2.60 2.54 2.77
C LYS A 46 3.93 1.85 2.47
N GLY A 47 4.18 1.60 1.18
CA GLY A 47 5.41 0.94 0.79
C GLY A 47 5.22 -0.54 0.51
N PHE A 48 4.16 -0.87 -0.20
CA PHE A 48 3.86 -2.27 -0.52
C PHE A 48 4.34 -2.60 -1.93
N ASN A 49 4.77 -3.85 -2.13
CA ASN A 49 5.26 -4.30 -3.42
C ASN A 49 4.22 -4.02 -4.51
N PRO A 50 4.70 -3.91 -5.76
CA PRO A 50 3.84 -3.64 -6.92
C PRO A 50 2.94 -4.83 -7.26
N VAL A 51 3.42 -6.03 -6.95
CA VAL A 51 2.67 -7.25 -7.23
C VAL A 51 1.32 -7.24 -6.49
N THR A 52 1.25 -6.47 -5.40
CA THR A 52 0.04 -6.38 -4.61
C THR A 52 -0.85 -5.22 -5.08
N VAL A 53 -0.22 -4.07 -5.31
CA VAL A 53 -0.94 -2.89 -5.77
C VAL A 53 -1.59 -3.14 -7.13
N ASN A 54 -1.07 -4.11 -7.86
CA ASN A 54 -1.60 -4.45 -9.17
C ASN A 54 -2.85 -5.32 -9.06
N SER A 55 -2.80 -6.29 -8.15
CA SER A 55 -3.92 -7.20 -7.93
C SER A 55 -5.01 -6.52 -7.11
N LEU A 56 -4.60 -5.61 -6.23
CA LEU A 56 -5.55 -4.89 -5.38
C LEU A 56 -5.68 -3.44 -5.81
N GLY A 57 -5.35 -3.17 -7.08
CA GLY A 57 -5.44 -1.82 -7.61
C GLY A 57 -6.68 -1.61 -8.45
N VAL A 58 -7.55 -2.62 -8.49
CA VAL A 58 -8.77 -2.54 -9.28
C VAL A 58 -10.00 -2.63 -8.38
N LEU A 59 -9.80 -3.15 -7.17
CA LEU A 59 -10.90 -3.29 -6.22
C LEU A 59 -11.06 -2.02 -5.38
N ASN A 60 -12.31 -1.62 -5.16
CA ASN A 60 -12.60 -0.42 -4.38
C ASN A 60 -12.37 -0.68 -2.90
N GLY A 61 -12.31 0.40 -2.11
CA GLY A 61 -12.10 0.26 -0.68
C GLY A 61 -13.07 -0.71 -0.04
N ALA A 62 -14.32 -0.69 -0.50
CA ALA A 62 -15.34 -1.58 0.03
C ALA A 62 -14.94 -3.04 -0.14
N GLN A 63 -14.68 -3.43 -1.39
CA GLN A 63 -14.28 -4.80 -1.68
C GLN A 63 -13.01 -5.18 -0.94
N LEU A 64 -12.00 -4.33 -1.03
CA LEU A 64 -10.72 -4.58 -0.37
C LEU A 64 -10.92 -4.77 1.13
N PHE A 65 -11.84 -4.00 1.71
CA PHE A 65 -12.11 -4.08 3.13
C PHE A 65 -12.73 -5.44 3.49
N SER A 66 -13.33 -6.08 2.50
CA SER A 66 -13.96 -7.38 2.70
C SER A 66 -12.91 -8.49 2.75
N LEU A 67 -11.82 -8.28 2.04
CA LEU A 67 -10.74 -9.26 1.99
C LEU A 67 -10.00 -9.33 3.33
N ASN A 68 -9.96 -10.51 3.92
CA ASN A 68 -9.30 -10.71 5.21
C ASN A 68 -7.85 -11.16 5.01
N LYS A 69 -7.20 -11.53 6.10
CA LYS A 69 -5.81 -11.98 6.05
C LYS A 69 -5.67 -13.18 5.11
N ASP A 70 -6.76 -13.89 4.89
CA ASP A 70 -6.76 -15.05 4.01
C ASP A 70 -6.95 -14.64 2.56
N GLU A 71 -8.10 -14.01 2.27
CA GLU A 71 -8.40 -13.56 0.92
C GLU A 71 -7.26 -12.72 0.35
N LEU A 72 -6.70 -11.85 1.17
CA LEU A 72 -5.60 -10.99 0.76
C LEU A 72 -4.32 -11.80 0.54
N ARG A 73 -4.12 -12.81 1.38
CA ARG A 73 -2.95 -13.66 1.28
C ARG A 73 -3.00 -14.52 0.02
N THR A 74 -4.21 -14.75 -0.48
CA THR A 74 -4.39 -15.55 -1.68
C THR A 74 -4.13 -14.72 -2.94
N VAL A 75 -4.71 -13.53 -2.99
CA VAL A 75 -4.54 -12.64 -4.14
C VAL A 75 -3.10 -12.18 -4.27
N CYS A 76 -2.44 -11.96 -3.13
CA CYS A 76 -1.05 -11.53 -3.11
C CYS A 76 -0.30 -12.13 -1.93
N PRO A 77 1.02 -12.26 -2.07
CA PRO A 77 1.88 -12.82 -1.03
C PRO A 77 2.01 -11.91 0.18
N GLU A 78 1.76 -10.61 -0.04
CA GLU A 78 1.85 -9.63 1.03
C GLU A 78 0.48 -9.39 1.65
N GLY A 79 -0.42 -10.34 1.50
CA GLY A 79 -1.76 -10.21 2.04
C GLY A 79 -1.75 -9.95 3.53
N ALA A 80 -1.14 -10.86 4.28
CA ALA A 80 -1.06 -10.73 5.73
C ALA A 80 -0.52 -9.35 6.13
N ARG A 81 0.32 -8.78 5.28
CA ARG A 81 0.91 -7.47 5.53
C ARG A 81 -0.06 -6.36 5.17
N VAL A 82 -0.87 -6.60 4.13
CA VAL A 82 -1.84 -5.62 3.68
C VAL A 82 -3.03 -5.53 4.63
N TYR A 83 -3.58 -6.69 4.98
CA TYR A 83 -4.72 -6.75 5.89
C TYR A 83 -4.43 -5.99 7.18
N SER A 84 -3.23 -6.19 7.72
CA SER A 84 -2.83 -5.52 8.96
C SER A 84 -2.89 -4.01 8.80
N GLN A 85 -2.80 -3.55 7.56
CA GLN A 85 -2.85 -2.12 7.27
C GLN A 85 -4.27 -1.65 7.03
N ILE A 86 -5.14 -2.58 6.65
CA ILE A 86 -6.54 -2.26 6.39
C ILE A 86 -7.37 -2.35 7.66
N THR A 87 -7.00 -3.27 8.54
CA THR A 87 -7.71 -3.46 9.80
C THR A 87 -7.80 -2.17 10.58
N VAL A 88 -6.75 -1.35 10.50
CA VAL A 88 -6.72 -0.07 11.20
C VAL A 88 -7.71 0.91 10.58
N GLN A 89 -8.02 0.71 9.31
CA GLN A 89 -8.95 1.58 8.60
C GLN A 89 -10.40 1.21 8.92
N LYS A 90 -10.69 -0.08 8.88
CA LYS A 90 -12.03 -0.57 9.16
C LYS A 90 -12.43 -0.25 10.60
N ALA A 91 -11.48 -0.40 11.53
CA ALA A 91 -11.74 -0.13 12.93
C ALA A 91 -12.05 1.35 13.15
N ALA A 92 -11.55 2.20 12.25
CA ALA A 92 -11.78 3.64 12.35
C ALA A 92 -13.23 3.99 11.98
N LEU A 93 -13.77 3.30 10.99
CA LEU A 93 -15.13 3.54 10.55
C LEU A 93 -16.13 2.83 11.46
N SER A 94 -15.74 1.67 11.97
CA SER A 94 -16.61 0.90 12.85
C SER A 94 -16.41 1.30 14.30
N GLY A 95 -17.49 1.68 14.96
CA GLY A 95 -17.42 2.09 16.35
C GLY A 95 -17.29 0.91 17.30
N PRO A 96 -17.25 1.20 18.61
CA PRO A 96 -17.13 0.17 19.65
C PRO A 96 -18.39 -0.69 19.77
N SER A 97 -19.53 -0.09 19.47
CA SER A 97 -20.81 -0.80 19.55
C SER A 97 -21.82 -0.21 18.57
N SER A 98 -22.11 -0.94 17.50
CA SER A 98 -23.05 -0.48 16.49
C SER A 98 -24.12 -1.54 16.23
N GLY A 99 -25.19 -1.15 15.55
CA GLY A 99 -26.26 -2.08 15.24
C GLY A 99 -26.13 -2.67 13.85
N GLY A 1 8.84 -43.33 7.78
CA GLY A 1 10.22 -43.80 7.84
C GLY A 1 10.69 -44.38 6.54
N SER A 2 9.96 -45.37 6.03
CA SER A 2 10.31 -46.03 4.77
C SER A 2 9.74 -45.25 3.58
N SER A 3 10.18 -45.64 2.38
CA SER A 3 9.72 -44.98 1.16
C SER A 3 10.10 -43.50 1.16
N GLY A 4 9.90 -42.85 0.02
CA GLY A 4 10.22 -41.44 -0.09
C GLY A 4 11.41 -41.19 -1.00
N SER A 5 11.21 -40.36 -2.02
CA SER A 5 12.27 -40.05 -2.97
C SER A 5 12.40 -38.54 -3.15
N SER A 6 13.54 -38.11 -3.69
CA SER A 6 13.79 -36.69 -3.92
C SER A 6 13.46 -36.30 -5.35
N GLY A 7 13.63 -35.02 -5.67
CA GLY A 7 13.35 -34.54 -7.01
C GLY A 7 12.14 -33.62 -7.05
N THR A 8 12.01 -32.78 -6.03
CA THR A 8 10.89 -31.84 -5.95
C THR A 8 11.38 -30.40 -5.97
N ILE A 9 12.51 -30.15 -5.31
CA ILE A 9 13.08 -28.82 -5.25
C ILE A 9 13.44 -28.31 -6.64
N GLY A 10 13.32 -27.00 -6.85
CA GLY A 10 13.64 -26.41 -8.14
C GLY A 10 13.09 -25.01 -8.29
N ARG A 11 11.76 -24.89 -8.26
CA ARG A 11 11.12 -23.59 -8.40
C ARG A 11 11.34 -22.74 -7.15
N SER A 12 12.22 -21.76 -7.26
CA SER A 12 12.52 -20.88 -6.13
C SER A 12 12.96 -19.50 -6.63
N ALA A 13 12.31 -18.47 -6.11
CA ALA A 13 12.64 -17.09 -6.50
C ALA A 13 13.35 -16.35 -5.37
N ALA A 14 14.31 -15.52 -5.73
CA ALA A 14 15.05 -14.75 -4.74
C ALA A 14 14.23 -13.59 -4.20
N GLN A 15 14.59 -13.12 -3.01
CA GLN A 15 13.88 -12.01 -2.38
C GLN A 15 14.69 -10.72 -2.46
N LYS A 16 14.02 -9.63 -2.83
CA LYS A 16 14.68 -8.34 -2.95
C LYS A 16 13.67 -7.21 -2.79
N LYS A 17 13.96 -6.30 -1.86
CA LYS A 17 13.08 -5.16 -1.60
C LYS A 17 13.62 -3.90 -2.27
N PHE A 18 12.72 -3.05 -2.74
CA PHE A 18 13.10 -1.81 -3.40
C PHE A 18 13.68 -0.82 -2.39
N HIS A 19 14.51 0.09 -2.88
CA HIS A 19 15.13 1.11 -2.02
C HIS A 19 15.46 2.36 -2.82
N VAL A 20 14.46 3.21 -3.01
CA VAL A 20 14.64 4.46 -3.75
C VAL A 20 14.06 5.65 -2.99
N PRO A 21 14.58 6.85 -3.29
CA PRO A 21 14.13 8.08 -2.64
C PRO A 21 12.72 8.47 -3.06
N ARG A 22 12.08 9.31 -2.26
CA ARG A 22 10.72 9.76 -2.56
C ARG A 22 10.47 11.14 -1.95
N GLN A 23 9.79 12.00 -2.72
CA GLN A 23 9.48 13.35 -2.25
C GLN A 23 8.39 13.32 -1.17
N ASN A 24 8.26 14.43 -0.45
CA ASN A 24 7.27 14.53 0.60
C ASN A 24 5.85 14.42 0.04
N VAL A 25 5.15 13.37 0.44
CA VAL A 25 3.78 13.16 -0.02
C VAL A 25 2.79 13.17 1.14
N PRO A 26 1.54 13.56 0.86
CA PRO A 26 0.48 13.62 1.87
C PRO A 26 0.05 12.24 2.34
N VAL A 27 -0.65 12.20 3.46
CA VAL A 27 -1.13 10.93 4.02
C VAL A 27 -2.29 10.37 3.20
N ILE A 28 -2.27 9.06 2.98
CA ILE A 28 -3.31 8.40 2.21
C ILE A 28 -4.15 7.49 3.09
N ASN A 29 -5.45 7.43 2.81
CA ASN A 29 -6.36 6.59 3.57
C ASN A 29 -7.52 6.11 2.71
N ILE A 30 -8.11 4.98 3.11
CA ILE A 30 -9.24 4.42 2.36
C ILE A 30 -10.41 4.09 3.29
N THR A 31 -11.61 4.08 2.74
CA THR A 31 -12.81 3.78 3.51
C THR A 31 -13.70 2.78 2.77
N TYR A 32 -14.79 2.39 3.42
CA TYR A 32 -15.73 1.44 2.84
C TYR A 32 -16.37 2.01 1.59
N ASP A 33 -16.31 3.33 1.44
CA ASP A 33 -16.88 4.00 0.28
C ASP A 33 -15.80 4.67 -0.56
N SER A 34 -14.67 4.00 -0.70
CA SER A 34 -13.55 4.53 -1.47
C SER A 34 -13.57 3.98 -2.89
N THR A 35 -12.73 4.57 -3.75
CA THR A 35 -12.65 4.14 -5.15
C THR A 35 -11.50 3.16 -5.35
N PRO A 36 -11.60 2.33 -6.39
CA PRO A 36 -10.58 1.34 -6.72
C PRO A 36 -9.29 1.97 -7.23
N GLU A 37 -9.34 3.27 -7.47
CA GLU A 37 -8.17 4.00 -7.96
C GLU A 37 -7.38 4.60 -6.80
N ASP A 38 -8.06 4.85 -5.69
CA ASP A 38 -7.42 5.42 -4.52
C ASP A 38 -6.61 4.37 -3.76
N VAL A 39 -7.14 3.14 -3.71
CA VAL A 39 -6.48 2.06 -3.03
C VAL A 39 -5.09 1.81 -3.61
N LYS A 40 -4.97 1.94 -4.93
CA LYS A 40 -3.70 1.73 -5.61
C LYS A 40 -2.60 2.57 -4.98
N THR A 41 -2.91 3.84 -4.70
CA THR A 41 -1.94 4.74 -4.09
C THR A 41 -1.77 4.44 -2.61
N TRP A 42 -2.88 4.12 -1.94
CA TRP A 42 -2.85 3.81 -0.52
C TRP A 42 -1.88 2.67 -0.23
N LEU A 43 -1.77 1.75 -1.17
CA LEU A 43 -0.87 0.60 -1.02
C LEU A 43 0.58 1.00 -1.28
N GLN A 44 0.78 1.81 -2.32
CA GLN A 44 2.12 2.26 -2.68
C GLN A 44 2.70 3.15 -1.59
N SER A 45 1.91 4.10 -1.11
CA SER A 45 2.35 5.01 -0.06
C SER A 45 2.92 4.25 1.13
N LYS A 46 2.15 3.28 1.62
CA LYS A 46 2.57 2.47 2.76
C LYS A 46 3.90 1.78 2.46
N GLY A 47 4.18 1.55 1.19
CA GLY A 47 5.43 0.91 0.80
C GLY A 47 5.25 -0.55 0.48
N PHE A 48 4.10 -0.90 -0.12
CA PHE A 48 3.80 -2.28 -0.47
C PHE A 48 4.30 -2.59 -1.88
N ASN A 49 4.75 -3.82 -2.08
CA ASN A 49 5.25 -4.25 -3.38
C ASN A 49 4.23 -3.96 -4.48
N PRO A 50 4.72 -3.83 -5.72
CA PRO A 50 3.87 -3.56 -6.88
C PRO A 50 2.99 -4.74 -7.25
N VAL A 51 3.46 -5.94 -6.93
CA VAL A 51 2.71 -7.16 -7.23
C VAL A 51 1.38 -7.18 -6.50
N THR A 52 1.28 -6.42 -5.42
CA THR A 52 0.06 -6.35 -4.63
C THR A 52 -0.82 -5.19 -5.10
N VAL A 53 -0.20 -4.03 -5.31
CA VAL A 53 -0.94 -2.85 -5.76
C VAL A 53 -1.57 -3.08 -7.13
N ASN A 54 -1.05 -4.07 -7.86
CA ASN A 54 -1.57 -4.39 -9.18
C ASN A 54 -2.79 -5.29 -9.09
N SER A 55 -2.75 -6.26 -8.18
CA SER A 55 -3.85 -7.18 -7.98
C SER A 55 -4.96 -6.53 -7.16
N LEU A 56 -4.57 -5.63 -6.27
CA LEU A 56 -5.53 -4.93 -5.42
C LEU A 56 -5.67 -3.47 -5.82
N GLY A 57 -5.34 -3.18 -7.08
CA GLY A 57 -5.43 -1.82 -7.58
C GLY A 57 -6.67 -1.60 -8.43
N VAL A 58 -7.54 -2.61 -8.48
CA VAL A 58 -8.77 -2.52 -9.28
C VAL A 58 -10.00 -2.61 -8.38
N LEU A 59 -9.81 -3.11 -7.17
CA LEU A 59 -10.91 -3.26 -6.22
C LEU A 59 -11.07 -1.99 -5.38
N ASN A 60 -12.32 -1.59 -5.17
CA ASN A 60 -12.61 -0.40 -4.38
C ASN A 60 -12.39 -0.65 -2.89
N GLY A 61 -12.33 0.42 -2.12
CA GLY A 61 -12.11 0.30 -0.69
C GLY A 61 -13.09 -0.67 -0.04
N ALA A 62 -14.34 -0.65 -0.50
CA ALA A 62 -15.36 -1.53 0.04
C ALA A 62 -14.97 -3.00 -0.14
N GLN A 63 -14.71 -3.39 -1.38
CA GLN A 63 -14.32 -4.77 -1.68
C GLN A 63 -13.05 -5.15 -0.94
N LEU A 64 -12.04 -4.30 -1.04
CA LEU A 64 -10.75 -4.56 -0.38
C LEU A 64 -10.95 -4.75 1.12
N PHE A 65 -11.86 -3.97 1.71
CA PHE A 65 -12.14 -4.06 3.13
C PHE A 65 -12.75 -5.41 3.48
N SER A 66 -13.34 -6.07 2.49
CA SER A 66 -13.96 -7.36 2.69
C SER A 66 -12.92 -8.46 2.74
N LEU A 67 -11.82 -8.26 2.03
CA LEU A 67 -10.73 -9.24 2.00
C LEU A 67 -10.00 -9.30 3.34
N ASN A 68 -9.96 -10.48 3.93
CA ASN A 68 -9.30 -10.67 5.22
C ASN A 68 -7.85 -11.13 5.01
N LYS A 69 -7.20 -11.51 6.11
CA LYS A 69 -5.82 -11.97 6.06
C LYS A 69 -5.67 -13.17 5.13
N ASP A 70 -6.78 -13.87 4.92
CA ASP A 70 -6.78 -15.04 4.04
C ASP A 70 -6.98 -14.64 2.59
N GLU A 71 -8.12 -14.00 2.30
CA GLU A 71 -8.42 -13.56 0.95
C GLU A 71 -7.27 -12.74 0.36
N LEU A 72 -6.71 -11.86 1.19
CA LEU A 72 -5.60 -11.01 0.76
C LEU A 72 -4.33 -11.84 0.56
N ARG A 73 -4.14 -12.83 1.41
CA ARG A 73 -2.96 -13.69 1.32
C ARG A 73 -3.02 -14.56 0.07
N THR A 74 -4.23 -14.81 -0.42
CA THR A 74 -4.42 -15.63 -1.60
C THR A 74 -4.14 -14.83 -2.87
N VAL A 75 -4.72 -13.63 -2.95
CA VAL A 75 -4.53 -12.77 -4.11
C VAL A 75 -3.08 -12.33 -4.24
N CYS A 76 -2.44 -12.09 -3.10
CA CYS A 76 -1.04 -11.66 -3.09
C CYS A 76 -0.30 -12.25 -1.88
N PRO A 77 1.02 -12.40 -2.02
CA PRO A 77 1.87 -12.94 -0.96
C PRO A 77 1.99 -11.99 0.23
N GLU A 78 1.75 -10.71 -0.01
CA GLU A 78 1.85 -9.71 1.04
C GLU A 78 0.47 -9.44 1.64
N GLY A 79 -0.44 -10.40 1.50
CA GLY A 79 -1.77 -10.25 2.04
C GLY A 79 -1.77 -9.94 3.53
N ALA A 80 -1.17 -10.84 4.30
CA ALA A 80 -1.10 -10.66 5.75
C ALA A 80 -0.55 -9.30 6.11
N ARG A 81 0.31 -8.77 5.24
CA ARG A 81 0.92 -7.46 5.48
C ARG A 81 -0.04 -6.34 5.11
N VAL A 82 -0.86 -6.57 4.09
CA VAL A 82 -1.83 -5.59 3.64
C VAL A 82 -3.02 -5.50 4.60
N TYR A 83 -3.58 -6.66 4.96
CA TYR A 83 -4.71 -6.71 5.86
C TYR A 83 -4.40 -5.95 7.16
N SER A 84 -3.21 -6.17 7.69
CA SER A 84 -2.80 -5.50 8.93
C SER A 84 -2.85 -3.99 8.78
N GLN A 85 -2.79 -3.52 7.53
CA GLN A 85 -2.82 -2.08 7.25
C GLN A 85 -4.26 -1.62 7.02
N ILE A 86 -5.13 -2.55 6.64
CA ILE A 86 -6.53 -2.23 6.39
C ILE A 86 -7.35 -2.33 7.66
N THR A 87 -6.97 -3.25 8.55
CA THR A 87 -7.67 -3.45 9.81
C THR A 87 -7.77 -2.15 10.59
N VAL A 88 -6.73 -1.33 10.51
CA VAL A 88 -6.70 -0.04 11.20
C VAL A 88 -7.70 0.94 10.60
N GLN A 89 -8.01 0.74 9.32
CA GLN A 89 -8.95 1.60 8.61
C GLN A 89 -10.39 1.21 8.93
N LYS A 90 -10.67 -0.10 8.87
CA LYS A 90 -12.01 -0.60 9.14
C LYS A 90 -12.42 -0.29 10.57
N ALA A 91 -11.47 -0.44 11.50
CA ALA A 91 -11.75 -0.17 12.91
C ALA A 91 -12.06 1.30 13.14
N ALA A 92 -11.55 2.16 12.25
CA ALA A 92 -11.79 3.59 12.36
C ALA A 92 -13.22 3.95 12.00
N LEU A 93 -13.78 3.23 11.03
CA LEU A 93 -15.15 3.47 10.59
C LEU A 93 -16.14 2.75 11.49
N SER A 94 -15.82 1.52 11.88
CA SER A 94 -16.68 0.74 12.75
C SER A 94 -16.57 1.20 14.20
N GLY A 95 -17.04 2.41 14.47
CA GLY A 95 -16.99 2.95 15.81
C GLY A 95 -17.96 4.09 16.01
N PRO A 96 -18.09 4.55 17.27
CA PRO A 96 -18.99 5.65 17.63
C PRO A 96 -18.50 6.99 17.10
N SER A 97 -19.34 7.65 16.30
CA SER A 97 -18.99 8.93 15.72
C SER A 97 -19.79 10.06 16.37
N SER A 98 -21.08 10.14 16.05
CA SER A 98 -21.95 11.17 16.60
C SER A 98 -23.41 10.85 16.31
N GLY A 99 -24.29 11.27 17.23
CA GLY A 99 -25.71 11.02 17.05
C GLY A 99 -26.29 11.77 15.87
N GLY A 1 60.11 10.32 -20.68
CA GLY A 1 59.26 11.06 -19.76
C GLY A 1 57.85 10.51 -19.71
N SER A 2 57.55 9.75 -18.65
CA SER A 2 56.23 9.16 -18.48
C SER A 2 55.40 9.96 -17.48
N SER A 3 55.87 9.99 -16.24
CA SER A 3 55.17 10.71 -15.18
C SER A 3 56.14 11.53 -14.34
N GLY A 4 57.04 10.84 -13.65
CA GLY A 4 58.01 11.51 -12.81
C GLY A 4 58.16 10.86 -11.45
N SER A 5 57.49 11.42 -10.45
CA SER A 5 57.55 10.89 -9.09
C SER A 5 56.16 10.53 -8.59
N SER A 6 56.10 9.57 -7.66
CA SER A 6 54.83 9.13 -7.10
C SER A 6 54.15 10.26 -6.34
N GLY A 7 54.82 10.77 -5.32
CA GLY A 7 54.26 11.84 -4.52
C GLY A 7 53.25 11.35 -3.51
N THR A 8 52.79 12.26 -2.65
CA THR A 8 51.82 11.91 -1.62
C THR A 8 50.40 12.28 -2.05
N ILE A 9 49.49 11.32 -2.00
CA ILE A 9 48.10 11.55 -2.38
C ILE A 9 47.16 11.26 -1.22
N GLY A 10 47.42 10.17 -0.50
CA GLY A 10 46.59 9.80 0.62
C GLY A 10 45.71 8.61 0.33
N ARG A 11 44.64 8.46 1.10
CA ARG A 11 43.70 7.35 0.91
C ARG A 11 42.37 7.84 0.38
N SER A 12 41.83 7.12 -0.61
CA SER A 12 40.56 7.49 -1.21
C SER A 12 39.45 6.55 -0.77
N ALA A 13 38.25 6.74 -1.32
CA ALA A 13 37.11 5.90 -0.98
C ALA A 13 36.67 5.06 -2.18
N ALA A 14 35.91 4.01 -1.91
CA ALA A 14 35.42 3.12 -2.96
C ALA A 14 33.91 3.06 -2.97
N GLN A 15 33.29 3.73 -3.93
CA GLN A 15 31.83 3.75 -4.05
C GLN A 15 31.29 2.34 -4.22
N LYS A 16 29.98 2.19 -4.02
CA LYS A 16 29.33 0.89 -4.15
C LYS A 16 27.88 1.06 -4.61
N LYS A 17 27.03 1.54 -3.72
CA LYS A 17 25.62 1.75 -4.04
C LYS A 17 25.18 3.15 -3.64
N PHE A 18 24.67 3.91 -4.61
CA PHE A 18 24.20 5.26 -4.36
C PHE A 18 22.68 5.29 -4.14
N HIS A 19 22.25 5.99 -3.11
CA HIS A 19 20.82 6.10 -2.79
C HIS A 19 20.24 7.38 -3.35
N VAL A 20 18.92 7.43 -3.46
CA VAL A 20 18.23 8.61 -3.98
C VAL A 20 17.37 9.27 -2.91
N PRO A 21 17.10 10.57 -3.08
CA PRO A 21 16.29 11.34 -2.13
C PRO A 21 14.82 10.93 -2.17
N ARG A 22 14.09 11.28 -1.11
CA ARG A 22 12.67 10.95 -1.03
C ARG A 22 11.82 12.21 -1.12
N GLN A 23 10.63 12.07 -1.70
CA GLN A 23 9.72 13.20 -1.85
C GLN A 23 8.64 13.17 -0.77
N ASN A 24 8.19 14.36 -0.36
CA ASN A 24 7.17 14.47 0.67
C ASN A 24 5.78 14.31 0.07
N VAL A 25 4.99 13.41 0.63
CA VAL A 25 3.64 13.16 0.15
C VAL A 25 2.64 13.17 1.30
N PRO A 26 1.38 13.54 0.99
CA PRO A 26 0.31 13.59 1.98
C PRO A 26 -0.11 12.20 2.46
N VAL A 27 -0.83 12.17 3.58
CA VAL A 27 -1.29 10.90 4.15
C VAL A 27 -2.45 10.33 3.34
N ILE A 28 -2.35 9.05 2.99
CA ILE A 28 -3.39 8.38 2.22
C ILE A 28 -4.24 7.48 3.11
N ASN A 29 -5.53 7.41 2.81
CA ASN A 29 -6.45 6.58 3.58
C ASN A 29 -7.59 6.07 2.70
N ILE A 30 -8.19 4.96 3.10
CA ILE A 30 -9.30 4.37 2.35
C ILE A 30 -10.46 4.04 3.27
N THR A 31 -11.67 4.05 2.71
CA THR A 31 -12.87 3.74 3.47
C THR A 31 -13.76 2.75 2.74
N TYR A 32 -14.86 2.36 3.36
CA TYR A 32 -15.80 1.42 2.77
C TYR A 32 -16.43 2.01 1.51
N ASP A 33 -16.35 3.33 1.37
CA ASP A 33 -16.91 4.01 0.21
C ASP A 33 -15.82 4.68 -0.61
N SER A 34 -14.69 3.99 -0.76
CA SER A 34 -13.57 4.51 -1.51
C SER A 34 -13.57 3.97 -2.94
N THR A 35 -12.73 4.55 -3.79
CA THR A 35 -12.63 4.11 -5.18
C THR A 35 -11.48 3.14 -5.37
N PRO A 36 -11.58 2.30 -6.42
CA PRO A 36 -10.55 1.31 -6.74
C PRO A 36 -9.26 1.95 -7.24
N GLU A 37 -9.31 3.26 -7.48
CA GLU A 37 -8.14 3.99 -7.96
C GLU A 37 -7.35 4.59 -6.80
N ASP A 38 -8.04 4.83 -5.69
CA ASP A 38 -7.40 5.40 -4.50
C ASP A 38 -6.60 4.34 -3.76
N VAL A 39 -7.13 3.13 -3.72
CA VAL A 39 -6.46 2.02 -3.03
C VAL A 39 -5.07 1.78 -3.61
N LYS A 40 -4.94 1.93 -4.92
CA LYS A 40 -3.66 1.74 -5.60
C LYS A 40 -2.57 2.58 -4.96
N THR A 41 -2.87 3.86 -4.73
CA THR A 41 -1.91 4.77 -4.13
C THR A 41 -1.74 4.48 -2.64
N TRP A 42 -2.84 4.13 -1.99
CA TRP A 42 -2.82 3.82 -0.55
C TRP A 42 -1.84 2.69 -0.26
N LEU A 43 -1.71 1.76 -1.20
CA LEU A 43 -0.80 0.63 -1.03
C LEU A 43 0.64 1.05 -1.28
N GLN A 44 0.85 1.86 -2.32
CA GLN A 44 2.18 2.33 -2.67
C GLN A 44 2.74 3.24 -1.57
N SER A 45 1.91 4.15 -1.10
CA SER A 45 2.32 5.09 -0.05
C SER A 45 2.91 4.35 1.14
N LYS A 46 2.18 3.34 1.63
CA LYS A 46 2.62 2.54 2.77
C LYS A 46 3.95 1.87 2.46
N GLY A 47 4.20 1.60 1.18
CA GLY A 47 5.44 0.95 0.78
C GLY A 47 5.25 -0.52 0.51
N PHE A 48 4.19 -0.87 -0.20
CA PHE A 48 3.90 -2.26 -0.53
C PHE A 48 4.37 -2.60 -1.94
N ASN A 49 4.80 -3.85 -2.13
CA ASN A 49 5.28 -4.29 -3.44
C ASN A 49 4.24 -4.02 -4.52
N PRO A 50 4.71 -3.90 -5.78
CA PRO A 50 3.85 -3.63 -6.93
C PRO A 50 2.96 -4.82 -7.26
N VAL A 51 3.43 -6.02 -6.96
CA VAL A 51 2.68 -7.24 -7.24
C VAL A 51 1.35 -7.24 -6.50
N THR A 52 1.27 -6.46 -5.42
CA THR A 52 0.05 -6.38 -4.62
C THR A 52 -0.82 -5.22 -5.09
N VAL A 53 -0.20 -4.07 -5.32
CA VAL A 53 -0.92 -2.88 -5.78
C VAL A 53 -1.57 -3.12 -7.13
N ASN A 54 -1.05 -4.10 -7.86
CA ASN A 54 -1.59 -4.44 -9.18
C ASN A 54 -2.83 -5.32 -9.06
N SER A 55 -2.78 -6.28 -8.15
CA SER A 55 -3.90 -7.19 -7.94
C SER A 55 -4.98 -6.53 -7.11
N LEU A 56 -4.58 -5.60 -6.24
CA LEU A 56 -5.53 -4.89 -5.39
C LEU A 56 -5.65 -3.43 -5.82
N GLY A 57 -5.33 -3.16 -7.08
CA GLY A 57 -5.43 -1.81 -7.60
C GLY A 57 -6.66 -1.60 -8.45
N VAL A 58 -7.52 -2.61 -8.51
CA VAL A 58 -8.75 -2.53 -9.30
C VAL A 58 -9.98 -2.63 -8.40
N LEU A 59 -9.79 -3.13 -7.18
CA LEU A 59 -10.89 -3.28 -6.24
C LEU A 59 -11.05 -2.01 -5.40
N ASN A 60 -12.30 -1.61 -5.20
CA ASN A 60 -12.60 -0.42 -4.41
C ASN A 60 -12.38 -0.67 -2.92
N GLY A 61 -12.31 0.40 -2.14
CA GLY A 61 -12.10 0.26 -0.71
C GLY A 61 -13.08 -0.70 -0.07
N ALA A 62 -14.33 -0.67 -0.54
CA ALA A 62 -15.36 -1.55 -0.01
C ALA A 62 -14.99 -3.02 -0.19
N GLN A 63 -14.72 -3.40 -1.44
CA GLN A 63 -14.34 -4.78 -1.74
C GLN A 63 -13.08 -5.18 -0.99
N LEU A 64 -12.06 -4.34 -1.07
CA LEU A 64 -10.79 -4.61 -0.39
C LEU A 64 -11.00 -4.81 1.10
N PHE A 65 -11.90 -4.02 1.68
CA PHE A 65 -12.20 -4.11 3.10
C PHE A 65 -12.82 -5.46 3.44
N SER A 66 -13.42 -6.09 2.44
CA SER A 66 -14.07 -7.39 2.64
C SER A 66 -13.03 -8.49 2.74
N LEU A 67 -11.90 -8.32 2.06
CA LEU A 67 -10.83 -9.30 2.07
C LEU A 67 -10.10 -9.30 3.41
N ASN A 68 -9.88 -10.48 3.97
CA ASN A 68 -9.19 -10.60 5.25
C ASN A 68 -7.77 -11.13 5.05
N LYS A 69 -7.11 -11.46 6.15
CA LYS A 69 -5.74 -11.97 6.11
C LYS A 69 -5.63 -13.13 5.13
N ASP A 70 -6.71 -13.89 4.99
CA ASP A 70 -6.73 -15.03 4.08
C ASP A 70 -6.95 -14.57 2.64
N GLU A 71 -8.08 -13.91 2.41
CA GLU A 71 -8.41 -13.41 1.08
C GLU A 71 -7.25 -12.61 0.48
N LEU A 72 -6.73 -11.67 1.27
CA LEU A 72 -5.63 -10.83 0.83
C LEU A 72 -4.37 -11.67 0.58
N ARG A 73 -4.23 -12.73 1.35
CA ARG A 73 -3.07 -13.62 1.21
C ARG A 73 -3.17 -14.46 -0.06
N THR A 74 -4.41 -14.76 -0.46
CA THR A 74 -4.65 -15.55 -1.66
C THR A 74 -4.41 -14.73 -2.92
N VAL A 75 -4.85 -13.48 -2.90
CA VAL A 75 -4.68 -12.60 -4.04
C VAL A 75 -3.22 -12.16 -4.19
N CYS A 76 -2.55 -11.98 -3.06
CA CYS A 76 -1.16 -11.56 -3.06
C CYS A 76 -0.40 -12.17 -1.89
N PRO A 77 0.92 -12.34 -2.06
CA PRO A 77 1.78 -12.93 -1.02
C PRO A 77 1.95 -12.00 0.18
N GLU A 78 1.74 -10.70 -0.05
CA GLU A 78 1.87 -9.71 1.01
C GLU A 78 0.52 -9.41 1.65
N GLY A 79 -0.42 -10.36 1.51
CA GLY A 79 -1.74 -10.17 2.09
C GLY A 79 -1.71 -9.96 3.58
N ALA A 80 -1.04 -10.87 4.29
CA ALA A 80 -0.94 -10.78 5.74
C ALA A 80 -0.44 -9.40 6.17
N ARG A 81 0.37 -8.77 5.31
CA ARG A 81 0.91 -7.45 5.60
C ARG A 81 -0.08 -6.36 5.24
N VAL A 82 -0.77 -6.54 4.12
CA VAL A 82 -1.76 -5.57 3.66
C VAL A 82 -2.95 -5.50 4.62
N TYR A 83 -3.48 -6.65 4.97
CA TYR A 83 -4.63 -6.72 5.87
C TYR A 83 -4.35 -5.97 7.17
N SER A 84 -3.15 -6.16 7.71
CA SER A 84 -2.75 -5.50 8.94
C SER A 84 -2.82 -3.99 8.80
N GLN A 85 -2.75 -3.51 7.55
CA GLN A 85 -2.81 -2.08 7.27
C GLN A 85 -4.25 -1.62 7.05
N ILE A 86 -5.11 -2.56 6.66
CA ILE A 86 -6.51 -2.26 6.41
C ILE A 86 -7.33 -2.37 7.69
N THR A 87 -6.93 -3.27 8.58
CA THR A 87 -7.62 -3.47 9.84
C THR A 87 -7.75 -2.17 10.61
N VAL A 88 -6.72 -1.33 10.53
CA VAL A 88 -6.71 -0.05 11.23
C VAL A 88 -7.71 0.91 10.60
N GLN A 89 -8.02 0.71 9.32
CA GLN A 89 -8.96 1.55 8.61
C GLN A 89 -10.40 1.14 8.90
N LYS A 90 -10.66 -0.16 8.82
CA LYS A 90 -12.00 -0.69 9.08
C LYS A 90 -12.44 -0.38 10.51
N ALA A 91 -11.50 -0.53 11.44
CA ALA A 91 -11.79 -0.27 12.85
C ALA A 91 -12.10 1.20 13.08
N ALA A 92 -11.58 2.07 12.21
CA ALA A 92 -11.79 3.50 12.32
C ALA A 92 -13.22 3.87 11.95
N LEU A 93 -13.79 3.13 10.99
CA LEU A 93 -15.15 3.38 10.54
C LEU A 93 -16.16 2.67 11.44
N SER A 94 -15.81 1.47 11.89
CA SER A 94 -16.69 0.70 12.76
C SER A 94 -16.89 1.41 14.09
N GLY A 95 -17.53 0.71 15.03
CA GLY A 95 -17.78 1.30 16.34
C GLY A 95 -17.38 0.38 17.48
N PRO A 96 -17.47 0.88 18.72
CA PRO A 96 -17.12 0.10 19.91
C PRO A 96 -18.11 -1.02 20.20
N SER A 97 -17.69 -2.26 19.94
CA SER A 97 -18.55 -3.41 20.16
C SER A 97 -19.87 -3.26 19.41
N SER A 98 -20.81 -4.16 19.70
CA SER A 98 -22.12 -4.13 19.05
C SER A 98 -23.07 -3.20 19.79
N GLY A 99 -22.91 -3.14 21.11
CA GLY A 99 -23.76 -2.29 21.92
C GLY A 99 -23.23 -0.87 22.04
N GLY A 1 32.18 -0.17 -23.08
CA GLY A 1 32.75 0.20 -21.79
C GLY A 1 34.24 0.46 -21.87
N SER A 2 34.63 1.72 -21.69
CA SER A 2 36.03 2.10 -21.74
C SER A 2 36.72 1.83 -20.41
N SER A 3 36.01 2.08 -19.32
CA SER A 3 36.55 1.86 -17.98
C SER A 3 37.87 2.60 -17.80
N GLY A 4 37.78 3.90 -17.50
CA GLY A 4 38.97 4.70 -17.32
C GLY A 4 38.79 6.12 -17.81
N SER A 5 38.39 7.02 -16.92
CA SER A 5 38.18 8.41 -17.29
C SER A 5 39.51 9.16 -17.35
N SER A 6 39.61 10.11 -18.28
CA SER A 6 40.82 10.90 -18.46
C SER A 6 41.25 11.53 -17.14
N GLY A 7 42.43 11.17 -16.67
CA GLY A 7 42.94 11.71 -15.42
C GLY A 7 43.93 10.79 -14.73
N THR A 8 44.31 11.13 -13.51
CA THR A 8 45.26 10.33 -12.75
C THR A 8 44.63 9.80 -11.47
N ILE A 9 43.93 10.67 -10.76
CA ILE A 9 43.28 10.28 -9.51
C ILE A 9 41.93 9.62 -9.78
N GLY A 10 41.56 8.69 -8.92
CA GLY A 10 40.29 7.99 -9.09
C GLY A 10 39.10 8.93 -8.98
N ARG A 11 37.95 8.48 -9.46
CA ARG A 11 36.74 9.28 -9.42
C ARG A 11 36.01 9.10 -8.09
N SER A 12 35.90 10.18 -7.33
CA SER A 12 35.24 10.14 -6.03
C SER A 12 35.09 11.55 -5.45
N ALA A 13 34.46 12.44 -6.21
CA ALA A 13 34.26 13.81 -5.77
C ALA A 13 32.83 14.03 -5.27
N ALA A 14 31.88 13.39 -5.94
CA ALA A 14 30.48 13.52 -5.58
C ALA A 14 30.05 14.97 -5.50
N GLN A 15 29.72 15.55 -6.65
CA GLN A 15 29.30 16.94 -6.73
C GLN A 15 27.87 17.10 -6.25
N LYS A 16 27.44 18.34 -6.07
CA LYS A 16 26.08 18.63 -5.61
C LYS A 16 25.11 18.63 -6.78
N LYS A 17 24.67 17.43 -7.17
CA LYS A 17 23.73 17.28 -8.28
C LYS A 17 22.39 16.74 -7.79
N PHE A 18 21.35 16.97 -8.58
CA PHE A 18 20.01 16.51 -8.22
C PHE A 18 19.93 14.99 -8.24
N HIS A 19 19.81 14.39 -7.08
CA HIS A 19 19.72 12.93 -6.96
C HIS A 19 19.42 12.51 -5.53
N VAL A 20 18.65 13.33 -4.83
CA VAL A 20 18.28 13.05 -3.44
C VAL A 20 16.77 12.99 -3.28
N PRO A 21 16.31 12.27 -2.23
CA PRO A 21 14.89 12.12 -1.94
C PRO A 21 14.26 13.42 -1.43
N ARG A 22 12.98 13.61 -1.73
CA ARG A 22 12.26 14.81 -1.31
C ARG A 22 10.76 14.63 -1.47
N GLN A 23 10.22 13.59 -0.85
CA GLN A 23 8.80 13.29 -0.92
C GLN A 23 8.04 14.03 0.18
N ASN A 24 6.97 14.72 -0.21
CA ASN A 24 6.16 15.48 0.75
C ASN A 24 4.67 15.34 0.43
N VAL A 25 4.17 14.11 0.49
CA VAL A 25 2.76 13.84 0.20
C VAL A 25 1.98 13.61 1.49
N PRO A 26 0.67 13.94 1.46
CA PRO A 26 -0.22 13.77 2.61
C PRO A 26 -0.48 12.30 2.94
N VAL A 27 -0.99 12.05 4.14
CA VAL A 27 -1.30 10.69 4.56
C VAL A 27 -2.48 10.12 3.77
N ILE A 28 -2.24 8.99 3.12
CA ILE A 28 -3.27 8.33 2.33
C ILE A 28 -4.13 7.42 3.19
N ASN A 29 -5.42 7.32 2.86
CA ASN A 29 -6.33 6.47 3.61
C ASN A 29 -7.50 6.04 2.74
N ILE A 30 -8.11 4.91 3.08
CA ILE A 30 -9.24 4.39 2.33
C ILE A 30 -10.41 4.05 3.25
N THR A 31 -11.62 4.06 2.70
CA THR A 31 -12.81 3.76 3.47
C THR A 31 -13.71 2.77 2.73
N TYR A 32 -14.82 2.39 3.35
CA TYR A 32 -15.76 1.46 2.75
C TYR A 32 -16.41 2.05 1.51
N ASP A 33 -16.31 3.36 1.37
CA ASP A 33 -16.89 4.07 0.23
C ASP A 33 -15.79 4.72 -0.61
N SER A 34 -14.67 4.03 -0.77
CA SER A 34 -13.55 4.54 -1.55
C SER A 34 -13.56 3.98 -2.97
N THR A 35 -12.73 4.55 -3.82
CA THR A 35 -12.64 4.11 -5.21
C THR A 35 -11.49 3.14 -5.40
N PRO A 36 -11.59 2.30 -6.44
CA PRO A 36 -10.56 1.29 -6.76
C PRO A 36 -9.29 1.93 -7.28
N GLU A 37 -9.34 3.24 -7.54
CA GLU A 37 -8.17 3.96 -8.04
C GLU A 37 -7.38 4.59 -6.89
N ASP A 38 -8.06 4.84 -5.78
CA ASP A 38 -7.42 5.44 -4.62
C ASP A 38 -6.61 4.40 -3.85
N VAL A 39 -7.15 3.18 -3.77
CA VAL A 39 -6.49 2.10 -3.06
C VAL A 39 -5.09 1.84 -3.63
N LYS A 40 -4.97 1.95 -4.94
CA LYS A 40 -3.68 1.74 -5.61
C LYS A 40 -2.59 2.60 -4.97
N THR A 41 -2.90 3.87 -4.73
CA THR A 41 -1.95 4.79 -4.13
C THR A 41 -1.78 4.50 -2.64
N TRP A 42 -2.88 4.15 -1.98
CA TRP A 42 -2.86 3.85 -0.56
C TRP A 42 -1.88 2.72 -0.25
N LEU A 43 -1.77 1.77 -1.18
CA LEU A 43 -0.87 0.64 -1.01
C LEU A 43 0.58 1.05 -1.27
N GLN A 44 0.78 1.85 -2.31
CA GLN A 44 2.12 2.32 -2.66
C GLN A 44 2.68 3.23 -1.57
N SER A 45 1.85 4.15 -1.09
CA SER A 45 2.27 5.09 -0.05
C SER A 45 2.87 4.35 1.14
N LYS A 46 2.13 3.34 1.63
CA LYS A 46 2.59 2.55 2.77
C LYS A 46 3.92 1.89 2.47
N GLY A 47 4.18 1.63 1.19
CA GLY A 47 5.42 0.99 0.79
C GLY A 47 5.25 -0.49 0.52
N PHE A 48 4.18 -0.84 -0.19
CA PHE A 48 3.91 -2.24 -0.51
C PHE A 48 4.39 -2.57 -1.93
N ASN A 49 4.82 -3.81 -2.12
CA ASN A 49 5.31 -4.25 -3.42
C ASN A 49 4.28 -3.97 -4.51
N PRO A 50 4.75 -3.85 -5.76
CA PRO A 50 3.89 -3.58 -6.92
C PRO A 50 3.00 -4.78 -7.27
N VAL A 51 3.48 -5.98 -6.95
CA VAL A 51 2.73 -7.19 -7.23
C VAL A 51 1.40 -7.20 -6.49
N THR A 52 1.32 -6.43 -5.42
CA THR A 52 0.10 -6.34 -4.63
C THR A 52 -0.78 -5.19 -5.10
N VAL A 53 -0.16 -4.03 -5.32
CA VAL A 53 -0.89 -2.86 -5.77
C VAL A 53 -1.52 -3.10 -7.13
N ASN A 54 -1.02 -4.09 -7.86
CA ASN A 54 -1.54 -4.41 -9.17
C ASN A 54 -2.78 -5.30 -9.07
N SER A 55 -2.73 -6.27 -8.16
CA SER A 55 -3.84 -7.19 -7.96
C SER A 55 -4.93 -6.53 -7.12
N LEU A 56 -4.54 -5.61 -6.24
CA LEU A 56 -5.48 -4.91 -5.38
C LEU A 56 -5.62 -3.45 -5.80
N GLY A 57 -5.29 -3.16 -7.06
CA GLY A 57 -5.40 -1.80 -7.57
C GLY A 57 -6.62 -1.59 -8.42
N VAL A 58 -7.48 -2.61 -8.49
CA VAL A 58 -8.71 -2.52 -9.27
C VAL A 58 -9.94 -2.64 -8.38
N LEU A 59 -9.75 -3.12 -7.16
CA LEU A 59 -10.84 -3.26 -6.21
C LEU A 59 -11.01 -2.00 -5.37
N ASN A 60 -12.26 -1.60 -5.17
CA ASN A 60 -12.57 -0.41 -4.39
C ASN A 60 -12.35 -0.67 -2.89
N GLY A 61 -12.27 0.40 -2.12
CA GLY A 61 -12.06 0.26 -0.69
C GLY A 61 -13.05 -0.69 -0.05
N ALA A 62 -14.30 -0.65 -0.52
CA ALA A 62 -15.34 -1.52 0.02
C ALA A 62 -14.97 -2.99 -0.16
N GLN A 63 -14.69 -3.38 -1.40
CA GLN A 63 -14.33 -4.76 -1.71
C GLN A 63 -13.07 -5.18 -0.94
N LEU A 64 -12.04 -4.35 -1.03
CA LEU A 64 -10.78 -4.63 -0.36
C LEU A 64 -11.00 -4.83 1.14
N PHE A 65 -11.89 -4.02 1.71
CA PHE A 65 -12.19 -4.10 3.14
C PHE A 65 -12.84 -5.43 3.48
N SER A 66 -13.45 -6.06 2.49
CA SER A 66 -14.11 -7.34 2.68
C SER A 66 -13.09 -8.47 2.79
N LEU A 67 -11.97 -8.32 2.10
CA LEU A 67 -10.91 -9.32 2.12
C LEU A 67 -10.18 -9.31 3.46
N ASN A 68 -9.90 -10.51 3.98
CA ASN A 68 -9.20 -10.64 5.25
C ASN A 68 -7.78 -11.15 5.04
N LYS A 69 -7.11 -11.50 6.15
CA LYS A 69 -5.74 -12.01 6.08
C LYS A 69 -5.64 -13.17 5.10
N ASP A 70 -6.72 -13.94 4.97
CA ASP A 70 -6.75 -15.08 4.07
C ASP A 70 -6.97 -14.62 2.63
N GLU A 71 -8.10 -13.95 2.40
CA GLU A 71 -8.42 -13.47 1.06
C GLU A 71 -7.27 -12.67 0.47
N LEU A 72 -6.72 -11.76 1.27
CA LEU A 72 -5.60 -10.93 0.83
C LEU A 72 -4.36 -11.77 0.59
N ARG A 73 -4.21 -12.84 1.37
CA ARG A 73 -3.05 -13.73 1.23
C ARG A 73 -3.17 -14.58 -0.03
N THR A 74 -4.40 -14.79 -0.49
CA THR A 74 -4.65 -15.59 -1.68
C THR A 74 -4.40 -14.77 -2.95
N VAL A 75 -4.82 -13.51 -2.92
CA VAL A 75 -4.64 -12.62 -4.07
C VAL A 75 -3.17 -12.20 -4.21
N CYS A 76 -2.50 -12.03 -3.08
CA CYS A 76 -1.09 -11.63 -3.09
C CYS A 76 -0.36 -12.24 -1.89
N PRO A 77 0.97 -12.42 -2.05
CA PRO A 77 1.81 -12.98 -0.99
C PRO A 77 1.98 -12.03 0.18
N GLU A 78 1.78 -10.75 -0.06
CA GLU A 78 1.90 -9.75 0.99
C GLU A 78 0.54 -9.43 1.61
N GLY A 79 -0.39 -10.38 1.51
CA GLY A 79 -1.71 -10.19 2.06
C GLY A 79 -1.68 -9.98 3.56
N ALA A 80 -1.01 -10.89 4.27
CA ALA A 80 -0.91 -10.82 5.72
C ALA A 80 -0.43 -9.43 6.16
N ARG A 81 0.37 -8.79 5.31
CA ARG A 81 0.90 -7.47 5.62
C ARG A 81 -0.10 -6.38 5.24
N VAL A 82 -0.80 -6.57 4.13
CA VAL A 82 -1.79 -5.61 3.66
C VAL A 82 -2.98 -5.55 4.61
N TYR A 83 -3.49 -6.71 5.00
CA TYR A 83 -4.63 -6.79 5.90
C TYR A 83 -4.35 -6.02 7.18
N SER A 84 -3.16 -6.21 7.74
CA SER A 84 -2.77 -5.54 8.97
C SER A 84 -2.84 -4.02 8.81
N GLN A 85 -2.76 -3.56 7.57
CA GLN A 85 -2.82 -2.13 7.27
C GLN A 85 -4.25 -1.68 7.03
N ILE A 86 -5.11 -2.62 6.67
CA ILE A 86 -6.51 -2.32 6.40
C ILE A 86 -7.34 -2.40 7.68
N THR A 87 -6.95 -3.30 8.57
CA THR A 87 -7.65 -3.48 9.83
C THR A 87 -7.78 -2.16 10.59
N VAL A 88 -6.76 -1.32 10.49
CA VAL A 88 -6.74 -0.03 11.16
C VAL A 88 -7.74 0.93 10.51
N GLN A 89 -8.03 0.69 9.23
CA GLN A 89 -8.96 1.53 8.49
C GLN A 89 -10.40 1.18 8.82
N LYS A 90 -10.69 -0.11 8.84
CA LYS A 90 -12.03 -0.59 9.15
C LYS A 90 -12.41 -0.27 10.60
N ALA A 91 -11.46 -0.46 11.50
CA ALA A 91 -11.68 -0.19 12.92
C ALA A 91 -12.01 1.28 13.14
N ALA A 92 -11.56 2.14 12.24
CA ALA A 92 -11.80 3.57 12.35
C ALA A 92 -13.25 3.90 12.00
N LEU A 93 -13.77 3.25 10.96
CA LEU A 93 -15.14 3.48 10.53
C LEU A 93 -16.13 2.77 11.45
N SER A 94 -16.06 1.44 11.46
CA SER A 94 -16.95 0.63 12.30
C SER A 94 -16.21 -0.57 12.87
N GLY A 95 -16.51 -0.91 14.12
CA GLY A 95 -15.88 -2.05 14.76
C GLY A 95 -16.13 -3.34 14.03
N PRO A 96 -15.56 -4.44 14.55
CA PRO A 96 -15.72 -5.77 13.94
C PRO A 96 -17.14 -6.32 14.12
N SER A 97 -18.00 -6.00 13.16
CA SER A 97 -19.39 -6.47 13.20
C SER A 97 -19.48 -7.94 12.85
N SER A 98 -18.90 -8.31 11.71
CA SER A 98 -18.92 -9.70 11.26
C SER A 98 -20.35 -10.16 11.00
N GLY A 99 -20.49 -11.37 10.45
CA GLY A 99 -21.81 -11.90 10.15
C GLY A 99 -21.77 -12.97 9.09
N GLY A 1 18.49 -24.30 -25.57
CA GLY A 1 17.70 -23.42 -24.73
C GLY A 1 17.61 -22.01 -25.28
N SER A 2 16.92 -21.14 -24.57
CA SER A 2 16.75 -19.75 -25.00
C SER A 2 16.74 -18.80 -23.80
N SER A 3 17.82 -18.83 -23.04
CA SER A 3 17.94 -17.97 -21.85
C SER A 3 19.25 -17.21 -21.86
N GLY A 4 19.30 -16.12 -22.61
CA GLY A 4 20.51 -15.32 -22.69
C GLY A 4 20.38 -13.99 -21.97
N SER A 5 20.67 -14.00 -20.67
CA SER A 5 20.58 -12.78 -19.86
C SER A 5 21.88 -12.00 -19.91
N SER A 6 21.78 -10.68 -19.74
CA SER A 6 22.95 -9.82 -19.76
C SER A 6 23.77 -10.05 -21.03
N GLY A 7 23.39 -9.37 -22.11
CA GLY A 7 24.10 -9.51 -23.36
C GLY A 7 25.31 -8.61 -23.46
N THR A 8 25.88 -8.50 -24.65
CA THR A 8 27.06 -7.66 -24.87
C THR A 8 26.81 -6.63 -25.96
N ILE A 9 26.43 -5.42 -25.56
CA ILE A 9 26.16 -4.35 -26.51
C ILE A 9 26.82 -3.05 -26.08
N GLY A 10 27.87 -2.66 -26.79
CA GLY A 10 28.59 -1.43 -26.47
C GLY A 10 29.40 -1.56 -25.20
N ARG A 11 29.40 -0.52 -24.39
CA ARG A 11 30.15 -0.51 -23.14
C ARG A 11 29.23 -0.29 -21.94
N SER A 12 29.69 -0.69 -20.76
CA SER A 12 28.91 -0.55 -19.55
C SER A 12 29.81 -0.36 -18.33
N ALA A 13 29.38 0.51 -17.42
CA ALA A 13 30.16 0.79 -16.21
C ALA A 13 29.24 0.95 -15.00
N ALA A 14 28.45 2.02 -14.99
CA ALA A 14 27.54 2.28 -13.89
C ALA A 14 26.33 3.08 -14.37
N GLN A 15 25.15 2.50 -14.18
CA GLN A 15 23.91 3.16 -14.59
C GLN A 15 23.73 4.49 -13.86
N LYS A 16 23.24 5.49 -14.59
CA LYS A 16 23.02 6.82 -14.02
C LYS A 16 21.67 6.88 -13.32
N LYS A 17 21.62 7.62 -12.22
CA LYS A 17 20.38 7.78 -11.46
C LYS A 17 20.17 9.23 -11.05
N PHE A 18 18.91 9.61 -10.86
CA PHE A 18 18.57 10.97 -10.47
C PHE A 18 18.18 11.03 -8.99
N HIS A 19 18.84 11.91 -8.25
CA HIS A 19 18.57 12.06 -6.83
C HIS A 19 17.17 12.63 -6.60
N VAL A 20 16.28 11.80 -6.06
CA VAL A 20 14.91 12.21 -5.80
C VAL A 20 14.57 12.05 -4.33
N PRO A 21 13.58 12.83 -3.87
CA PRO A 21 13.13 12.80 -2.47
C PRO A 21 12.40 11.50 -2.12
N ARG A 22 12.80 10.88 -1.02
CA ARG A 22 12.19 9.64 -0.58
C ARG A 22 10.78 9.87 -0.05
N GLN A 23 10.67 10.69 1.00
CA GLN A 23 9.38 11.00 1.59
C GLN A 23 8.99 12.45 1.34
N ASN A 24 7.83 12.63 0.73
CA ASN A 24 7.34 13.98 0.42
C ASN A 24 5.91 13.92 -0.12
N VAL A 25 5.11 13.00 0.41
CA VAL A 25 3.73 12.85 0.00
C VAL A 25 2.79 12.91 1.19
N PRO A 26 1.54 13.36 0.94
CA PRO A 26 0.52 13.47 1.99
C PRO A 26 0.03 12.10 2.47
N VAL A 27 -0.63 12.10 3.62
CA VAL A 27 -1.15 10.86 4.20
C VAL A 27 -2.30 10.30 3.36
N ILE A 28 -2.25 9.00 3.10
CA ILE A 28 -3.28 8.35 2.32
C ILE A 28 -4.13 7.42 3.18
N ASN A 29 -5.43 7.34 2.85
CA ASN A 29 -6.35 6.49 3.60
C ASN A 29 -7.52 6.05 2.73
N ILE A 30 -8.12 4.92 3.07
CA ILE A 30 -9.25 4.39 2.32
C ILE A 30 -10.41 4.05 3.24
N THR A 31 -11.62 4.06 2.69
CA THR A 31 -12.82 3.76 3.47
C THR A 31 -13.72 2.77 2.72
N TYR A 32 -14.83 2.40 3.34
CA TYR A 32 -15.77 1.45 2.75
C TYR A 32 -16.41 2.06 1.50
N ASP A 33 -16.32 3.38 1.37
CA ASP A 33 -16.89 4.07 0.22
C ASP A 33 -15.80 4.73 -0.61
N SER A 34 -14.68 4.03 -0.77
CA SER A 34 -13.55 4.54 -1.55
C SER A 34 -13.56 3.98 -2.97
N THR A 35 -12.73 4.56 -3.83
CA THR A 35 -12.64 4.11 -5.22
C THR A 35 -11.48 3.14 -5.40
N PRO A 36 -11.59 2.30 -6.44
CA PRO A 36 -10.56 1.29 -6.76
C PRO A 36 -9.29 1.93 -7.28
N GLU A 37 -9.34 3.24 -7.54
CA GLU A 37 -8.17 3.96 -8.04
C GLU A 37 -7.38 4.58 -6.90
N ASP A 38 -8.06 4.84 -5.79
CA ASP A 38 -7.42 5.44 -4.62
C ASP A 38 -6.61 4.40 -3.85
N VAL A 39 -7.16 3.18 -3.76
CA VAL A 39 -6.49 2.10 -3.06
C VAL A 39 -5.09 1.84 -3.63
N LYS A 40 -4.97 1.95 -4.94
CA LYS A 40 -3.69 1.74 -5.62
C LYS A 40 -2.60 2.60 -4.99
N THR A 41 -2.91 3.87 -4.74
CA THR A 41 -1.95 4.78 -4.13
C THR A 41 -1.79 4.51 -2.65
N TRP A 42 -2.89 4.15 -1.99
CA TRP A 42 -2.86 3.86 -0.56
C TRP A 42 -1.88 2.73 -0.26
N LEU A 43 -1.78 1.78 -1.18
CA LEU A 43 -0.87 0.64 -1.01
C LEU A 43 0.57 1.06 -1.27
N GLN A 44 0.78 1.85 -2.31
CA GLN A 44 2.11 2.32 -2.66
C GLN A 44 2.68 3.23 -1.57
N SER A 45 1.85 4.16 -1.10
CA SER A 45 2.26 5.09 -0.06
C SER A 45 2.86 4.35 1.13
N LYS A 46 2.13 3.36 1.63
CA LYS A 46 2.58 2.57 2.77
C LYS A 46 3.92 1.90 2.47
N GLY A 47 4.17 1.65 1.19
CA GLY A 47 5.41 1.01 0.80
C GLY A 47 5.25 -0.47 0.53
N PHE A 48 4.17 -0.83 -0.18
CA PHE A 48 3.90 -2.22 -0.51
C PHE A 48 4.38 -2.55 -1.92
N ASN A 49 4.82 -3.79 -2.10
CA ASN A 49 5.30 -4.24 -3.41
C ASN A 49 4.28 -3.97 -4.49
N PRO A 50 4.76 -3.85 -5.75
CA PRO A 50 3.89 -3.58 -6.90
C PRO A 50 3.01 -4.77 -7.25
N VAL A 51 3.49 -5.98 -6.93
CA VAL A 51 2.74 -7.20 -7.21
C VAL A 51 1.40 -7.20 -6.48
N THR A 52 1.32 -6.42 -5.40
CA THR A 52 0.11 -6.34 -4.61
C THR A 52 -0.78 -5.19 -5.08
N VAL A 53 -0.16 -4.03 -5.31
CA VAL A 53 -0.88 -2.85 -5.76
C VAL A 53 -1.53 -3.10 -7.12
N ASN A 54 -1.01 -4.09 -7.84
CA ASN A 54 -1.54 -4.42 -9.17
C ASN A 54 -2.77 -5.31 -9.05
N SER A 55 -2.72 -6.27 -8.15
CA SER A 55 -3.83 -7.20 -7.94
C SER A 55 -4.92 -6.55 -7.09
N LEU A 56 -4.53 -5.61 -6.24
CA LEU A 56 -5.47 -4.90 -5.38
C LEU A 56 -5.62 -3.45 -5.80
N GLY A 57 -5.29 -3.17 -7.06
CA GLY A 57 -5.39 -1.81 -7.56
C GLY A 57 -6.62 -1.59 -8.42
N VAL A 58 -7.48 -2.61 -8.48
CA VAL A 58 -8.70 -2.53 -9.28
C VAL A 58 -9.94 -2.64 -8.38
N LEU A 59 -9.74 -3.11 -7.16
CA LEU A 59 -10.84 -3.27 -6.21
C LEU A 59 -11.02 -2.01 -5.38
N ASN A 60 -12.27 -1.61 -5.17
CA ASN A 60 -12.57 -0.41 -4.39
C ASN A 60 -12.35 -0.68 -2.90
N GLY A 61 -12.27 0.40 -2.12
CA GLY A 61 -12.06 0.26 -0.69
C GLY A 61 -13.05 -0.69 -0.05
N ALA A 62 -14.29 -0.66 -0.52
CA ALA A 62 -15.33 -1.52 0.01
C ALA A 62 -14.98 -2.99 -0.17
N GLN A 63 -14.69 -3.38 -1.41
CA GLN A 63 -14.34 -4.77 -1.71
C GLN A 63 -13.08 -5.17 -0.95
N LEU A 64 -12.04 -4.36 -1.04
CA LEU A 64 -10.78 -4.63 -0.36
C LEU A 64 -11.01 -4.82 1.13
N PHE A 65 -11.89 -4.01 1.70
CA PHE A 65 -12.19 -4.10 3.13
C PHE A 65 -12.84 -5.44 3.47
N SER A 66 -13.45 -6.06 2.47
CA SER A 66 -14.11 -7.34 2.68
C SER A 66 -13.10 -8.47 2.79
N LEU A 67 -11.97 -8.32 2.10
CA LEU A 67 -10.92 -9.32 2.11
C LEU A 67 -10.18 -9.32 3.45
N ASN A 68 -9.90 -10.51 3.97
CA ASN A 68 -9.21 -10.64 5.25
C ASN A 68 -7.79 -11.16 5.03
N LYS A 69 -7.12 -11.50 6.14
CA LYS A 69 -5.75 -12.01 6.08
C LYS A 69 -5.65 -13.17 5.10
N ASP A 70 -6.72 -13.94 4.97
CA ASP A 70 -6.76 -15.08 4.07
C ASP A 70 -6.97 -14.63 2.63
N GLU A 71 -8.10 -13.96 2.39
CA GLU A 71 -8.43 -13.46 1.05
C GLU A 71 -7.27 -12.67 0.47
N LEU A 72 -6.71 -11.77 1.27
CA LEU A 72 -5.60 -10.93 0.83
C LEU A 72 -4.35 -11.78 0.59
N ARG A 73 -4.21 -12.85 1.36
CA ARG A 73 -3.06 -13.74 1.23
C ARG A 73 -3.18 -14.59 -0.03
N THR A 74 -4.41 -14.79 -0.49
CA THR A 74 -4.65 -15.58 -1.69
C THR A 74 -4.40 -14.77 -2.95
N VAL A 75 -4.83 -13.50 -2.93
CA VAL A 75 -4.65 -12.62 -4.07
C VAL A 75 -3.19 -12.20 -4.22
N CYS A 76 -2.51 -12.03 -3.09
CA CYS A 76 -1.10 -11.63 -3.10
C CYS A 76 -0.36 -12.23 -1.90
N PRO A 77 0.96 -12.41 -2.06
CA PRO A 77 1.80 -12.98 -1.00
C PRO A 77 1.97 -12.03 0.17
N GLU A 78 1.76 -10.74 -0.07
CA GLU A 78 1.88 -9.74 0.99
C GLU A 78 0.53 -9.44 1.61
N GLY A 79 -0.39 -10.39 1.50
CA GLY A 79 -1.73 -10.21 2.07
C GLY A 79 -1.69 -9.99 3.57
N ALA A 80 -1.00 -10.88 4.28
CA ALA A 80 -0.90 -10.78 5.73
C ALA A 80 -0.36 -9.41 6.15
N ARG A 81 0.39 -8.78 5.26
CA ARG A 81 0.97 -7.48 5.54
C ARG A 81 0.00 -6.36 5.17
N VAL A 82 -0.81 -6.60 4.14
CA VAL A 82 -1.79 -5.62 3.68
C VAL A 82 -2.98 -5.55 4.63
N TYR A 83 -3.50 -6.72 5.00
CA TYR A 83 -4.64 -6.80 5.90
C TYR A 83 -4.36 -6.03 7.19
N SER A 84 -3.17 -6.22 7.74
CA SER A 84 -2.78 -5.55 8.98
C SER A 84 -2.85 -4.03 8.82
N GLN A 85 -2.77 -3.58 7.57
CA GLN A 85 -2.82 -2.16 7.28
C GLN A 85 -4.25 -1.69 7.04
N ILE A 86 -5.12 -2.63 6.67
CA ILE A 86 -6.51 -2.33 6.40
C ILE A 86 -7.34 -2.41 7.67
N THR A 87 -6.95 -3.31 8.58
CA THR A 87 -7.66 -3.48 9.83
C THR A 87 -7.79 -2.16 10.58
N VAL A 88 -6.75 -1.34 10.49
CA VAL A 88 -6.75 -0.04 11.17
C VAL A 88 -7.74 0.91 10.51
N GLN A 89 -8.03 0.69 9.23
CA GLN A 89 -8.95 1.54 8.49
C GLN A 89 -10.39 1.18 8.83
N LYS A 90 -10.70 -0.11 8.84
CA LYS A 90 -12.05 -0.58 9.15
C LYS A 90 -12.41 -0.26 10.59
N ALA A 91 -11.45 -0.45 11.51
CA ALA A 91 -11.67 -0.18 12.91
C ALA A 91 -12.00 1.29 13.15
N ALA A 92 -11.55 2.14 12.24
CA ALA A 92 -11.79 3.58 12.34
C ALA A 92 -13.24 3.91 12.01
N LEU A 93 -13.77 3.27 10.98
CA LEU A 93 -15.15 3.50 10.56
C LEU A 93 -16.12 2.78 11.48
N SER A 94 -15.98 1.45 11.57
CA SER A 94 -16.85 0.65 12.42
C SER A 94 -16.75 1.09 13.87
N GLY A 95 -17.89 1.08 14.56
CA GLY A 95 -17.91 1.48 15.96
C GLY A 95 -17.55 0.35 16.89
N PRO A 96 -17.43 0.65 18.19
CA PRO A 96 -17.08 -0.34 19.21
C PRO A 96 -18.21 -1.33 19.46
N SER A 97 -17.97 -2.29 20.37
CA SER A 97 -18.97 -3.30 20.69
C SER A 97 -19.22 -3.35 22.19
N SER A 98 -20.13 -4.22 22.60
CA SER A 98 -20.47 -4.38 24.01
C SER A 98 -20.88 -3.04 24.62
N GLY A 99 -21.97 -2.47 24.10
CA GLY A 99 -22.45 -1.19 24.60
C GLY A 99 -23.16 -0.38 23.54
N GLY A 1 45.46 37.18 1.09
CA GLY A 1 44.72 38.41 0.82
C GLY A 1 44.68 38.75 -0.66
N SER A 2 45.71 38.33 -1.40
CA SER A 2 45.78 38.59 -2.82
C SER A 2 45.70 37.30 -3.62
N SER A 3 44.75 36.44 -3.25
CA SER A 3 44.56 35.16 -3.92
C SER A 3 43.69 35.32 -5.16
N GLY A 4 43.48 34.22 -5.88
CA GLY A 4 42.66 34.26 -7.08
C GLY A 4 41.75 33.05 -7.19
N SER A 5 40.89 33.06 -8.20
CA SER A 5 39.96 31.97 -8.42
C SER A 5 39.64 31.80 -9.90
N SER A 6 40.66 31.45 -10.68
CA SER A 6 40.49 31.27 -12.12
C SER A 6 40.41 29.79 -12.47
N GLY A 7 39.81 29.50 -13.63
CA GLY A 7 39.69 28.12 -14.06
C GLY A 7 38.84 27.98 -15.32
N THR A 8 39.18 28.76 -16.34
CA THR A 8 38.45 28.73 -17.60
C THR A 8 38.50 27.34 -18.23
N ILE A 9 39.57 26.59 -17.95
CA ILE A 9 39.72 25.25 -18.47
C ILE A 9 38.96 24.23 -17.64
N GLY A 10 39.29 24.17 -16.34
CA GLY A 10 38.64 23.24 -15.45
C GLY A 10 39.05 21.81 -15.70
N ARG A 11 38.46 20.88 -14.94
CA ARG A 11 38.78 19.47 -15.09
C ARG A 11 37.55 18.67 -15.53
N SER A 12 37.73 17.83 -16.54
CA SER A 12 36.63 17.02 -17.06
C SER A 12 36.93 15.54 -16.91
N ALA A 13 37.03 15.09 -15.66
CA ALA A 13 37.31 13.69 -15.36
C ALA A 13 36.69 13.27 -14.03
N ALA A 14 35.41 13.58 -13.86
CA ALA A 14 34.70 13.23 -12.63
C ALA A 14 33.37 12.54 -12.94
N GLN A 15 32.69 12.08 -11.90
CA GLN A 15 31.41 11.40 -12.06
C GLN A 15 30.26 12.40 -12.05
N LYS A 16 29.32 12.23 -12.98
CA LYS A 16 28.17 13.11 -13.09
C LYS A 16 27.43 13.20 -11.75
N LYS A 17 26.88 14.36 -11.46
CA LYS A 17 26.15 14.58 -10.22
C LYS A 17 24.84 13.79 -10.22
N PHE A 18 24.78 12.76 -9.38
CA PHE A 18 23.59 11.93 -9.27
C PHE A 18 22.77 12.28 -8.05
N HIS A 19 21.58 12.83 -8.27
CA HIS A 19 20.69 13.22 -7.18
C HIS A 19 19.25 13.33 -7.65
N VAL A 20 18.32 13.14 -6.73
CA VAL A 20 16.90 13.20 -7.06
C VAL A 20 16.15 14.10 -6.07
N PRO A 21 15.00 14.64 -6.52
CA PRO A 21 14.17 15.52 -5.69
C PRO A 21 13.49 14.76 -4.55
N ARG A 22 13.16 15.48 -3.48
CA ARG A 22 12.50 14.88 -2.33
C ARG A 22 11.22 15.62 -1.99
N GLN A 23 10.16 15.35 -2.75
CA GLN A 23 8.87 16.00 -2.53
C GLN A 23 8.09 15.29 -1.44
N ASN A 24 7.25 16.03 -0.73
CA ASN A 24 6.44 15.47 0.34
C ASN A 24 4.99 15.32 -0.09
N VAL A 25 4.35 14.25 0.36
CA VAL A 25 2.96 13.99 0.01
C VAL A 25 2.11 13.77 1.26
N PRO A 26 0.81 14.10 1.17
CA PRO A 26 -0.12 13.95 2.29
C PRO A 26 -0.42 12.49 2.60
N VAL A 27 -0.98 12.25 3.78
CA VAL A 27 -1.31 10.89 4.21
C VAL A 27 -2.46 10.33 3.39
N ILE A 28 -2.36 9.06 3.03
CA ILE A 28 -3.39 8.39 2.25
C ILE A 28 -4.23 7.47 3.11
N ASN A 29 -5.51 7.37 2.80
CA ASN A 29 -6.42 6.51 3.55
C ASN A 29 -7.59 6.05 2.68
N ILE A 30 -8.16 4.91 3.02
CA ILE A 30 -9.29 4.37 2.27
C ILE A 30 -10.46 4.03 3.20
N THR A 31 -11.67 4.02 2.64
CA THR A 31 -12.86 3.71 3.42
C THR A 31 -13.75 2.71 2.68
N TYR A 32 -14.85 2.33 3.32
CA TYR A 32 -15.79 1.38 2.73
C TYR A 32 -16.43 1.96 1.48
N ASP A 33 -16.37 3.28 1.33
CA ASP A 33 -16.96 3.96 0.18
C ASP A 33 -15.87 4.61 -0.66
N SER A 34 -14.72 3.95 -0.77
CA SER A 34 -13.61 4.47 -1.55
C SER A 34 -13.62 3.89 -2.96
N THR A 35 -12.79 4.46 -3.83
CA THR A 35 -12.70 4.00 -5.21
C THR A 35 -11.53 3.04 -5.40
N PRO A 36 -11.64 2.19 -6.43
CA PRO A 36 -10.59 1.20 -6.74
C PRO A 36 -9.32 1.85 -7.27
N GLU A 37 -9.38 3.15 -7.54
CA GLU A 37 -8.24 3.89 -8.05
C GLU A 37 -7.45 4.54 -6.91
N ASP A 38 -8.13 4.79 -5.80
CA ASP A 38 -7.49 5.40 -4.64
C ASP A 38 -6.68 4.37 -3.86
N VAL A 39 -7.21 3.15 -3.76
CA VAL A 39 -6.52 2.08 -3.05
C VAL A 39 -5.13 1.84 -3.63
N LYS A 40 -5.01 1.96 -4.94
CA LYS A 40 -3.74 1.76 -5.62
C LYS A 40 -2.64 2.62 -4.99
N THR A 41 -2.96 3.89 -4.76
CA THR A 41 -2.02 4.82 -4.16
C THR A 41 -1.83 4.55 -2.67
N TRP A 42 -2.92 4.17 -2.01
CA TRP A 42 -2.88 3.87 -0.58
C TRP A 42 -1.88 2.76 -0.28
N LEU A 43 -1.79 1.80 -1.19
CA LEU A 43 -0.87 0.67 -1.02
C LEU A 43 0.57 1.11 -1.29
N GLN A 44 0.76 1.92 -2.32
CA GLN A 44 2.09 2.39 -2.68
C GLN A 44 2.64 3.32 -1.59
N SER A 45 1.80 4.25 -1.14
CA SER A 45 2.21 5.20 -0.10
C SER A 45 2.79 4.47 1.11
N LYS A 46 2.07 3.46 1.57
CA LYS A 46 2.51 2.67 2.73
C LYS A 46 3.84 1.99 2.44
N GLY A 47 4.15 1.81 1.17
CA GLY A 47 5.39 1.16 0.78
C GLY A 47 5.23 -0.32 0.54
N PHE A 48 4.20 -0.69 -0.20
CA PHE A 48 3.93 -2.10 -0.51
C PHE A 48 4.41 -2.45 -1.92
N ASN A 49 4.86 -3.69 -2.08
CA ASN A 49 5.36 -4.16 -3.37
C ASN A 49 4.35 -3.88 -4.47
N PRO A 50 4.83 -3.77 -5.72
CA PRO A 50 3.98 -3.52 -6.88
C PRO A 50 3.08 -4.70 -7.23
N VAL A 51 3.54 -5.90 -6.89
CA VAL A 51 2.77 -7.11 -7.15
C VAL A 51 1.43 -7.08 -6.43
N THR A 52 1.36 -6.31 -5.35
CA THR A 52 0.13 -6.20 -4.58
C THR A 52 -0.71 -5.02 -5.05
N VAL A 53 -0.07 -3.89 -5.31
CA VAL A 53 -0.76 -2.69 -5.78
C VAL A 53 -1.41 -2.94 -7.13
N ASN A 54 -0.95 -3.97 -7.83
CA ASN A 54 -1.50 -4.32 -9.14
C ASN A 54 -2.69 -5.26 -9.01
N SER A 55 -2.61 -6.18 -8.07
CA SER A 55 -3.67 -7.14 -7.84
C SER A 55 -4.82 -6.51 -7.05
N LEU A 56 -4.47 -5.63 -6.12
CA LEU A 56 -5.46 -4.95 -5.30
C LEU A 56 -5.63 -3.50 -5.72
N GLY A 57 -5.24 -3.20 -6.97
CA GLY A 57 -5.36 -1.84 -7.48
C GLY A 57 -6.58 -1.66 -8.35
N VAL A 58 -7.43 -2.68 -8.41
CA VAL A 58 -8.64 -2.62 -9.21
C VAL A 58 -9.88 -2.73 -8.35
N LEU A 59 -9.70 -3.21 -7.11
CA LEU A 59 -10.81 -3.37 -6.18
C LEU A 59 -11.01 -2.10 -5.35
N ASN A 60 -12.26 -1.71 -5.17
CA ASN A 60 -12.59 -0.52 -4.39
C ASN A 60 -12.37 -0.76 -2.90
N GLY A 61 -12.30 0.33 -2.13
CA GLY A 61 -12.09 0.21 -0.70
C GLY A 61 -13.07 -0.75 -0.05
N ALA A 62 -14.31 -0.74 -0.52
CA ALA A 62 -15.34 -1.62 0.02
C ALA A 62 -14.95 -3.08 -0.14
N GLN A 63 -14.66 -3.48 -1.37
CA GLN A 63 -14.28 -4.86 -1.66
C GLN A 63 -13.02 -5.25 -0.89
N LEU A 64 -12.00 -4.41 -0.99
CA LEU A 64 -10.73 -4.67 -0.31
C LEU A 64 -10.95 -4.84 1.19
N PHE A 65 -11.86 -4.06 1.75
CA PHE A 65 -12.17 -4.13 3.17
C PHE A 65 -12.81 -5.46 3.52
N SER A 66 -13.41 -6.11 2.53
CA SER A 66 -14.06 -7.40 2.73
C SER A 66 -13.04 -8.53 2.76
N LEU A 67 -11.93 -8.33 2.06
CA LEU A 67 -10.87 -9.33 2.00
C LEU A 67 -10.18 -9.48 3.36
N ASN A 68 -10.19 -10.69 3.90
CA ASN A 68 -9.56 -10.96 5.19
C ASN A 68 -8.10 -11.36 5.02
N LYS A 69 -7.48 -11.81 6.10
CA LYS A 69 -6.08 -12.22 6.07
C LYS A 69 -5.89 -13.39 5.10
N ASP A 70 -6.97 -14.09 4.79
CA ASP A 70 -6.92 -15.22 3.88
C ASP A 70 -7.06 -14.76 2.43
N GLU A 71 -8.16 -14.09 2.14
CA GLU A 71 -8.41 -13.59 0.79
C GLU A 71 -7.23 -12.79 0.28
N LEU A 72 -6.73 -11.88 1.11
CA LEU A 72 -5.60 -11.04 0.74
C LEU A 72 -4.33 -11.87 0.58
N ARG A 73 -4.23 -12.94 1.37
CA ARG A 73 -3.08 -13.82 1.32
C ARG A 73 -3.13 -14.72 0.09
N THR A 74 -4.34 -14.95 -0.43
CA THR A 74 -4.53 -15.78 -1.60
C THR A 74 -4.26 -15.00 -2.89
N VAL A 75 -4.70 -13.74 -2.90
CA VAL A 75 -4.51 -12.89 -4.07
C VAL A 75 -3.04 -12.52 -4.25
N CYS A 76 -2.35 -12.32 -3.14
CA CYS A 76 -0.94 -11.94 -3.17
C CYS A 76 -0.22 -12.43 -1.92
N PRO A 77 1.11 -12.55 -2.00
CA PRO A 77 1.94 -13.00 -0.88
C PRO A 77 2.01 -11.97 0.24
N GLU A 78 1.69 -10.72 -0.10
CA GLU A 78 1.72 -9.64 0.88
C GLU A 78 0.34 -9.42 1.50
N GLY A 79 -0.48 -10.46 1.47
CA GLY A 79 -1.81 -10.37 2.03
C GLY A 79 -1.80 -10.01 3.51
N ALA A 80 -1.18 -10.87 4.32
CA ALA A 80 -1.10 -10.63 5.75
C ALA A 80 -0.49 -9.27 6.05
N ARG A 81 0.33 -8.78 5.13
CA ARG A 81 0.99 -7.48 5.30
C ARG A 81 0.02 -6.35 4.97
N VAL A 82 -0.93 -6.62 4.07
CA VAL A 82 -1.91 -5.62 3.68
C VAL A 82 -3.09 -5.59 4.65
N TYR A 83 -3.59 -6.76 5.01
CA TYR A 83 -4.72 -6.86 5.92
C TYR A 83 -4.43 -6.12 7.22
N SER A 84 -3.22 -6.29 7.74
CA SER A 84 -2.82 -5.64 8.97
C SER A 84 -2.85 -4.12 8.83
N GLN A 85 -2.79 -3.65 7.58
CA GLN A 85 -2.81 -2.22 7.30
C GLN A 85 -4.25 -1.73 7.08
N ILE A 86 -5.13 -2.66 6.71
CA ILE A 86 -6.52 -2.34 6.47
C ILE A 86 -7.34 -2.40 7.76
N THR A 87 -6.95 -3.30 8.65
CA THR A 87 -7.64 -3.47 9.93
C THR A 87 -7.73 -2.15 10.68
N VAL A 88 -6.68 -1.34 10.56
CA VAL A 88 -6.65 -0.05 11.23
C VAL A 88 -7.61 0.94 10.58
N GLN A 89 -7.91 0.71 9.31
CA GLN A 89 -8.82 1.58 8.58
C GLN A 89 -10.28 1.30 8.95
N LYS A 90 -10.66 0.04 8.88
CA LYS A 90 -12.02 -0.38 9.21
C LYS A 90 -12.37 0.02 10.65
N ALA A 91 -11.44 -0.24 11.56
CA ALA A 91 -11.64 0.08 12.97
C ALA A 91 -11.96 1.57 13.15
N ALA A 92 -11.46 2.39 12.23
CA ALA A 92 -11.67 3.83 12.29
C ALA A 92 -13.10 4.18 11.87
N LEU A 93 -13.69 3.32 11.04
CA LEU A 93 -15.06 3.54 10.56
C LEU A 93 -16.07 2.88 11.49
N SER A 94 -15.72 1.70 11.99
CA SER A 94 -16.61 0.96 12.89
C SER A 94 -16.65 1.61 14.27
N GLY A 95 -15.48 1.73 14.89
CA GLY A 95 -15.39 2.32 16.21
C GLY A 95 -14.45 1.57 17.14
N PRO A 96 -14.47 1.93 18.43
CA PRO A 96 -13.61 1.30 19.44
C PRO A 96 -14.03 -0.14 19.73
N SER A 97 -15.33 -0.35 19.93
CA SER A 97 -15.86 -1.68 20.22
C SER A 97 -15.20 -2.26 21.47
N SER A 98 -14.91 -1.40 22.43
CA SER A 98 -14.27 -1.83 23.68
C SER A 98 -14.89 -1.12 24.88
N GLY A 99 -15.90 -1.75 25.48
CA GLY A 99 -16.57 -1.16 26.63
C GLY A 99 -17.64 -0.18 26.23
N GLY A 1 13.75 28.12 9.19
CA GLY A 1 14.49 28.61 10.33
C GLY A 1 15.18 27.49 11.10
N SER A 2 15.39 27.71 12.39
CA SER A 2 16.03 26.72 13.24
C SER A 2 15.46 26.75 14.66
N SER A 3 15.15 25.58 15.20
CA SER A 3 14.59 25.48 16.53
C SER A 3 15.13 24.24 17.26
N GLY A 4 15.83 24.46 18.37
CA GLY A 4 16.38 23.36 19.12
C GLY A 4 15.34 22.62 19.92
N SER A 5 15.19 21.33 19.63
CA SER A 5 14.21 20.50 20.32
C SER A 5 14.61 19.03 20.27
N SER A 6 15.69 18.68 20.98
CA SER A 6 16.18 17.31 21.01
C SER A 6 15.78 16.62 22.32
N GLY A 7 16.31 17.13 23.43
CA GLY A 7 15.99 16.55 24.72
C GLY A 7 16.39 15.10 24.82
N THR A 8 15.60 14.31 25.55
CA THR A 8 15.88 12.89 25.72
C THR A 8 14.60 12.07 25.66
N ILE A 9 14.76 10.75 25.63
CA ILE A 9 13.60 9.85 25.57
C ILE A 9 14.02 8.41 25.86
N GLY A 10 13.17 7.68 26.58
CA GLY A 10 13.46 6.30 26.90
C GLY A 10 13.66 5.44 25.67
N ARG A 11 14.83 4.81 25.58
CA ARG A 11 15.15 3.96 24.44
C ARG A 11 15.18 2.49 24.85
N SER A 12 14.39 1.67 24.17
CA SER A 12 14.33 0.24 24.47
C SER A 12 14.22 -0.58 23.19
N ALA A 13 15.02 -0.21 22.18
CA ALA A 13 15.01 -0.91 20.91
C ALA A 13 16.43 -1.21 20.43
N ALA A 14 16.58 -2.30 19.70
CA ALA A 14 17.89 -2.70 19.18
C ALA A 14 18.41 -1.68 18.18
N GLN A 15 19.68 -1.80 17.82
CA GLN A 15 20.30 -0.88 16.86
C GLN A 15 19.74 -1.10 15.46
N LYS A 16 19.48 -0.01 14.75
CA LYS A 16 18.95 -0.07 13.41
C LYS A 16 19.86 0.66 12.42
N LYS A 17 19.85 2.00 12.50
CA LYS A 17 20.66 2.82 11.62
C LYS A 17 20.32 2.55 10.16
N PHE A 18 19.04 2.45 9.86
CA PHE A 18 18.59 2.21 8.50
C PHE A 18 18.03 3.48 7.87
N HIS A 19 18.37 3.71 6.61
CA HIS A 19 17.90 4.89 5.89
C HIS A 19 16.73 4.53 4.97
N VAL A 20 15.60 5.23 5.17
CA VAL A 20 14.42 4.99 4.36
C VAL A 20 14.03 6.24 3.58
N PRO A 21 13.31 6.03 2.46
CA PRO A 21 12.85 7.13 1.60
C PRO A 21 11.78 7.99 2.27
N ARG A 22 12.05 9.27 2.40
CA ARG A 22 11.11 10.20 3.03
C ARG A 22 10.50 11.13 1.98
N GLN A 23 9.47 10.65 1.31
CA GLN A 23 8.80 11.44 0.28
C GLN A 23 8.00 12.59 0.90
N ASN A 24 7.76 13.63 0.12
CA ASN A 24 7.02 14.79 0.59
C ASN A 24 5.56 14.74 0.14
N VAL A 25 4.93 13.58 0.34
CA VAL A 25 3.54 13.39 -0.04
C VAL A 25 2.64 13.31 1.18
N PRO A 26 1.37 13.72 1.03
CA PRO A 26 0.38 13.70 2.11
C PRO A 26 -0.02 12.28 2.49
N VAL A 27 -0.64 12.13 3.66
CA VAL A 27 -1.08 10.84 4.14
C VAL A 27 -2.23 10.29 3.30
N ILE A 28 -2.24 8.98 3.11
CA ILE A 28 -3.28 8.34 2.32
C ILE A 28 -4.13 7.41 3.19
N ASN A 29 -5.42 7.34 2.87
CA ASN A 29 -6.34 6.49 3.61
C ASN A 29 -7.53 6.07 2.74
N ILE A 30 -8.10 4.91 3.06
CA ILE A 30 -9.24 4.40 2.31
C ILE A 30 -10.40 4.06 3.24
N THR A 31 -11.61 4.06 2.68
CA THR A 31 -12.81 3.76 3.46
C THR A 31 -13.70 2.75 2.72
N TYR A 32 -14.81 2.39 3.35
CA TYR A 32 -15.75 1.44 2.76
C TYR A 32 -16.39 2.03 1.51
N ASP A 33 -16.31 3.35 1.37
CA ASP A 33 -16.89 4.04 0.23
C ASP A 33 -15.81 4.69 -0.62
N SER A 34 -14.69 4.00 -0.78
CA SER A 34 -13.56 4.52 -1.56
C SER A 34 -13.58 3.95 -2.97
N THR A 35 -12.75 4.52 -3.84
CA THR A 35 -12.66 4.07 -5.22
C THR A 35 -11.50 3.10 -5.41
N PRO A 36 -11.61 2.25 -6.45
CA PRO A 36 -10.59 1.25 -6.76
C PRO A 36 -9.31 1.89 -7.29
N GLU A 37 -9.36 3.20 -7.55
CA GLU A 37 -8.21 3.92 -8.07
C GLU A 37 -7.41 4.55 -6.92
N ASP A 38 -8.09 4.82 -5.81
CA ASP A 38 -7.45 5.42 -4.65
C ASP A 38 -6.64 4.38 -3.87
N VAL A 39 -7.16 3.17 -3.80
CA VAL A 39 -6.50 2.09 -3.09
C VAL A 39 -5.10 1.85 -3.66
N LYS A 40 -4.98 1.95 -4.98
CA LYS A 40 -3.69 1.74 -5.64
C LYS A 40 -2.60 2.60 -5.01
N THR A 41 -2.93 3.87 -4.75
CA THR A 41 -1.98 4.79 -4.14
C THR A 41 -1.82 4.52 -2.66
N TRP A 42 -2.91 4.13 -2.01
CA TRP A 42 -2.89 3.84 -0.58
C TRP A 42 -1.92 2.71 -0.27
N LEU A 43 -1.82 1.75 -1.19
CA LEU A 43 -0.93 0.61 -1.00
C LEU A 43 0.52 1.00 -1.26
N GLN A 44 0.74 1.82 -2.29
CA GLN A 44 2.08 2.27 -2.64
C GLN A 44 2.63 3.19 -1.56
N SER A 45 1.80 4.11 -1.08
CA SER A 45 2.20 5.06 -0.05
C SER A 45 2.80 4.33 1.15
N LYS A 46 2.09 3.32 1.63
CA LYS A 46 2.53 2.54 2.78
C LYS A 46 3.87 1.88 2.49
N GLY A 47 4.14 1.61 1.21
CA GLY A 47 5.39 0.98 0.83
C GLY A 47 5.23 -0.48 0.52
N PHE A 48 4.10 -0.85 -0.09
CA PHE A 48 3.83 -2.23 -0.44
C PHE A 48 4.32 -2.55 -1.85
N ASN A 49 4.77 -3.78 -2.05
CA ASN A 49 5.29 -4.20 -3.35
C ASN A 49 4.26 -3.93 -4.45
N PRO A 50 4.75 -3.79 -5.69
CA PRO A 50 3.90 -3.52 -6.85
C PRO A 50 3.03 -4.73 -7.22
N VAL A 51 3.51 -5.92 -6.90
CA VAL A 51 2.79 -7.14 -7.20
C VAL A 51 1.44 -7.17 -6.49
N THR A 52 1.34 -6.41 -5.40
CA THR A 52 0.11 -6.35 -4.62
C THR A 52 -0.77 -5.20 -5.08
N VAL A 53 -0.17 -4.03 -5.30
CA VAL A 53 -0.91 -2.87 -5.74
C VAL A 53 -1.54 -3.10 -7.12
N ASN A 54 -1.00 -4.08 -7.85
CA ASN A 54 -1.51 -4.41 -9.16
C ASN A 54 -2.74 -5.31 -9.08
N SER A 55 -2.68 -6.29 -8.17
CA SER A 55 -3.78 -7.22 -7.98
C SER A 55 -4.89 -6.59 -7.14
N LEU A 56 -4.51 -5.65 -6.28
CA LEU A 56 -5.48 -4.96 -5.43
C LEU A 56 -5.63 -3.50 -5.83
N GLY A 57 -5.30 -3.20 -7.08
CA GLY A 57 -5.41 -1.84 -7.58
C GLY A 57 -6.64 -1.63 -8.43
N VAL A 58 -7.49 -2.64 -8.48
CA VAL A 58 -8.73 -2.57 -9.26
C VAL A 58 -9.96 -2.68 -8.37
N LEU A 59 -9.76 -3.15 -7.15
CA LEU A 59 -10.85 -3.30 -6.20
C LEU A 59 -11.02 -2.04 -5.35
N ASN A 60 -12.27 -1.64 -5.15
CA ASN A 60 -12.58 -0.44 -4.37
C ASN A 60 -12.35 -0.70 -2.88
N GLY A 61 -12.27 0.37 -2.11
CA GLY A 61 -12.05 0.24 -0.68
C GLY A 61 -13.04 -0.71 -0.03
N ALA A 62 -14.29 -0.68 -0.50
CA ALA A 62 -15.32 -1.55 0.04
C ALA A 62 -14.95 -3.02 -0.13
N GLN A 63 -14.67 -3.41 -1.37
CA GLN A 63 -14.30 -4.79 -1.66
C GLN A 63 -13.04 -5.19 -0.91
N LEU A 64 -12.01 -4.37 -1.01
CA LEU A 64 -10.74 -4.64 -0.33
C LEU A 64 -10.96 -4.82 1.17
N PHE A 65 -11.85 -4.02 1.73
CA PHE A 65 -12.14 -4.09 3.16
C PHE A 65 -12.79 -5.43 3.51
N SER A 66 -13.39 -6.07 2.53
CA SER A 66 -14.05 -7.36 2.73
C SER A 66 -13.03 -8.49 2.77
N LEU A 67 -11.92 -8.30 2.06
CA LEU A 67 -10.86 -9.30 2.01
C LEU A 67 -10.14 -9.40 3.35
N ASN A 68 -10.11 -10.60 3.91
CA ASN A 68 -9.45 -10.83 5.20
C ASN A 68 -7.98 -11.20 4.99
N LYS A 69 -7.33 -11.61 6.08
CA LYS A 69 -5.93 -12.01 6.02
C LYS A 69 -5.74 -13.20 5.08
N ASP A 70 -6.80 -13.94 4.86
CA ASP A 70 -6.75 -15.10 3.97
C ASP A 70 -6.94 -14.69 2.51
N GLU A 71 -8.08 -14.09 2.22
CA GLU A 71 -8.40 -13.65 0.86
C GLU A 71 -7.26 -12.78 0.30
N LEU A 72 -6.71 -11.92 1.15
CA LEU A 72 -5.62 -11.04 0.75
C LEU A 72 -4.33 -11.83 0.52
N ARG A 73 -4.13 -12.87 1.34
CA ARG A 73 -2.94 -13.70 1.23
C ARG A 73 -2.99 -14.56 -0.04
N THR A 74 -4.20 -14.83 -0.51
CA THR A 74 -4.39 -15.64 -1.70
C THR A 74 -4.12 -14.83 -2.97
N VAL A 75 -4.67 -13.62 -3.01
CA VAL A 75 -4.47 -12.74 -4.16
C VAL A 75 -3.03 -12.28 -4.28
N CYS A 76 -2.36 -12.15 -3.14
CA CYS A 76 -0.97 -11.72 -3.12
C CYS A 76 -0.25 -12.29 -1.90
N PRO A 77 1.08 -12.45 -2.01
CA PRO A 77 1.92 -12.98 -0.93
C PRO A 77 2.03 -12.01 0.24
N GLU A 78 1.78 -10.74 -0.02
CA GLU A 78 1.85 -9.71 1.02
C GLU A 78 0.48 -9.44 1.62
N GLY A 79 -0.42 -10.41 1.49
CA GLY A 79 -1.76 -10.27 2.03
C GLY A 79 -1.76 -9.99 3.52
N ALA A 80 -1.16 -10.89 4.28
CA ALA A 80 -1.10 -10.74 5.73
C ALA A 80 -0.56 -9.36 6.12
N ARG A 81 0.29 -8.81 5.27
CA ARG A 81 0.88 -7.50 5.52
C ARG A 81 -0.09 -6.38 5.14
N VAL A 82 -0.89 -6.62 4.11
CA VAL A 82 -1.86 -5.65 3.66
C VAL A 82 -3.05 -5.56 4.62
N TYR A 83 -3.59 -6.71 4.99
CA TYR A 83 -4.72 -6.77 5.90
C TYR A 83 -4.42 -6.01 7.19
N SER A 84 -3.22 -6.20 7.73
CA SER A 84 -2.81 -5.54 8.96
C SER A 84 -2.88 -4.02 8.80
N GLN A 85 -2.80 -3.55 7.56
CA GLN A 85 -2.86 -2.13 7.28
C GLN A 85 -4.28 -1.68 7.02
N ILE A 86 -5.14 -2.62 6.67
CA ILE A 86 -6.54 -2.31 6.39
C ILE A 86 -7.38 -2.38 7.67
N THR A 87 -7.03 -3.32 8.55
CA THR A 87 -7.75 -3.49 9.81
C THR A 87 -7.83 -2.17 10.57
N VAL A 88 -6.75 -1.41 10.55
CA VAL A 88 -6.70 -0.12 11.23
C VAL A 88 -7.66 0.87 10.60
N GLN A 89 -7.95 0.69 9.32
CA GLN A 89 -8.86 1.57 8.59
C GLN A 89 -10.31 1.30 8.99
N LYS A 90 -10.70 0.03 8.93
CA LYS A 90 -12.06 -0.37 9.27
C LYS A 90 -12.39 -0.01 10.71
N ALA A 91 -11.46 -0.29 11.62
CA ALA A 91 -11.65 0.02 13.03
C ALA A 91 -11.97 1.50 13.23
N ALA A 92 -11.50 2.33 12.31
CA ALA A 92 -11.73 3.76 12.38
C ALA A 92 -13.17 4.11 12.00
N LEU A 93 -13.73 3.33 11.07
CA LEU A 93 -15.10 3.56 10.61
C LEU A 93 -16.10 2.86 11.54
N SER A 94 -16.03 1.54 11.60
CA SER A 94 -16.92 0.76 12.43
C SER A 94 -16.89 1.25 13.87
N GLY A 95 -15.75 1.08 14.53
CA GLY A 95 -15.61 1.51 15.91
C GLY A 95 -15.60 0.35 16.89
N PRO A 96 -15.65 0.68 18.19
CA PRO A 96 -15.65 -0.33 19.26
C PRO A 96 -16.96 -1.13 19.30
N SER A 97 -16.97 -2.18 20.12
CA SER A 97 -18.16 -3.03 20.24
C SER A 97 -18.88 -2.75 21.55
N SER A 98 -18.12 -2.35 22.58
CA SER A 98 -18.69 -2.05 23.88
C SER A 98 -17.70 -1.25 24.73
N GLY A 99 -16.53 -1.83 24.96
CA GLY A 99 -15.51 -1.16 25.76
C GLY A 99 -14.14 -1.22 25.13
N GLY A 1 17.35 -21.54 -16.35
CA GLY A 1 16.38 -22.41 -15.68
C GLY A 1 17.04 -23.39 -14.73
N SER A 2 16.57 -23.42 -13.49
CA SER A 2 17.12 -24.32 -12.49
C SER A 2 16.18 -25.50 -12.25
N SER A 3 16.58 -26.40 -11.35
CA SER A 3 15.78 -27.57 -11.03
C SER A 3 15.49 -27.64 -9.53
N GLY A 4 16.54 -27.85 -8.74
CA GLY A 4 16.37 -27.94 -7.30
C GLY A 4 17.69 -27.98 -6.56
N SER A 5 17.64 -27.79 -5.25
CA SER A 5 18.85 -27.80 -4.43
C SER A 5 18.50 -27.72 -2.94
N SER A 6 19.47 -28.07 -2.10
CA SER A 6 19.26 -28.05 -0.65
C SER A 6 19.54 -26.66 -0.09
N GLY A 7 18.74 -26.25 0.89
CA GLY A 7 18.93 -24.95 1.50
C GLY A 7 18.29 -24.86 2.88
N THR A 8 19.13 -24.95 3.92
CA THR A 8 18.64 -24.89 5.29
C THR A 8 19.45 -23.90 6.11
N ILE A 9 19.79 -22.76 5.50
CA ILE A 9 20.57 -21.73 6.18
C ILE A 9 19.66 -20.69 6.82
N GLY A 10 20.27 -19.73 7.50
CA GLY A 10 19.50 -18.68 8.15
C GLY A 10 20.02 -17.29 7.83
N ARG A 11 21.07 -16.89 8.54
CA ARG A 11 21.66 -15.57 8.33
C ARG A 11 22.98 -15.68 7.57
N SER A 12 23.17 -14.79 6.59
CA SER A 12 24.38 -14.79 5.78
C SER A 12 24.51 -13.49 5.00
N ALA A 13 23.43 -13.09 4.34
CA ALA A 13 23.43 -11.86 3.56
C ALA A 13 22.10 -11.10 3.73
N ALA A 14 22.12 -10.09 4.58
CA ALA A 14 20.93 -9.28 4.83
C ALA A 14 21.02 -7.92 4.15
N GLN A 15 20.95 -7.92 2.82
CA GLN A 15 21.04 -6.69 2.06
C GLN A 15 19.66 -6.28 1.53
N LYS A 16 19.53 -5.01 1.16
CA LYS A 16 18.28 -4.49 0.64
C LYS A 16 18.27 -4.50 -0.88
N LYS A 17 17.15 -4.93 -1.46
CA LYS A 17 17.02 -4.99 -2.91
C LYS A 17 16.00 -3.96 -3.40
N PHE A 18 14.81 -3.97 -2.80
CA PHE A 18 13.75 -3.03 -3.17
C PHE A 18 14.16 -1.60 -2.84
N HIS A 19 14.09 -0.72 -3.84
CA HIS A 19 14.44 0.68 -3.66
C HIS A 19 13.44 1.59 -4.36
N VAL A 20 12.80 2.46 -3.59
CA VAL A 20 11.81 3.39 -4.14
C VAL A 20 12.06 4.80 -3.65
N PRO A 21 11.59 5.79 -4.43
CA PRO A 21 11.75 7.21 -4.10
C PRO A 21 10.90 7.62 -2.89
N ARG A 22 11.54 8.24 -1.91
CA ARG A 22 10.85 8.68 -0.70
C ARG A 22 10.77 10.20 -0.64
N GLN A 23 9.72 10.76 -1.25
CA GLN A 23 9.52 12.20 -1.28
C GLN A 23 8.38 12.61 -0.35
N ASN A 24 8.32 13.90 -0.04
CA ASN A 24 7.26 14.42 0.83
C ASN A 24 5.89 14.27 0.18
N VAL A 25 5.13 13.29 0.64
CA VAL A 25 3.79 13.04 0.11
C VAL A 25 2.74 13.11 1.21
N PRO A 26 1.51 13.49 0.83
CA PRO A 26 0.39 13.60 1.76
C PRO A 26 -0.08 12.25 2.28
N VAL A 27 -0.85 12.26 3.36
CA VAL A 27 -1.36 11.03 3.96
C VAL A 27 -2.49 10.44 3.11
N ILE A 28 -2.49 9.12 2.98
CA ILE A 28 -3.52 8.44 2.20
C ILE A 28 -4.34 7.51 3.08
N ASN A 29 -5.64 7.40 2.78
CA ASN A 29 -6.54 6.56 3.54
C ASN A 29 -7.70 6.07 2.67
N ILE A 30 -8.25 4.93 3.02
CA ILE A 30 -9.38 4.35 2.28
C ILE A 30 -10.53 4.01 3.20
N THR A 31 -11.74 3.99 2.64
CA THR A 31 -12.94 3.67 3.41
C THR A 31 -13.82 2.67 2.69
N TYR A 32 -14.92 2.28 3.32
CA TYR A 32 -15.84 1.33 2.73
C TYR A 32 -16.49 1.90 1.47
N ASP A 33 -16.42 3.21 1.32
CA ASP A 33 -16.99 3.88 0.15
C ASP A 33 -15.91 4.55 -0.68
N SER A 34 -14.78 3.87 -0.83
CA SER A 34 -13.66 4.39 -1.60
C SER A 34 -13.65 3.81 -3.01
N THR A 35 -12.83 4.39 -3.88
CA THR A 35 -12.72 3.93 -5.26
C THR A 35 -11.55 2.98 -5.44
N PRO A 36 -11.63 2.11 -6.46
CA PRO A 36 -10.59 1.14 -6.76
C PRO A 36 -9.31 1.79 -7.28
N GLU A 37 -9.39 3.09 -7.55
CA GLU A 37 -8.23 3.83 -8.06
C GLU A 37 -7.46 4.48 -6.91
N ASP A 38 -8.15 4.74 -5.81
CA ASP A 38 -7.52 5.35 -4.65
C ASP A 38 -6.70 4.34 -3.87
N VAL A 39 -7.21 3.11 -3.78
CA VAL A 39 -6.53 2.04 -3.06
C VAL A 39 -5.13 1.81 -3.63
N LYS A 40 -5.01 1.92 -4.95
CA LYS A 40 -3.73 1.72 -5.62
C LYS A 40 -2.65 2.59 -5.00
N THR A 41 -2.99 3.86 -4.75
CA THR A 41 -2.04 4.80 -4.16
C THR A 41 -1.86 4.52 -2.67
N TRP A 42 -2.96 4.18 -2.00
CA TRP A 42 -2.92 3.90 -0.57
C TRP A 42 -1.91 2.79 -0.27
N LEU A 43 -1.82 1.82 -1.16
CA LEU A 43 -0.90 0.71 -0.98
C LEU A 43 0.54 1.14 -1.24
N GLN A 44 0.73 1.95 -2.28
CA GLN A 44 2.06 2.44 -2.64
C GLN A 44 2.60 3.36 -1.55
N SER A 45 1.76 4.26 -1.05
CA SER A 45 2.17 5.19 -0.02
C SER A 45 2.80 4.46 1.17
N LYS A 46 2.10 3.42 1.64
CA LYS A 46 2.58 2.62 2.77
C LYS A 46 3.92 1.96 2.44
N GLY A 47 4.20 1.82 1.15
CA GLY A 47 5.43 1.20 0.71
C GLY A 47 5.28 -0.28 0.46
N PHE A 48 4.19 -0.67 -0.20
CA PHE A 48 3.93 -2.06 -0.50
C PHE A 48 4.43 -2.41 -1.90
N ASN A 49 4.88 -3.66 -2.05
CA ASN A 49 5.39 -4.12 -3.35
C ASN A 49 4.38 -3.85 -4.45
N PRO A 50 4.89 -3.76 -5.71
CA PRO A 50 4.04 -3.50 -6.88
C PRO A 50 3.14 -4.68 -7.23
N VAL A 51 3.60 -5.88 -6.86
CA VAL A 51 2.84 -7.09 -7.13
C VAL A 51 1.49 -7.07 -6.41
N THR A 52 1.40 -6.29 -5.35
CA THR A 52 0.18 -6.18 -4.57
C THR A 52 -0.68 -5.02 -5.06
N VAL A 53 -0.04 -3.88 -5.32
CA VAL A 53 -0.73 -2.69 -5.80
C VAL A 53 -1.37 -2.94 -7.16
N ASN A 54 -0.91 -3.99 -7.84
CA ASN A 54 -1.44 -4.33 -9.15
C ASN A 54 -2.62 -5.29 -9.03
N SER A 55 -2.55 -6.19 -8.06
CA SER A 55 -3.61 -7.17 -7.83
C SER A 55 -4.76 -6.54 -7.06
N LEU A 56 -4.43 -5.68 -6.10
CA LEU A 56 -5.44 -5.00 -5.29
C LEU A 56 -5.61 -3.55 -5.72
N GLY A 57 -5.22 -3.26 -6.95
CA GLY A 57 -5.35 -1.90 -7.47
C GLY A 57 -6.57 -1.72 -8.34
N VAL A 58 -7.42 -2.74 -8.40
CA VAL A 58 -8.63 -2.69 -9.20
C VAL A 58 -9.88 -2.81 -8.32
N LEU A 59 -9.68 -3.27 -7.09
CA LEU A 59 -10.79 -3.43 -6.15
C LEU A 59 -10.98 -2.16 -5.33
N ASN A 60 -12.25 -1.77 -5.14
CA ASN A 60 -12.57 -0.59 -4.38
C ASN A 60 -12.36 -0.82 -2.89
N GLY A 61 -12.30 0.26 -2.12
CA GLY A 61 -12.10 0.15 -0.69
C GLY A 61 -13.07 -0.81 -0.03
N ALA A 62 -14.31 -0.79 -0.52
CA ALA A 62 -15.35 -1.68 0.02
C ALA A 62 -14.96 -3.13 -0.14
N GLN A 63 -14.67 -3.54 -1.37
CA GLN A 63 -14.29 -4.91 -1.65
C GLN A 63 -13.03 -5.31 -0.88
N LEU A 64 -12.00 -4.46 -0.97
CA LEU A 64 -10.74 -4.72 -0.28
C LEU A 64 -10.96 -4.89 1.21
N PHE A 65 -11.88 -4.10 1.76
CA PHE A 65 -12.18 -4.16 3.19
C PHE A 65 -12.82 -5.50 3.55
N SER A 66 -13.42 -6.15 2.55
CA SER A 66 -14.07 -7.43 2.76
C SER A 66 -13.05 -8.56 2.79
N LEU A 67 -11.93 -8.37 2.08
CA LEU A 67 -10.88 -9.37 2.02
C LEU A 67 -10.14 -9.46 3.36
N ASN A 68 -10.13 -10.66 3.94
CA ASN A 68 -9.45 -10.88 5.21
C ASN A 68 -8.00 -11.30 4.99
N LYS A 69 -7.34 -11.70 6.07
CA LYS A 69 -5.95 -12.13 6.01
C LYS A 69 -5.78 -13.30 5.05
N ASP A 70 -6.88 -14.02 4.81
CA ASP A 70 -6.85 -15.17 3.91
C ASP A 70 -7.03 -14.72 2.46
N GLU A 71 -8.18 -14.11 2.18
CA GLU A 71 -8.48 -13.64 0.83
C GLU A 71 -7.34 -12.78 0.28
N LEU A 72 -6.79 -11.92 1.13
CA LEU A 72 -5.70 -11.03 0.74
C LEU A 72 -4.41 -11.83 0.56
N ARG A 73 -4.29 -12.93 1.28
CA ARG A 73 -3.11 -13.78 1.20
C ARG A 73 -3.18 -14.69 -0.02
N THR A 74 -4.40 -14.95 -0.49
CA THR A 74 -4.60 -15.82 -1.64
C THR A 74 -4.38 -15.07 -2.94
N VAL A 75 -4.63 -13.76 -2.91
CA VAL A 75 -4.45 -12.92 -4.10
C VAL A 75 -2.99 -12.53 -4.28
N CYS A 76 -2.29 -12.35 -3.16
CA CYS A 76 -0.88 -11.98 -3.20
C CYS A 76 -0.15 -12.47 -1.95
N PRO A 77 1.19 -12.58 -2.04
CA PRO A 77 2.02 -13.04 -0.93
C PRO A 77 2.09 -12.03 0.21
N GLU A 78 1.82 -10.76 -0.11
CA GLU A 78 1.85 -9.69 0.88
C GLU A 78 0.45 -9.43 1.44
N GLY A 79 -0.39 -10.46 1.41
CA GLY A 79 -1.75 -10.32 1.91
C GLY A 79 -1.79 -10.05 3.39
N ALA A 80 -1.19 -10.95 4.17
CA ALA A 80 -1.17 -10.81 5.62
C ALA A 80 -0.66 -9.43 6.02
N ARG A 81 0.20 -8.84 5.20
CA ARG A 81 0.75 -7.53 5.47
C ARG A 81 -0.26 -6.44 5.18
N VAL A 82 -0.93 -6.55 4.03
CA VAL A 82 -1.94 -5.57 3.63
C VAL A 82 -3.10 -5.54 4.62
N TYR A 83 -3.60 -6.71 4.97
CA TYR A 83 -4.72 -6.83 5.90
C TYR A 83 -4.40 -6.09 7.21
N SER A 84 -3.18 -6.25 7.69
CA SER A 84 -2.76 -5.61 8.93
C SER A 84 -2.81 -4.10 8.80
N GLN A 85 -2.78 -3.61 7.56
CA GLN A 85 -2.82 -2.18 7.30
C GLN A 85 -4.25 -1.70 7.07
N ILE A 86 -5.12 -2.63 6.71
CA ILE A 86 -6.52 -2.31 6.47
C ILE A 86 -7.34 -2.37 7.76
N THR A 87 -6.95 -3.28 8.65
CA THR A 87 -7.65 -3.43 9.92
C THR A 87 -7.73 -2.10 10.67
N VAL A 88 -6.66 -1.31 10.57
CA VAL A 88 -6.62 -0.01 11.24
C VAL A 88 -7.58 0.97 10.60
N GLN A 89 -7.91 0.73 9.33
CA GLN A 89 -8.83 1.61 8.61
C GLN A 89 -10.28 1.30 8.99
N LYS A 90 -10.66 0.04 8.88
CA LYS A 90 -12.02 -0.39 9.21
C LYS A 90 -12.37 0.00 10.65
N ALA A 91 -11.42 -0.20 11.56
CA ALA A 91 -11.63 0.14 12.96
C ALA A 91 -11.92 1.63 13.13
N ALA A 92 -11.41 2.44 12.21
CA ALA A 92 -11.62 3.88 12.26
C ALA A 92 -13.04 4.24 11.87
N LEU A 93 -13.67 3.38 11.08
CA LEU A 93 -15.04 3.61 10.63
C LEU A 93 -16.05 2.96 11.59
N SER A 94 -15.92 1.66 11.76
CA SER A 94 -16.81 0.91 12.65
C SER A 94 -16.02 -0.07 13.52
N GLY A 95 -15.71 0.35 14.74
CA GLY A 95 -14.97 -0.51 15.64
C GLY A 95 -15.60 -1.88 15.79
N PRO A 96 -16.74 -1.95 16.49
CA PRO A 96 -17.46 -3.19 16.72
C PRO A 96 -18.09 -3.74 15.45
N SER A 97 -18.26 -5.06 15.39
CA SER A 97 -18.85 -5.70 14.22
C SER A 97 -19.22 -7.15 14.54
N SER A 98 -19.82 -7.83 13.56
CA SER A 98 -20.23 -9.22 13.73
C SER A 98 -20.15 -9.97 12.41
N GLY A 99 -19.39 -11.06 12.40
CA GLY A 99 -19.23 -11.86 11.19
C GLY A 99 -19.95 -13.19 11.28
N GLY A 1 41.63 -25.13 -16.07
CA GLY A 1 40.93 -24.62 -17.24
C GLY A 1 40.93 -23.11 -17.31
N SER A 2 39.79 -22.50 -17.02
CA SER A 2 39.67 -21.04 -17.07
C SER A 2 39.31 -20.49 -15.69
N SER A 3 39.11 -19.17 -15.63
CA SER A 3 38.76 -18.52 -14.37
C SER A 3 37.24 -18.46 -14.20
N GLY A 4 36.76 -18.92 -13.05
CA GLY A 4 35.34 -18.91 -12.78
C GLY A 4 34.95 -17.83 -11.78
N SER A 5 34.46 -16.71 -12.29
CA SER A 5 34.05 -15.60 -11.43
C SER A 5 33.23 -14.58 -12.22
N SER A 6 32.45 -15.08 -13.18
CA SER A 6 31.62 -14.21 -14.00
C SER A 6 30.50 -15.01 -14.67
N GLY A 7 29.34 -15.06 -14.02
CA GLY A 7 28.21 -15.78 -14.57
C GLY A 7 26.98 -15.66 -13.70
N THR A 8 27.11 -15.98 -12.42
CA THR A 8 26.00 -15.91 -11.49
C THR A 8 25.40 -14.52 -11.45
N ILE A 9 26.25 -13.50 -11.60
CA ILE A 9 25.80 -12.12 -11.58
C ILE A 9 25.79 -11.54 -12.99
N GLY A 10 24.65 -11.66 -13.68
CA GLY A 10 24.53 -11.14 -15.01
C GLY A 10 23.67 -9.89 -15.08
N ARG A 11 22.36 -10.08 -15.09
CA ARG A 11 21.43 -8.95 -15.14
C ARG A 11 21.46 -8.16 -13.84
N SER A 12 21.13 -6.87 -13.93
CA SER A 12 21.12 -6.00 -12.76
C SER A 12 20.07 -4.91 -12.91
N ALA A 13 20.11 -4.20 -14.03
CA ALA A 13 19.16 -3.12 -14.30
C ALA A 13 17.84 -3.67 -14.83
N ALA A 14 16.76 -3.32 -14.16
CA ALA A 14 15.43 -3.78 -14.57
C ALA A 14 14.34 -3.12 -13.74
N GLN A 15 14.52 -3.11 -12.42
CA GLN A 15 13.55 -2.51 -11.52
C GLN A 15 13.93 -1.07 -11.20
N LYS A 16 12.99 -0.34 -10.60
CA LYS A 16 13.22 1.06 -10.24
C LYS A 16 12.87 1.31 -8.78
N LYS A 17 13.65 2.15 -8.13
CA LYS A 17 13.42 2.49 -6.72
C LYS A 17 13.55 3.99 -6.49
N PHE A 18 12.40 4.65 -6.28
CA PHE A 18 12.38 6.08 -6.04
C PHE A 18 12.21 6.39 -4.56
N HIS A 19 13.15 7.14 -4.00
CA HIS A 19 13.11 7.51 -2.58
C HIS A 19 13.99 8.70 -2.30
N VAL A 20 13.46 9.67 -1.56
CA VAL A 20 14.22 10.87 -1.21
C VAL A 20 14.15 11.15 0.28
N PRO A 21 15.15 11.88 0.79
CA PRO A 21 15.24 12.23 2.22
C PRO A 21 14.17 13.24 2.63
N ARG A 22 13.53 12.98 3.76
CA ARG A 22 12.49 13.87 4.27
C ARG A 22 11.34 14.00 3.25
N GLN A 23 10.31 13.18 3.43
CA GLN A 23 9.16 13.20 2.53
C GLN A 23 8.39 14.52 2.65
N ASN A 24 7.47 14.75 1.72
CA ASN A 24 6.68 15.98 1.73
C ASN A 24 5.32 15.74 1.08
N VAL A 25 4.69 14.62 1.42
CA VAL A 25 3.38 14.27 0.86
C VAL A 25 2.39 13.95 1.97
N PRO A 26 1.10 14.19 1.70
CA PRO A 26 0.02 13.93 2.66
C PRO A 26 -0.20 12.44 2.89
N VAL A 27 -0.91 12.11 3.97
CA VAL A 27 -1.19 10.72 4.30
C VAL A 27 -2.38 10.19 3.50
N ILE A 28 -2.28 8.95 3.06
CA ILE A 28 -3.34 8.33 2.28
C ILE A 28 -4.18 7.39 3.14
N ASN A 29 -5.47 7.32 2.85
CA ASN A 29 -6.38 6.45 3.60
C ASN A 29 -7.58 6.04 2.74
N ILE A 30 -8.12 4.86 3.01
CA ILE A 30 -9.26 4.35 2.28
C ILE A 30 -10.43 4.03 3.20
N THR A 31 -11.64 4.03 2.65
CA THR A 31 -12.82 3.73 3.43
C THR A 31 -13.73 2.73 2.71
N TYR A 32 -14.84 2.37 3.35
CA TYR A 32 -15.77 1.42 2.76
C TYR A 32 -16.42 2.00 1.51
N ASP A 33 -16.33 3.32 1.35
CA ASP A 33 -16.91 4.00 0.20
C ASP A 33 -15.82 4.65 -0.64
N SER A 34 -14.69 3.97 -0.79
CA SER A 34 -13.58 4.49 -1.57
C SER A 34 -13.58 3.93 -2.98
N THR A 35 -12.75 4.51 -3.85
CA THR A 35 -12.66 4.05 -5.23
C THR A 35 -11.49 3.09 -5.42
N PRO A 36 -11.59 2.24 -6.46
CA PRO A 36 -10.55 1.25 -6.76
C PRO A 36 -9.28 1.89 -7.28
N GLU A 37 -9.34 3.20 -7.54
CA GLU A 37 -8.18 3.92 -8.04
C GLU A 37 -7.40 4.56 -6.89
N ASP A 38 -8.09 4.81 -5.79
CA ASP A 38 -7.45 5.41 -4.62
C ASP A 38 -6.64 4.38 -3.84
N VAL A 39 -7.16 3.16 -3.79
CA VAL A 39 -6.48 2.07 -3.08
C VAL A 39 -5.08 1.84 -3.64
N LYS A 40 -4.95 1.97 -4.95
CA LYS A 40 -3.66 1.78 -5.61
C LYS A 40 -2.58 2.64 -4.96
N THR A 41 -2.91 3.89 -4.69
CA THR A 41 -1.98 4.82 -4.07
C THR A 41 -1.80 4.52 -2.58
N TRP A 42 -2.89 4.12 -1.94
CA TRP A 42 -2.86 3.80 -0.52
C TRP A 42 -1.88 2.68 -0.23
N LEU A 43 -1.74 1.76 -1.18
CA LEU A 43 -0.83 0.63 -1.03
C LEU A 43 0.60 1.05 -1.29
N GLN A 44 0.80 1.86 -2.34
CA GLN A 44 2.13 2.35 -2.68
C GLN A 44 2.69 3.26 -1.61
N SER A 45 1.85 4.16 -1.11
CA SER A 45 2.25 5.10 -0.07
C SER A 45 2.80 4.36 1.15
N LYS A 46 2.05 3.38 1.62
CA LYS A 46 2.45 2.59 2.78
C LYS A 46 3.80 1.89 2.52
N GLY A 47 4.10 1.67 1.25
CA GLY A 47 5.35 1.01 0.89
C GLY A 47 5.16 -0.47 0.64
N PHE A 48 4.17 -0.81 -0.19
CA PHE A 48 3.90 -2.21 -0.52
C PHE A 48 4.38 -2.55 -1.93
N ASN A 49 4.83 -3.78 -2.12
CA ASN A 49 5.32 -4.22 -3.42
C ASN A 49 4.29 -3.96 -4.51
N PRO A 50 4.77 -3.84 -5.75
CA PRO A 50 3.90 -3.59 -6.91
C PRO A 50 3.02 -4.79 -7.25
N VAL A 51 3.51 -5.98 -6.94
CA VAL A 51 2.77 -7.20 -7.21
C VAL A 51 1.44 -7.22 -6.48
N THR A 52 1.35 -6.45 -5.40
CA THR A 52 0.13 -6.37 -4.62
C THR A 52 -0.76 -5.22 -5.08
N VAL A 53 -0.15 -4.07 -5.31
CA VAL A 53 -0.88 -2.89 -5.77
C VAL A 53 -1.52 -3.14 -7.13
N ASN A 54 -1.00 -4.12 -7.86
CA ASN A 54 -1.52 -4.46 -9.18
C ASN A 54 -2.76 -5.34 -9.06
N SER A 55 -2.70 -6.31 -8.16
CA SER A 55 -3.81 -7.23 -7.94
C SER A 55 -4.90 -6.57 -7.10
N LEU A 56 -4.51 -5.62 -6.26
CA LEU A 56 -5.45 -4.92 -5.40
C LEU A 56 -5.60 -3.47 -5.83
N GLY A 57 -5.28 -3.19 -7.10
CA GLY A 57 -5.37 -1.85 -7.61
C GLY A 57 -6.62 -1.63 -8.45
N VAL A 58 -7.47 -2.65 -8.50
CA VAL A 58 -8.70 -2.57 -9.28
C VAL A 58 -9.93 -2.69 -8.37
N LEU A 59 -9.71 -3.16 -7.16
CA LEU A 59 -10.80 -3.32 -6.20
C LEU A 59 -10.98 -2.06 -5.36
N ASN A 60 -12.24 -1.66 -5.17
CA ASN A 60 -12.55 -0.47 -4.39
C ASN A 60 -12.34 -0.72 -2.91
N GLY A 61 -12.27 0.36 -2.13
CA GLY A 61 -12.06 0.24 -0.70
C GLY A 61 -13.04 -0.71 -0.05
N ALA A 62 -14.28 -0.69 -0.54
CA ALA A 62 -15.32 -1.56 0.00
C ALA A 62 -14.96 -3.03 -0.16
N GLN A 63 -14.65 -3.42 -1.39
CA GLN A 63 -14.27 -4.80 -1.68
C GLN A 63 -13.02 -5.20 -0.91
N LEU A 64 -11.98 -4.37 -1.00
CA LEU A 64 -10.73 -4.63 -0.31
C LEU A 64 -10.95 -4.81 1.19
N PHE A 65 -11.87 -4.04 1.74
CA PHE A 65 -12.19 -4.11 3.17
C PHE A 65 -12.84 -5.45 3.50
N SER A 66 -13.42 -6.09 2.49
CA SER A 66 -14.09 -7.37 2.69
C SER A 66 -13.07 -8.50 2.79
N LEU A 67 -11.94 -8.33 2.12
CA LEU A 67 -10.89 -9.34 2.12
C LEU A 67 -10.15 -9.34 3.46
N ASN A 68 -9.87 -10.54 3.97
CA ASN A 68 -9.17 -10.68 5.24
C ASN A 68 -7.76 -11.20 5.03
N LYS A 69 -7.09 -11.56 6.12
CA LYS A 69 -5.73 -12.07 6.05
C LYS A 69 -5.63 -13.23 5.06
N ASP A 70 -6.71 -13.98 4.93
CA ASP A 70 -6.75 -15.11 4.02
C ASP A 70 -6.96 -14.65 2.58
N GLU A 71 -8.09 -13.97 2.35
CA GLU A 71 -8.42 -13.47 1.02
C GLU A 71 -7.26 -12.66 0.44
N LEU A 72 -6.69 -11.77 1.25
CA LEU A 72 -5.58 -10.94 0.82
C LEU A 72 -4.34 -11.79 0.57
N ARG A 73 -4.19 -12.86 1.33
CA ARG A 73 -3.04 -13.75 1.18
C ARG A 73 -3.17 -14.59 -0.09
N THR A 74 -4.40 -14.80 -0.53
CA THR A 74 -4.65 -15.58 -1.73
C THR A 74 -4.41 -14.76 -2.99
N VAL A 75 -4.81 -13.49 -2.95
CA VAL A 75 -4.62 -12.59 -4.09
C VAL A 75 -3.16 -12.18 -4.23
N CYS A 76 -2.48 -12.02 -3.11
CA CYS A 76 -1.08 -11.62 -3.10
C CYS A 76 -0.34 -12.22 -1.91
N PRO A 77 0.97 -12.40 -2.06
CA PRO A 77 1.82 -12.97 -1.00
C PRO A 77 1.98 -12.03 0.18
N GLU A 78 1.76 -10.74 -0.06
CA GLU A 78 1.89 -9.74 1.00
C GLU A 78 0.52 -9.44 1.62
N GLY A 79 -0.40 -10.39 1.51
CA GLY A 79 -1.73 -10.21 2.07
C GLY A 79 -1.69 -10.00 3.57
N ALA A 80 -0.99 -10.88 4.27
CA ALA A 80 -0.89 -10.78 5.72
C ALA A 80 -0.36 -9.41 6.15
N ARG A 81 0.38 -8.77 5.25
CA ARG A 81 0.94 -7.46 5.54
C ARG A 81 -0.03 -6.35 5.18
N VAL A 82 -0.80 -6.56 4.11
CA VAL A 82 -1.78 -5.58 3.67
C VAL A 82 -2.98 -5.53 4.61
N TYR A 83 -3.48 -6.71 4.96
CA TYR A 83 -4.63 -6.80 5.86
C TYR A 83 -4.38 -6.03 7.14
N SER A 84 -3.19 -6.18 7.71
CA SER A 84 -2.82 -5.49 8.94
C SER A 84 -2.93 -3.99 8.77
N GLN A 85 -2.84 -3.53 7.52
CA GLN A 85 -2.92 -2.10 7.23
C GLN A 85 -4.36 -1.68 6.98
N ILE A 86 -5.20 -2.65 6.61
CA ILE A 86 -6.61 -2.37 6.34
C ILE A 86 -7.45 -2.48 7.61
N THR A 87 -7.05 -3.40 8.49
CA THR A 87 -7.77 -3.61 9.75
C THR A 87 -7.86 -2.31 10.55
N VAL A 88 -6.79 -1.51 10.49
CA VAL A 88 -6.75 -0.24 11.21
C VAL A 88 -7.69 0.78 10.58
N GLN A 89 -7.99 0.60 9.29
CA GLN A 89 -8.87 1.50 8.58
C GLN A 89 -10.33 1.24 8.95
N LYS A 90 -10.73 -0.02 8.91
CA LYS A 90 -12.10 -0.40 9.25
C LYS A 90 -12.42 -0.04 10.69
N ALA A 91 -11.50 -0.32 11.60
CA ALA A 91 -11.69 -0.02 13.02
C ALA A 91 -12.01 1.46 13.22
N ALA A 92 -11.54 2.29 12.31
CA ALA A 92 -11.77 3.73 12.39
C ALA A 92 -13.21 4.06 12.02
N LEU A 93 -13.75 3.38 11.01
CA LEU A 93 -15.12 3.61 10.57
C LEU A 93 -16.10 2.92 11.49
N SER A 94 -16.07 1.58 11.51
CA SER A 94 -16.97 0.80 12.34
C SER A 94 -18.43 1.15 12.05
N GLY A 95 -18.76 1.27 10.77
CA GLY A 95 -20.11 1.60 10.38
C GLY A 95 -21.09 0.48 10.68
N PRO A 96 -22.37 0.71 10.37
CA PRO A 96 -23.44 -0.27 10.60
C PRO A 96 -23.32 -1.48 9.68
N SER A 97 -24.23 -2.44 9.85
CA SER A 97 -24.23 -3.65 9.03
C SER A 97 -24.77 -3.35 7.64
N SER A 98 -25.99 -2.83 7.58
CA SER A 98 -26.63 -2.51 6.31
C SER A 98 -27.98 -1.83 6.54
N GLY A 99 -28.05 -0.55 6.19
CA GLY A 99 -29.30 0.19 6.36
C GLY A 99 -29.06 1.59 6.87
N GLY A 1 1.13 43.93 6.04
CA GLY A 1 2.48 44.25 6.48
C GLY A 1 2.68 43.97 7.96
N SER A 2 3.28 42.82 8.26
CA SER A 2 3.53 42.44 9.65
C SER A 2 4.90 41.79 9.79
N SER A 3 5.22 40.88 8.88
CA SER A 3 6.49 40.18 8.90
C SER A 3 7.05 40.01 7.49
N GLY A 4 8.24 39.43 7.40
CA GLY A 4 8.87 39.23 6.10
C GLY A 4 10.38 39.11 6.20
N SER A 5 11.02 38.77 5.08
CA SER A 5 12.46 38.61 5.05
C SER A 5 13.01 38.88 3.65
N SER A 6 14.30 39.20 3.57
CA SER A 6 14.95 39.48 2.29
C SER A 6 16.46 39.38 2.42
N GLY A 7 17.06 38.53 1.60
CA GLY A 7 18.50 38.35 1.62
C GLY A 7 18.99 37.79 2.94
N THR A 8 18.95 36.47 3.07
CA THR A 8 19.38 35.81 4.30
C THR A 8 20.10 34.50 3.99
N ILE A 9 19.47 33.67 3.15
CA ILE A 9 20.04 32.39 2.78
C ILE A 9 20.54 32.41 1.33
N GLY A 10 21.60 31.65 1.06
CA GLY A 10 22.14 31.59 -0.28
C GLY A 10 22.63 30.21 -0.66
N ARG A 11 21.70 29.28 -0.83
CA ARG A 11 22.03 27.90 -1.18
C ARG A 11 21.43 27.54 -2.53
N SER A 12 22.27 27.55 -3.57
CA SER A 12 21.82 27.21 -4.91
C SER A 12 21.31 25.77 -4.98
N ALA A 13 20.55 25.47 -6.03
CA ALA A 13 20.00 24.13 -6.20
C ALA A 13 20.69 23.41 -7.34
N ALA A 14 20.58 23.94 -8.55
CA ALA A 14 21.19 23.34 -9.72
C ALA A 14 20.99 24.22 -10.96
N GLN A 15 21.87 24.06 -11.94
CA GLN A 15 21.79 24.84 -13.17
C GLN A 15 20.77 24.25 -14.13
N LYS A 16 19.70 25.00 -14.39
CA LYS A 16 18.65 24.55 -15.29
C LYS A 16 18.03 23.24 -14.80
N LYS A 17 17.10 22.71 -15.58
CA LYS A 17 16.45 21.45 -15.22
C LYS A 17 15.71 21.58 -13.89
N PHE A 18 15.12 20.47 -13.44
CA PHE A 18 14.39 20.47 -12.17
C PHE A 18 15.27 19.93 -11.05
N HIS A 19 15.06 20.45 -9.84
CA HIS A 19 15.83 20.04 -8.68
C HIS A 19 15.29 20.67 -7.41
N VAL A 20 14.55 19.87 -6.63
CA VAL A 20 13.97 20.36 -5.38
C VAL A 20 14.36 19.45 -4.21
N PRO A 21 14.33 20.02 -2.99
CA PRO A 21 14.67 19.29 -1.77
C PRO A 21 13.62 18.23 -1.42
N ARG A 22 13.99 17.31 -0.54
CA ARG A 22 13.09 16.25 -0.11
C ARG A 22 11.81 16.83 0.48
N GLN A 23 10.76 16.87 -0.31
CA GLN A 23 9.47 17.39 0.13
C GLN A 23 8.59 16.30 0.71
N ASN A 24 7.95 16.59 1.83
CA ASN A 24 7.08 15.63 2.49
C ASN A 24 5.91 15.24 1.59
N VAL A 25 5.25 14.13 1.91
CA VAL A 25 4.12 13.66 1.13
C VAL A 25 2.85 13.61 1.98
N PRO A 26 1.69 13.77 1.33
CA PRO A 26 0.39 13.75 2.00
C PRO A 26 0.02 12.35 2.50
N VAL A 27 -0.95 12.29 3.41
CA VAL A 27 -1.40 11.03 3.96
C VAL A 27 -2.51 10.41 3.12
N ILE A 28 -2.42 9.10 2.92
CA ILE A 28 -3.42 8.39 2.12
C ILE A 28 -4.27 7.48 3.00
N ASN A 29 -5.55 7.38 2.69
CA ASN A 29 -6.47 6.55 3.45
C ASN A 29 -7.66 6.10 2.59
N ILE A 30 -8.25 4.98 2.96
CA ILE A 30 -9.40 4.45 2.22
C ILE A 30 -10.56 4.12 3.15
N THR A 31 -11.76 4.10 2.60
CA THR A 31 -12.95 3.81 3.39
C THR A 31 -13.85 2.80 2.67
N TYR A 32 -14.95 2.42 3.31
CA TYR A 32 -15.88 1.46 2.74
C TYR A 32 -16.53 2.01 1.47
N ASP A 33 -16.45 3.34 1.30
CA ASP A 33 -17.02 3.98 0.12
C ASP A 33 -15.93 4.65 -0.71
N SER A 34 -14.80 3.97 -0.84
CA SER A 34 -13.67 4.50 -1.61
C SER A 34 -13.66 3.91 -3.02
N THR A 35 -12.82 4.48 -3.89
CA THR A 35 -12.70 4.01 -5.26
C THR A 35 -11.55 3.03 -5.42
N PRO A 36 -11.64 2.16 -6.44
CA PRO A 36 -10.61 1.17 -6.72
C PRO A 36 -9.32 1.79 -7.23
N GLU A 37 -9.36 3.09 -7.50
CA GLU A 37 -8.19 3.82 -8.00
C GLU A 37 -7.43 4.48 -6.85
N ASP A 38 -8.14 4.76 -5.76
CA ASP A 38 -7.54 5.39 -4.60
C ASP A 38 -6.81 4.36 -3.74
N VAL A 39 -7.27 3.12 -3.79
CA VAL A 39 -6.66 2.04 -3.01
C VAL A 39 -5.28 1.71 -3.53
N LYS A 40 -5.06 1.91 -4.83
CA LYS A 40 -3.77 1.63 -5.45
C LYS A 40 -2.69 2.53 -4.87
N THR A 41 -3.02 3.80 -4.65
CA THR A 41 -2.07 4.75 -4.09
C THR A 41 -1.89 4.54 -2.60
N TRP A 42 -2.93 4.03 -1.95
CA TRP A 42 -2.89 3.78 -0.51
C TRP A 42 -1.89 2.66 -0.18
N LEU A 43 -1.78 1.70 -1.09
CA LEU A 43 -0.87 0.58 -0.89
C LEU A 43 0.57 0.99 -1.19
N GLN A 44 0.76 1.76 -2.25
CA GLN A 44 2.09 2.22 -2.64
C GLN A 44 2.69 3.12 -1.55
N SER A 45 1.87 4.07 -1.07
CA SER A 45 2.32 4.99 -0.04
C SER A 45 2.93 4.24 1.14
N LYS A 46 2.20 3.25 1.64
CA LYS A 46 2.65 2.46 2.77
C LYS A 46 3.99 1.80 2.46
N GLY A 47 4.23 1.51 1.18
CA GLY A 47 5.47 0.89 0.79
C GLY A 47 5.30 -0.57 0.42
N PHE A 48 4.10 -0.94 -0.01
CA PHE A 48 3.81 -2.30 -0.39
C PHE A 48 4.31 -2.60 -1.80
N ASN A 49 4.76 -3.83 -2.02
CA ASN A 49 5.27 -4.24 -3.32
C ASN A 49 4.27 -3.93 -4.43
N PRO A 50 4.77 -3.78 -5.66
CA PRO A 50 3.93 -3.48 -6.82
C PRO A 50 3.05 -4.66 -7.22
N VAL A 51 3.51 -5.86 -6.90
CA VAL A 51 2.76 -7.08 -7.21
C VAL A 51 1.42 -7.10 -6.50
N THR A 52 1.32 -6.36 -5.40
CA THR A 52 0.09 -6.29 -4.63
C THR A 52 -0.78 -5.12 -5.06
N VAL A 53 -0.15 -3.97 -5.28
CA VAL A 53 -0.86 -2.77 -5.71
C VAL A 53 -1.50 -2.97 -7.08
N ASN A 54 -0.98 -3.93 -7.83
CA ASN A 54 -1.51 -4.23 -9.16
C ASN A 54 -2.73 -5.14 -9.07
N SER A 55 -2.67 -6.11 -8.18
CA SER A 55 -3.77 -7.05 -7.99
C SER A 55 -4.91 -6.41 -7.19
N LEU A 56 -4.55 -5.72 -6.13
CA LEU A 56 -5.54 -5.05 -5.28
C LEU A 56 -5.73 -3.59 -5.69
N GLY A 57 -5.35 -3.29 -6.93
CA GLY A 57 -5.48 -1.93 -7.44
C GLY A 57 -6.70 -1.76 -8.31
N VAL A 58 -7.56 -2.77 -8.35
CA VAL A 58 -8.76 -2.73 -9.16
C VAL A 58 -10.01 -2.81 -8.29
N LEU A 59 -9.84 -3.28 -7.07
CA LEU A 59 -10.96 -3.41 -6.14
C LEU A 59 -11.13 -2.13 -5.32
N ASN A 60 -12.39 -1.71 -5.15
CA ASN A 60 -12.69 -0.50 -4.39
C ASN A 60 -12.47 -0.73 -2.90
N GLY A 61 -12.41 0.36 -2.15
CA GLY A 61 -12.21 0.26 -0.71
C GLY A 61 -13.18 -0.70 -0.05
N ALA A 62 -14.41 -0.70 -0.52
CA ALA A 62 -15.45 -1.57 0.03
C ALA A 62 -15.06 -3.04 -0.13
N GLN A 63 -14.78 -3.45 -1.36
CA GLN A 63 -14.40 -4.82 -1.64
C GLN A 63 -13.13 -5.20 -0.89
N LEU A 64 -12.12 -4.34 -0.98
CA LEU A 64 -10.85 -4.58 -0.30
C LEU A 64 -11.06 -4.74 1.21
N PHE A 65 -11.99 -3.97 1.75
CA PHE A 65 -12.27 -4.02 3.19
C PHE A 65 -12.91 -5.36 3.55
N SER A 66 -13.51 -6.02 2.56
CA SER A 66 -14.17 -7.31 2.78
C SER A 66 -13.14 -8.43 2.84
N LEU A 67 -12.03 -8.26 2.12
CA LEU A 67 -10.97 -9.26 2.08
C LEU A 67 -10.32 -9.42 3.45
N ASN A 68 -9.97 -10.66 3.79
CA ASN A 68 -9.34 -10.95 5.07
C ASN A 68 -7.89 -11.36 4.88
N LYS A 69 -7.21 -11.67 5.99
CA LYS A 69 -5.82 -12.08 5.94
C LYS A 69 -5.63 -13.27 5.01
N ASP A 70 -6.70 -14.05 4.83
CA ASP A 70 -6.66 -15.22 3.96
C ASP A 70 -6.83 -14.81 2.50
N GLU A 71 -7.97 -14.19 2.20
CA GLU A 71 -8.26 -13.75 0.84
C GLU A 71 -7.12 -12.90 0.27
N LEU A 72 -6.60 -12.00 1.11
CA LEU A 72 -5.50 -11.14 0.70
C LEU A 72 -4.21 -11.92 0.52
N ARG A 73 -4.04 -12.95 1.34
CA ARG A 73 -2.85 -13.79 1.28
C ARG A 73 -2.86 -14.65 0.03
N THR A 74 -4.06 -14.90 -0.51
CA THR A 74 -4.20 -15.70 -1.71
C THR A 74 -3.93 -14.89 -2.97
N VAL A 75 -4.52 -13.71 -3.04
CA VAL A 75 -4.32 -12.82 -4.19
C VAL A 75 -2.88 -12.36 -4.29
N CYS A 76 -2.26 -12.12 -3.14
CA CYS A 76 -0.87 -11.67 -3.09
C CYS A 76 -0.15 -12.25 -1.88
N PRO A 77 1.18 -12.37 -1.99
CA PRO A 77 2.01 -12.90 -0.91
C PRO A 77 2.10 -11.95 0.29
N GLU A 78 1.81 -10.68 0.05
CA GLU A 78 1.86 -9.67 1.09
C GLU A 78 0.47 -9.44 1.69
N GLY A 79 -0.39 -10.45 1.56
CA GLY A 79 -1.74 -10.34 2.09
C GLY A 79 -1.75 -10.03 3.57
N ALA A 80 -1.16 -10.92 4.37
CA ALA A 80 -1.11 -10.73 5.81
C ALA A 80 -0.57 -9.35 6.17
N ARG A 81 0.29 -8.81 5.31
CA ARG A 81 0.87 -7.50 5.53
C ARG A 81 -0.11 -6.39 5.15
N VAL A 82 -0.91 -6.65 4.12
CA VAL A 82 -1.89 -5.68 3.65
C VAL A 82 -3.09 -5.61 4.59
N TYR A 83 -3.63 -6.77 4.93
CA TYR A 83 -4.78 -6.84 5.82
C TYR A 83 -4.52 -6.08 7.12
N SER A 84 -3.33 -6.26 7.66
CA SER A 84 -2.95 -5.60 8.90
C SER A 84 -3.01 -4.08 8.75
N GLN A 85 -2.87 -3.61 7.52
CA GLN A 85 -2.91 -2.18 7.23
C GLN A 85 -4.34 -1.72 6.95
N ILE A 86 -5.20 -2.65 6.58
CA ILE A 86 -6.59 -2.34 6.30
C ILE A 86 -7.45 -2.45 7.56
N THR A 87 -7.05 -3.34 8.46
CA THR A 87 -7.78 -3.54 9.71
C THR A 87 -7.84 -2.25 10.53
N VAL A 88 -6.80 -1.44 10.43
CA VAL A 88 -6.74 -0.18 11.14
C VAL A 88 -7.67 0.86 10.52
N GLN A 89 -7.98 0.67 9.24
CA GLN A 89 -8.87 1.60 8.53
C GLN A 89 -10.33 1.36 8.91
N LYS A 90 -10.74 0.09 8.88
CA LYS A 90 -12.11 -0.28 9.23
C LYS A 90 -12.43 0.09 10.67
N ALA A 91 -11.47 -0.15 11.56
CA ALA A 91 -11.65 0.16 12.98
C ALA A 91 -11.89 1.65 13.18
N ALA A 92 -11.37 2.47 12.26
CA ALA A 92 -11.53 3.91 12.35
C ALA A 92 -12.96 4.33 12.00
N LEU A 93 -13.55 3.61 11.05
CA LEU A 93 -14.92 3.92 10.62
C LEU A 93 -15.93 3.31 11.57
N SER A 94 -15.87 1.99 11.74
CA SER A 94 -16.79 1.29 12.64
C SER A 94 -18.24 1.59 12.26
N GLY A 95 -18.63 1.21 11.05
CA GLY A 95 -19.98 1.45 10.60
C GLY A 95 -20.55 0.27 9.84
N PRO A 96 -20.82 -0.83 10.56
CA PRO A 96 -21.37 -2.06 9.97
C PRO A 96 -22.81 -1.88 9.53
N SER A 97 -23.01 -1.63 8.23
CA SER A 97 -24.35 -1.45 7.68
C SER A 97 -24.43 -1.96 6.26
N SER A 98 -25.63 -1.98 5.70
CA SER A 98 -25.85 -2.46 4.34
C SER A 98 -25.37 -3.90 4.19
N GLY A 99 -25.87 -4.78 5.05
CA GLY A 99 -25.48 -6.18 5.00
C GLY A 99 -25.37 -6.80 6.37
N GLY A 1 21.00 31.05 -23.01
CA GLY A 1 21.03 30.35 -24.27
C GLY A 1 22.00 29.18 -24.26
N SER A 2 21.77 28.21 -25.14
CA SER A 2 22.63 27.04 -25.22
C SER A 2 22.88 26.65 -26.68
N SER A 3 24.08 26.15 -26.96
CA SER A 3 24.45 25.74 -28.31
C SER A 3 25.34 24.51 -28.28
N GLY A 4 24.86 23.42 -28.85
CA GLY A 4 25.63 22.19 -28.88
C GLY A 4 26.15 21.87 -30.27
N SER A 5 26.82 20.73 -30.39
CA SER A 5 27.38 20.30 -31.68
C SER A 5 26.44 19.33 -32.38
N SER A 6 25.20 19.77 -32.61
CA SER A 6 24.21 18.93 -33.27
C SER A 6 23.15 19.79 -33.97
N GLY A 7 22.72 20.85 -33.29
CA GLY A 7 21.73 21.74 -33.86
C GLY A 7 20.44 21.01 -34.21
N THR A 8 19.67 20.66 -33.19
CA THR A 8 18.42 19.96 -33.39
C THR A 8 17.23 20.92 -33.40
N ILE A 9 16.61 21.07 -34.57
CA ILE A 9 15.47 21.97 -34.70
C ILE A 9 14.30 21.52 -33.84
N GLY A 10 14.22 20.21 -33.59
CA GLY A 10 13.15 19.67 -32.78
C GLY A 10 13.15 20.24 -31.37
N ARG A 11 12.03 20.83 -30.97
CA ARG A 11 11.91 21.42 -29.65
C ARG A 11 11.48 20.37 -28.63
N SER A 12 12.07 20.44 -27.44
CA SER A 12 11.76 19.49 -26.38
C SER A 12 12.46 19.88 -25.07
N ALA A 13 11.70 20.46 -24.16
CA ALA A 13 12.25 20.88 -22.87
C ALA A 13 11.47 20.27 -21.71
N ALA A 14 11.27 18.95 -21.77
CA ALA A 14 10.54 18.25 -20.73
C ALA A 14 11.30 17.01 -20.27
N GLN A 15 12.61 17.16 -20.06
CA GLN A 15 13.45 16.07 -19.61
C GLN A 15 12.98 15.52 -18.27
N LYS A 16 12.94 14.20 -18.16
CA LYS A 16 12.50 13.55 -16.92
C LYS A 16 13.62 12.68 -16.34
N LYS A 17 13.41 12.22 -15.12
CA LYS A 17 14.40 11.37 -14.45
C LYS A 17 13.74 10.11 -13.88
N PHE A 18 14.55 9.25 -13.28
CA PHE A 18 14.05 8.02 -12.69
C PHE A 18 13.27 8.30 -11.40
N HIS A 19 12.01 7.89 -11.39
CA HIS A 19 11.14 8.11 -10.22
C HIS A 19 10.95 9.59 -9.96
N VAL A 20 10.03 9.91 -9.06
CA VAL A 20 9.74 11.29 -8.71
C VAL A 20 9.92 11.54 -7.20
N PRO A 21 10.18 12.80 -6.84
CA PRO A 21 10.37 13.19 -5.44
C PRO A 21 9.08 13.12 -4.63
N ARG A 22 8.98 12.10 -3.78
CA ARG A 22 7.80 11.92 -2.95
C ARG A 22 8.01 12.51 -1.56
N GLN A 23 8.75 13.61 -1.49
CA GLN A 23 9.03 14.27 -0.23
C GLN A 23 7.90 15.22 0.15
N ASN A 24 7.56 15.25 1.44
CA ASN A 24 6.49 16.11 1.93
C ASN A 24 5.18 15.81 1.22
N VAL A 25 4.72 14.58 1.34
CA VAL A 25 3.47 14.16 0.71
C VAL A 25 2.37 13.95 1.75
N PRO A 26 1.11 14.14 1.32
CA PRO A 26 -0.06 13.98 2.20
C PRO A 26 -0.29 12.52 2.57
N VAL A 27 -1.10 12.31 3.61
CA VAL A 27 -1.42 10.96 4.06
C VAL A 27 -2.54 10.35 3.23
N ILE A 28 -2.40 9.07 2.89
CA ILE A 28 -3.41 8.37 2.10
C ILE A 28 -4.24 7.44 2.98
N ASN A 29 -5.54 7.36 2.67
CA ASN A 29 -6.45 6.51 3.44
C ASN A 29 -7.64 6.09 2.58
N ILE A 30 -8.24 4.96 2.94
CA ILE A 30 -9.40 4.45 2.21
C ILE A 30 -10.55 4.12 3.15
N THR A 31 -11.76 4.08 2.60
CA THR A 31 -12.95 3.78 3.39
C THR A 31 -13.83 2.76 2.69
N TYR A 32 -14.93 2.39 3.34
CA TYR A 32 -15.87 1.42 2.78
C TYR A 32 -16.52 1.97 1.50
N ASP A 33 -16.44 3.27 1.32
CA ASP A 33 -17.02 3.92 0.15
C ASP A 33 -15.94 4.58 -0.70
N SER A 34 -14.80 3.91 -0.83
CA SER A 34 -13.69 4.45 -1.61
C SER A 34 -13.67 3.85 -3.01
N THR A 35 -12.85 4.43 -3.88
CA THR A 35 -12.74 3.95 -5.26
C THR A 35 -11.57 2.98 -5.41
N PRO A 36 -11.64 2.11 -6.42
CA PRO A 36 -10.60 1.12 -6.70
C PRO A 36 -9.32 1.76 -7.23
N GLU A 37 -9.38 3.05 -7.51
CA GLU A 37 -8.23 3.79 -8.02
C GLU A 37 -7.48 4.47 -6.89
N ASP A 38 -8.19 4.75 -5.80
CA ASP A 38 -7.59 5.41 -4.65
C ASP A 38 -6.84 4.40 -3.77
N VAL A 39 -7.30 3.15 -3.80
CA VAL A 39 -6.67 2.10 -3.02
C VAL A 39 -5.27 1.78 -3.53
N LYS A 40 -5.10 1.86 -4.84
CA LYS A 40 -3.81 1.59 -5.47
C LYS A 40 -2.73 2.49 -4.89
N THR A 41 -3.06 3.76 -4.69
CA THR A 41 -2.11 4.72 -4.14
C THR A 41 -1.92 4.52 -2.64
N TRP A 42 -2.97 4.02 -1.99
CA TRP A 42 -2.92 3.77 -0.54
C TRP A 42 -1.92 2.67 -0.22
N LEU A 43 -1.81 1.69 -1.10
CA LEU A 43 -0.89 0.58 -0.90
C LEU A 43 0.54 1.00 -1.18
N GLN A 44 0.73 1.78 -2.25
CA GLN A 44 2.07 2.25 -2.62
C GLN A 44 2.64 3.16 -1.55
N SER A 45 1.82 4.09 -1.06
CA SER A 45 2.24 5.03 -0.03
C SER A 45 2.86 4.28 1.16
N LYS A 46 2.15 3.27 1.64
CA LYS A 46 2.62 2.48 2.77
C LYS A 46 3.97 1.84 2.47
N GLY A 47 4.21 1.54 1.19
CA GLY A 47 5.46 0.94 0.79
C GLY A 47 5.30 -0.52 0.43
N PHE A 48 4.11 -0.89 -0.01
CA PHE A 48 3.82 -2.28 -0.40
C PHE A 48 4.33 -2.57 -1.80
N ASN A 49 4.81 -3.79 -2.02
CA ASN A 49 5.32 -4.20 -3.32
C ASN A 49 4.31 -3.90 -4.42
N PRO A 50 4.81 -3.74 -5.66
CA PRO A 50 3.97 -3.45 -6.81
C PRO A 50 3.10 -4.64 -7.22
N VAL A 51 3.57 -5.84 -6.89
CA VAL A 51 2.84 -7.06 -7.21
C VAL A 51 1.49 -7.10 -6.50
N THR A 52 1.39 -6.35 -5.40
CA THR A 52 0.16 -6.30 -4.63
C THR A 52 -0.73 -5.14 -5.08
N VAL A 53 -0.10 -3.98 -5.29
CA VAL A 53 -0.84 -2.79 -5.71
C VAL A 53 -1.47 -3.00 -7.08
N ASN A 54 -0.94 -3.95 -7.84
CA ASN A 54 -1.46 -4.25 -9.16
C ASN A 54 -2.67 -5.18 -9.07
N SER A 55 -2.61 -6.16 -8.17
CA SER A 55 -3.69 -7.10 -7.99
C SER A 55 -4.84 -6.47 -7.20
N LEU A 56 -4.50 -5.77 -6.13
CA LEU A 56 -5.49 -5.12 -5.29
C LEU A 56 -5.69 -3.67 -5.72
N GLY A 57 -5.30 -3.35 -6.95
CA GLY A 57 -5.45 -2.01 -7.45
C GLY A 57 -6.68 -1.85 -8.33
N VAL A 58 -7.52 -2.87 -8.36
CA VAL A 58 -8.74 -2.84 -9.17
C VAL A 58 -9.98 -2.92 -8.29
N LEU A 59 -9.79 -3.33 -7.04
CA LEU A 59 -10.91 -3.46 -6.10
C LEU A 59 -11.09 -2.18 -5.31
N ASN A 60 -12.34 -1.77 -5.11
CA ASN A 60 -12.65 -0.56 -4.36
C ASN A 60 -12.42 -0.78 -2.87
N GLY A 61 -12.36 0.32 -2.12
CA GLY A 61 -12.15 0.23 -0.69
C GLY A 61 -13.11 -0.72 -0.01
N ALA A 62 -14.36 -0.73 -0.49
CA ALA A 62 -15.38 -1.61 0.07
C ALA A 62 -14.98 -3.08 -0.06
N GLN A 63 -14.71 -3.49 -1.29
CA GLN A 63 -14.31 -4.88 -1.56
C GLN A 63 -13.05 -5.24 -0.80
N LEU A 64 -12.03 -4.39 -0.91
CA LEU A 64 -10.76 -4.62 -0.23
C LEU A 64 -10.97 -4.77 1.27
N PHE A 65 -11.89 -3.99 1.82
CA PHE A 65 -12.19 -4.04 3.25
C PHE A 65 -12.82 -5.38 3.62
N SER A 66 -13.41 -6.04 2.64
CA SER A 66 -14.05 -7.33 2.87
C SER A 66 -13.03 -8.46 2.86
N LEU A 67 -11.94 -8.26 2.13
CA LEU A 67 -10.88 -9.26 2.05
C LEU A 67 -10.18 -9.44 3.39
N ASN A 68 -10.14 -10.67 3.88
CA ASN A 68 -9.50 -10.98 5.15
C ASN A 68 -8.03 -11.35 4.94
N LYS A 69 -7.37 -11.75 6.02
CA LYS A 69 -5.97 -12.14 5.97
C LYS A 69 -5.78 -13.32 5.01
N ASP A 70 -6.85 -14.07 4.78
CA ASP A 70 -6.79 -15.22 3.89
C ASP A 70 -6.93 -14.79 2.43
N GLU A 71 -8.06 -14.16 2.11
CA GLU A 71 -8.32 -13.71 0.75
C GLU A 71 -7.17 -12.86 0.23
N LEU A 72 -6.67 -11.97 1.08
CA LEU A 72 -5.56 -11.09 0.71
C LEU A 72 -4.27 -11.89 0.54
N ARG A 73 -4.13 -12.96 1.33
CA ARG A 73 -2.95 -13.80 1.27
C ARG A 73 -2.94 -14.65 0.01
N THR A 74 -4.13 -14.86 -0.56
CA THR A 74 -4.27 -15.65 -1.77
C THR A 74 -3.97 -14.82 -3.01
N VAL A 75 -4.58 -13.65 -3.09
CA VAL A 75 -4.37 -12.74 -4.22
C VAL A 75 -2.92 -12.31 -4.32
N CYS A 76 -2.28 -12.12 -3.17
CA CYS A 76 -0.88 -11.69 -3.12
C CYS A 76 -0.18 -12.29 -1.91
N PRO A 77 1.15 -12.43 -2.01
CA PRO A 77 1.98 -12.99 -0.94
C PRO A 77 2.07 -12.06 0.26
N GLU A 78 1.83 -10.77 0.02
CA GLU A 78 1.90 -9.77 1.08
C GLU A 78 0.51 -9.50 1.67
N GLY A 79 -0.37 -10.49 1.55
CA GLY A 79 -1.72 -10.35 2.07
C GLY A 79 -1.74 -10.04 3.55
N ALA A 80 -1.15 -10.92 4.35
CA ALA A 80 -1.10 -10.74 5.79
C ALA A 80 -0.57 -9.35 6.15
N ARG A 81 0.30 -8.82 5.29
CA ARG A 81 0.88 -7.51 5.52
C ARG A 81 -0.09 -6.40 5.14
N VAL A 82 -0.89 -6.65 4.11
CA VAL A 82 -1.87 -5.68 3.64
C VAL A 82 -3.07 -5.62 4.57
N TYR A 83 -3.62 -6.77 4.91
CA TYR A 83 -4.78 -6.84 5.79
C TYR A 83 -4.51 -6.10 7.10
N SER A 84 -3.30 -6.28 7.64
CA SER A 84 -2.92 -5.64 8.88
C SER A 84 -2.97 -4.12 8.74
N GLN A 85 -2.87 -3.63 7.51
CA GLN A 85 -2.91 -2.20 7.25
C GLN A 85 -4.33 -1.73 7.00
N ILE A 86 -5.20 -2.65 6.61
CA ILE A 86 -6.60 -2.34 6.34
C ILE A 86 -7.43 -2.44 7.62
N THR A 87 -7.01 -3.31 8.53
CA THR A 87 -7.72 -3.50 9.79
C THR A 87 -7.81 -2.20 10.57
N VAL A 88 -6.79 -1.35 10.44
CA VAL A 88 -6.75 -0.07 11.14
C VAL A 88 -7.69 0.93 10.49
N GLN A 89 -7.99 0.71 9.20
CA GLN A 89 -8.88 1.60 8.46
C GLN A 89 -10.33 1.36 8.85
N LYS A 90 -10.72 0.10 8.90
CA LYS A 90 -12.08 -0.27 9.25
C LYS A 90 -12.39 0.11 10.70
N ALA A 91 -11.44 -0.13 11.59
CA ALA A 91 -11.60 0.18 13.00
C ALA A 91 -11.87 1.67 13.21
N ALA A 92 -11.41 2.48 12.26
CA ALA A 92 -11.61 3.93 12.33
C ALA A 92 -13.05 4.30 12.00
N LEU A 93 -13.61 3.64 10.99
CA LEU A 93 -14.97 3.91 10.57
C LEU A 93 -15.98 3.28 11.54
N SER A 94 -15.79 1.99 11.81
CA SER A 94 -16.68 1.27 12.72
C SER A 94 -16.38 1.64 14.17
N GLY A 95 -17.39 1.50 15.03
CA GLY A 95 -17.21 1.82 16.44
C GLY A 95 -18.41 2.55 17.01
N PRO A 96 -18.57 3.83 16.64
CA PRO A 96 -19.67 4.66 17.13
C PRO A 96 -21.02 4.24 16.54
N SER A 97 -22.07 4.37 17.34
CA SER A 97 -23.41 3.99 16.90
C SER A 97 -24.47 4.55 17.85
N SER A 98 -25.41 5.30 17.29
CA SER A 98 -26.48 5.90 18.08
C SER A 98 -27.65 6.32 17.19
N GLY A 99 -28.82 5.79 17.48
CA GLY A 99 -30.00 6.13 16.69
C GLY A 99 -30.97 7.02 17.44
N GLY A 1 18.75 25.37 -14.55
CA GLY A 1 18.58 26.76 -14.19
C GLY A 1 18.77 27.70 -15.36
N SER A 2 17.75 28.51 -15.65
CA SER A 2 17.81 29.46 -16.75
C SER A 2 17.72 30.90 -16.25
N SER A 3 17.91 31.85 -17.16
CA SER A 3 17.86 33.26 -16.80
C SER A 3 16.42 33.75 -16.76
N GLY A 4 16.04 34.38 -15.64
CA GLY A 4 14.69 34.89 -15.50
C GLY A 4 13.66 33.78 -15.39
N SER A 5 14.05 32.67 -14.77
CA SER A 5 13.15 31.54 -14.62
C SER A 5 13.36 30.86 -13.27
N SER A 6 12.32 30.22 -12.75
CA SER A 6 12.38 29.53 -11.48
C SER A 6 12.93 30.46 -10.39
N GLY A 7 12.62 31.75 -10.51
CA GLY A 7 13.08 32.71 -9.54
C GLY A 7 11.97 33.20 -8.62
N THR A 8 11.54 32.33 -7.71
CA THR A 8 10.48 32.68 -6.78
C THR A 8 11.02 33.46 -5.59
N ILE A 9 10.13 34.10 -4.85
CA ILE A 9 10.51 34.88 -3.69
C ILE A 9 9.84 34.36 -2.42
N GLY A 10 10.59 34.31 -1.32
CA GLY A 10 10.06 33.83 -0.07
C GLY A 10 11.09 33.78 1.03
N ARG A 11 10.63 33.76 2.27
CA ARG A 11 11.53 33.71 3.42
C ARG A 11 12.13 32.32 3.59
N SER A 12 13.45 32.27 3.72
CA SER A 12 14.15 31.00 3.88
C SER A 12 15.50 31.21 4.56
N ALA A 13 16.11 30.11 5.00
CA ALA A 13 17.40 30.17 5.67
C ALA A 13 18.43 29.28 4.97
N ALA A 14 19.69 29.68 5.03
CA ALA A 14 20.76 28.92 4.41
C ALA A 14 20.78 27.48 4.91
N GLN A 15 21.07 26.54 4.00
CA GLN A 15 21.11 25.13 4.35
C GLN A 15 22.54 24.64 4.48
N LYS A 16 22.82 23.90 5.55
CA LYS A 16 24.16 23.37 5.79
C LYS A 16 24.12 22.22 6.80
N LYS A 17 24.19 21.00 6.30
CA LYS A 17 24.17 19.82 7.16
C LYS A 17 22.86 19.75 7.95
N PHE A 18 21.75 20.02 7.27
CA PHE A 18 20.44 19.99 7.90
C PHE A 18 19.50 19.02 7.16
N HIS A 19 19.00 18.03 7.88
CA HIS A 19 18.09 17.05 7.29
C HIS A 19 16.82 17.73 6.78
N VAL A 20 16.50 17.48 5.51
CA VAL A 20 15.31 18.06 4.90
C VAL A 20 14.31 16.97 4.50
N PRO A 21 13.03 17.36 4.39
CA PRO A 21 11.96 16.43 4.01
C PRO A 21 12.05 16.02 2.54
N ARG A 22 11.41 14.90 2.21
CA ARG A 22 11.41 14.40 0.84
C ARG A 22 10.10 14.73 0.13
N GLN A 23 9.01 14.21 0.65
CA GLN A 23 7.69 14.46 0.07
C GLN A 23 6.79 15.19 1.05
N ASN A 24 5.90 16.03 0.51
CA ASN A 24 4.97 16.80 1.35
C ASN A 24 3.53 16.47 0.99
N VAL A 25 3.28 15.20 0.65
CA VAL A 25 1.94 14.76 0.29
C VAL A 25 1.14 14.39 1.53
N PRO A 26 -0.19 14.52 1.44
CA PRO A 26 -1.10 14.20 2.55
C PRO A 26 -1.18 12.71 2.82
N VAL A 27 -1.71 12.35 3.98
CA VAL A 27 -1.84 10.95 4.36
C VAL A 27 -2.95 10.26 3.57
N ILE A 28 -2.62 9.15 2.93
CA ILE A 28 -3.59 8.40 2.14
C ILE A 28 -4.43 7.50 3.03
N ASN A 29 -5.72 7.40 2.70
CA ASN A 29 -6.63 6.56 3.47
C ASN A 29 -7.79 6.07 2.60
N ILE A 30 -8.37 4.94 2.98
CA ILE A 30 -9.49 4.36 2.23
C ILE A 30 -10.65 4.01 3.16
N THR A 31 -11.86 3.99 2.60
CA THR A 31 -13.05 3.66 3.37
C THR A 31 -13.92 2.66 2.64
N TYR A 32 -15.02 2.26 3.27
CA TYR A 32 -15.94 1.30 2.67
C TYR A 32 -16.58 1.86 1.40
N ASP A 33 -16.50 3.18 1.24
CA ASP A 33 -17.08 3.84 0.07
C ASP A 33 -15.97 4.51 -0.75
N SER A 34 -14.83 3.84 -0.88
CA SER A 34 -13.71 4.38 -1.64
C SER A 34 -13.67 3.80 -3.04
N THR A 35 -12.84 4.39 -3.90
CA THR A 35 -12.70 3.93 -5.27
C THR A 35 -11.53 2.97 -5.42
N PRO A 36 -11.59 2.10 -6.45
CA PRO A 36 -10.54 1.13 -6.73
C PRO A 36 -9.25 1.78 -7.23
N GLU A 37 -9.32 3.07 -7.48
CA GLU A 37 -8.16 3.81 -7.97
C GLU A 37 -7.42 4.48 -6.82
N ASP A 38 -8.14 4.74 -5.73
CA ASP A 38 -7.56 5.36 -4.55
C ASP A 38 -6.81 4.34 -3.69
N VAL A 39 -7.25 3.09 -3.78
CA VAL A 39 -6.63 2.01 -3.01
C VAL A 39 -5.23 1.70 -3.53
N LYS A 40 -5.02 1.95 -4.83
CA LYS A 40 -3.72 1.70 -5.45
C LYS A 40 -2.64 2.61 -4.86
N THR A 41 -3.00 3.87 -4.65
CA THR A 41 -2.07 4.84 -4.09
C THR A 41 -1.89 4.63 -2.59
N TRP A 42 -2.91 4.09 -1.95
CA TRP A 42 -2.86 3.82 -0.51
C TRP A 42 -1.84 2.72 -0.20
N LEU A 43 -1.71 1.77 -1.10
CA LEU A 43 -0.77 0.66 -0.92
C LEU A 43 0.66 1.11 -1.20
N GLN A 44 0.83 1.89 -2.26
CA GLN A 44 2.15 2.40 -2.63
C GLN A 44 2.72 3.31 -1.54
N SER A 45 1.90 4.24 -1.07
CA SER A 45 2.32 5.17 -0.03
C SER A 45 2.90 4.43 1.17
N LYS A 46 2.16 3.44 1.65
CA LYS A 46 2.60 2.64 2.79
C LYS A 46 3.91 1.94 2.50
N GLY A 47 4.21 1.76 1.20
CA GLY A 47 5.44 1.10 0.81
C GLY A 47 5.26 -0.38 0.57
N PHE A 48 4.26 -0.73 -0.23
CA PHE A 48 3.97 -2.13 -0.53
C PHE A 48 4.45 -2.49 -1.93
N ASN A 49 4.88 -3.74 -2.10
CA ASN A 49 5.37 -4.21 -3.39
C ASN A 49 4.36 -3.91 -4.49
N PRO A 50 4.86 -3.83 -5.74
CA PRO A 50 4.02 -3.55 -6.91
C PRO A 50 3.09 -4.71 -7.25
N VAL A 51 3.51 -5.93 -6.90
CA VAL A 51 2.73 -7.12 -7.17
C VAL A 51 1.38 -7.06 -6.45
N THR A 52 1.32 -6.28 -5.37
CA THR A 52 0.10 -6.14 -4.59
C THR A 52 -0.71 -4.95 -5.07
N VAL A 53 -0.04 -3.84 -5.33
CA VAL A 53 -0.70 -2.63 -5.80
C VAL A 53 -1.37 -2.85 -7.15
N ASN A 54 -0.91 -3.87 -7.87
CA ASN A 54 -1.46 -4.20 -9.19
C ASN A 54 -2.65 -5.13 -9.05
N SER A 55 -2.58 -6.05 -8.11
CA SER A 55 -3.65 -7.02 -7.87
C SER A 55 -4.80 -6.37 -7.11
N LEU A 56 -4.47 -5.67 -6.04
CA LEU A 56 -5.48 -5.00 -5.22
C LEU A 56 -5.66 -3.56 -5.66
N GLY A 57 -5.24 -3.26 -6.88
CA GLY A 57 -5.38 -1.90 -7.41
C GLY A 57 -6.59 -1.75 -8.31
N VAL A 58 -7.43 -2.79 -8.35
CA VAL A 58 -8.64 -2.76 -9.17
C VAL A 58 -9.88 -2.85 -8.30
N LEU A 59 -9.72 -3.33 -7.08
CA LEU A 59 -10.84 -3.47 -6.16
C LEU A 59 -11.04 -2.20 -5.34
N ASN A 60 -12.29 -1.80 -5.19
CA ASN A 60 -12.61 -0.59 -4.42
C ASN A 60 -12.40 -0.82 -2.92
N GLY A 61 -12.37 0.27 -2.17
CA GLY A 61 -12.17 0.15 -0.73
C GLY A 61 -13.13 -0.81 -0.08
N ALA A 62 -14.37 -0.82 -0.57
CA ALA A 62 -15.40 -1.71 -0.03
C ALA A 62 -14.99 -3.17 -0.19
N GLN A 63 -14.71 -3.57 -1.43
CA GLN A 63 -14.32 -4.94 -1.72
C GLN A 63 -13.05 -5.31 -0.95
N LEU A 64 -12.05 -4.44 -1.01
CA LEU A 64 -10.78 -4.69 -0.33
C LEU A 64 -11.00 -4.86 1.16
N PHE A 65 -11.93 -4.09 1.72
CA PHE A 65 -12.23 -4.15 3.14
C PHE A 65 -12.87 -5.50 3.50
N SER A 66 -13.44 -6.16 2.50
CA SER A 66 -14.09 -7.46 2.70
C SER A 66 -13.04 -8.57 2.80
N LEU A 67 -11.93 -8.38 2.11
CA LEU A 67 -10.85 -9.38 2.12
C LEU A 67 -10.13 -9.39 3.46
N ASN A 68 -9.90 -10.58 3.99
CA ASN A 68 -9.22 -10.72 5.28
C ASN A 68 -7.80 -11.25 5.08
N LYS A 69 -7.15 -11.60 6.18
CA LYS A 69 -5.78 -12.13 6.13
C LYS A 69 -5.68 -13.27 5.14
N ASP A 70 -6.77 -14.03 4.99
CA ASP A 70 -6.79 -15.16 4.08
C ASP A 70 -7.01 -14.68 2.64
N GLU A 71 -8.14 -14.02 2.40
CA GLU A 71 -8.46 -13.52 1.07
C GLU A 71 -7.30 -12.71 0.50
N LEU A 72 -6.76 -11.81 1.30
CA LEU A 72 -5.64 -10.97 0.88
C LEU A 72 -4.40 -11.81 0.64
N ARG A 73 -4.28 -12.92 1.35
CA ARG A 73 -3.14 -13.82 1.21
C ARG A 73 -3.29 -14.70 -0.02
N THR A 74 -4.53 -14.93 -0.43
CA THR A 74 -4.80 -15.76 -1.60
C THR A 74 -4.61 -14.97 -2.89
N VAL A 75 -4.81 -13.66 -2.82
CA VAL A 75 -4.67 -12.79 -3.98
C VAL A 75 -3.21 -12.42 -4.21
N CYS A 76 -2.47 -12.28 -3.12
CA CYS A 76 -1.05 -11.92 -3.19
C CYS A 76 -0.29 -12.43 -1.97
N PRO A 77 1.04 -12.54 -2.11
CA PRO A 77 1.90 -13.01 -1.02
C PRO A 77 2.00 -12.01 0.13
N GLU A 78 1.72 -10.74 -0.18
CA GLU A 78 1.77 -9.70 0.83
C GLU A 78 0.39 -9.45 1.43
N GLY A 79 -0.44 -10.48 1.43
CA GLY A 79 -1.77 -10.36 1.98
C GLY A 79 -1.77 -10.01 3.45
N ALA A 80 -1.16 -10.88 4.26
CA ALA A 80 -1.07 -10.66 5.70
C ALA A 80 -0.47 -9.30 6.02
N ARG A 81 0.36 -8.80 5.10
CA ARG A 81 1.01 -7.51 5.28
C ARG A 81 0.05 -6.36 4.96
N VAL A 82 -0.90 -6.63 4.07
CA VAL A 82 -1.88 -5.62 3.68
C VAL A 82 -3.05 -5.59 4.64
N TYR A 83 -3.55 -6.77 5.01
CA TYR A 83 -4.67 -6.87 5.93
C TYR A 83 -4.40 -6.09 7.21
N SER A 84 -3.21 -6.28 7.78
CA SER A 84 -2.83 -5.59 9.00
C SER A 84 -2.87 -4.08 8.82
N GLN A 85 -2.79 -3.65 7.57
CA GLN A 85 -2.82 -2.22 7.24
C GLN A 85 -4.24 -1.74 7.00
N ILE A 86 -5.11 -2.67 6.63
CA ILE A 86 -6.51 -2.34 6.37
C ILE A 86 -7.34 -2.41 7.64
N THR A 87 -6.95 -3.31 8.55
CA THR A 87 -7.66 -3.48 9.81
C THR A 87 -7.77 -2.15 10.56
N VAL A 88 -6.73 -1.32 10.45
CA VAL A 88 -6.71 -0.03 11.11
C VAL A 88 -7.68 0.94 10.47
N GLN A 89 -7.96 0.72 9.18
CA GLN A 89 -8.88 1.58 8.44
C GLN A 89 -10.33 1.25 8.79
N LYS A 90 -10.66 -0.03 8.76
CA LYS A 90 -12.01 -0.49 9.08
C LYS A 90 -12.38 -0.13 10.52
N ALA A 91 -11.46 -0.36 11.44
CA ALA A 91 -11.69 -0.06 12.84
C ALA A 91 -11.93 1.43 13.06
N ALA A 92 -11.40 2.24 12.14
CA ALA A 92 -11.56 3.69 12.23
C ALA A 92 -12.98 4.11 11.89
N LEU A 93 -13.58 3.42 10.93
CA LEU A 93 -14.95 3.72 10.51
C LEU A 93 -15.96 3.09 11.46
N SER A 94 -15.96 1.76 11.52
CA SER A 94 -16.89 1.04 12.39
C SER A 94 -16.58 1.33 13.86
N GLY A 95 -17.51 0.94 14.73
CA GLY A 95 -17.32 1.16 16.15
C GLY A 95 -16.56 0.04 16.82
N PRO A 96 -17.23 -1.11 17.02
CA PRO A 96 -16.63 -2.28 17.65
C PRO A 96 -15.57 -2.94 16.77
N SER A 97 -14.48 -3.39 17.39
CA SER A 97 -13.40 -4.03 16.66
C SER A 97 -13.77 -5.46 16.30
N SER A 98 -13.48 -5.84 15.06
CA SER A 98 -13.77 -7.19 14.58
C SER A 98 -12.93 -8.22 15.31
N GLY A 99 -13.59 -9.15 16.00
CA GLY A 99 -12.87 -10.18 16.73
C GLY A 99 -12.49 -9.75 18.12
N GLY A 1 33.90 -24.88 -22.54
CA GLY A 1 33.68 -23.65 -23.28
C GLY A 1 33.50 -22.45 -22.37
N SER A 2 33.53 -21.26 -22.96
CA SER A 2 33.37 -20.03 -22.19
C SER A 2 32.78 -18.93 -23.06
N SER A 3 31.67 -18.35 -22.61
CA SER A 3 31.00 -17.28 -23.34
C SER A 3 31.85 -16.01 -23.35
N GLY A 4 32.12 -15.49 -24.54
CA GLY A 4 32.91 -14.29 -24.66
C GLY A 4 34.31 -14.57 -25.17
N SER A 5 35.05 -13.51 -25.50
CA SER A 5 36.40 -13.64 -26.01
C SER A 5 37.30 -12.55 -25.43
N SER A 6 36.88 -11.31 -25.56
CA SER A 6 37.65 -10.18 -25.06
C SER A 6 37.12 -9.72 -23.70
N GLY A 7 35.80 -9.66 -23.58
CA GLY A 7 35.19 -9.24 -22.33
C GLY A 7 34.99 -7.74 -22.27
N THR A 8 33.82 -7.27 -22.69
CA THR A 8 33.52 -5.85 -22.67
C THR A 8 32.22 -5.57 -21.92
N ILE A 9 32.29 -4.66 -20.96
CA ILE A 9 31.12 -4.30 -20.17
C ILE A 9 30.51 -2.98 -20.65
N GLY A 10 29.18 -2.96 -20.74
CA GLY A 10 28.50 -1.75 -21.19
C GLY A 10 28.89 -0.53 -20.38
N ARG A 11 28.35 -0.42 -19.17
CA ARG A 11 28.64 0.71 -18.30
C ARG A 11 29.59 0.29 -17.17
N SER A 12 30.40 1.24 -16.71
CA SER A 12 31.35 0.97 -15.64
C SER A 12 30.90 1.61 -14.34
N ALA A 13 29.72 1.22 -13.87
CA ALA A 13 29.17 1.76 -12.64
C ALA A 13 28.42 0.68 -11.86
N ALA A 14 28.85 -0.56 -12.01
CA ALA A 14 28.22 -1.68 -11.32
C ALA A 14 26.82 -1.94 -11.86
N GLN A 15 25.86 -1.11 -11.45
CA GLN A 15 24.48 -1.25 -11.90
C GLN A 15 24.06 -0.05 -12.75
N LYS A 16 23.19 -0.30 -13.71
CA LYS A 16 22.70 0.75 -14.60
C LYS A 16 21.27 1.12 -14.26
N LYS A 17 20.98 1.28 -12.97
CA LYS A 17 19.64 1.63 -12.51
C LYS A 17 19.46 3.15 -12.51
N PHE A 18 18.24 3.58 -12.77
CA PHE A 18 17.93 5.01 -12.81
C PHE A 18 17.90 5.59 -11.40
N HIS A 19 18.55 6.74 -11.23
CA HIS A 19 18.61 7.40 -9.93
C HIS A 19 17.82 8.71 -9.95
N VAL A 20 16.74 8.75 -9.19
CA VAL A 20 15.90 9.95 -9.12
C VAL A 20 15.62 10.34 -7.67
N PRO A 21 15.32 11.63 -7.45
CA PRO A 21 15.01 12.15 -6.12
C PRO A 21 13.68 11.65 -5.58
N ARG A 22 13.50 11.75 -4.27
CA ARG A 22 12.27 11.30 -3.63
C ARG A 22 11.66 12.41 -2.79
N GLN A 23 10.52 12.94 -3.25
CA GLN A 23 9.83 14.02 -2.55
C GLN A 23 8.83 13.45 -1.54
N ASN A 24 8.54 14.22 -0.50
CA ASN A 24 7.59 13.80 0.53
C ASN A 24 6.17 13.77 -0.03
N VAL A 25 5.37 12.82 0.45
CA VAL A 25 3.99 12.69 0.00
C VAL A 25 3.02 12.77 1.18
N PRO A 26 1.79 13.23 0.90
CA PRO A 26 0.76 13.38 1.92
C PRO A 26 0.24 12.02 2.41
N VAL A 27 -0.44 12.03 3.55
CA VAL A 27 -0.99 10.80 4.12
C VAL A 27 -2.15 10.28 3.28
N ILE A 28 -2.19 8.97 3.10
CA ILE A 28 -3.25 8.33 2.32
C ILE A 28 -4.10 7.41 3.19
N ASN A 29 -5.39 7.33 2.87
CA ASN A 29 -6.32 6.49 3.62
C ASN A 29 -7.49 6.07 2.75
N ILE A 30 -8.08 4.93 3.08
CA ILE A 30 -9.22 4.41 2.34
C ILE A 30 -10.38 4.08 3.27
N THR A 31 -11.59 4.08 2.71
CA THR A 31 -12.79 3.78 3.48
C THR A 31 -13.69 2.79 2.75
N TYR A 32 -14.79 2.41 3.39
CA TYR A 32 -15.73 1.47 2.80
C TYR A 32 -16.38 2.06 1.55
N ASP A 33 -16.29 3.38 1.41
CA ASP A 33 -16.86 4.06 0.26
C ASP A 33 -15.78 4.73 -0.59
N SER A 34 -14.66 4.02 -0.74
CA SER A 34 -13.55 4.54 -1.52
C SER A 34 -13.56 3.98 -2.94
N THR A 35 -12.73 4.54 -3.81
CA THR A 35 -12.65 4.10 -5.19
C THR A 35 -11.50 3.12 -5.39
N PRO A 36 -11.60 2.27 -6.42
CA PRO A 36 -10.58 1.27 -6.74
C PRO A 36 -9.30 1.91 -7.27
N GLU A 37 -9.36 3.21 -7.52
CA GLU A 37 -8.20 3.93 -8.04
C GLU A 37 -7.40 4.57 -6.90
N ASP A 38 -8.08 4.83 -5.78
CA ASP A 38 -7.43 5.43 -4.63
C ASP A 38 -6.62 4.38 -3.86
N VAL A 39 -7.15 3.17 -3.78
CA VAL A 39 -6.48 2.08 -3.08
C VAL A 39 -5.09 1.84 -3.65
N LYS A 40 -4.97 1.95 -4.96
CA LYS A 40 -3.69 1.74 -5.64
C LYS A 40 -2.60 2.59 -5.01
N THR A 41 -2.92 3.86 -4.75
CA THR A 41 -1.96 4.78 -4.15
C THR A 41 -1.80 4.52 -2.66
N TRP A 42 -2.89 4.12 -2.01
CA TRP A 42 -2.87 3.83 -0.58
C TRP A 42 -1.90 2.69 -0.27
N LEU A 43 -1.81 1.74 -1.19
CA LEU A 43 -0.93 0.60 -1.02
C LEU A 43 0.53 0.99 -1.27
N GLN A 44 0.75 1.79 -2.30
CA GLN A 44 2.09 2.24 -2.66
C GLN A 44 2.64 3.18 -1.59
N SER A 45 1.81 4.10 -1.12
CA SER A 45 2.22 5.05 -0.10
C SER A 45 2.81 4.33 1.11
N LYS A 46 2.11 3.33 1.60
CA LYS A 46 2.56 2.55 2.75
C LYS A 46 3.90 1.90 2.47
N GLY A 47 4.16 1.60 1.20
CA GLY A 47 5.41 0.97 0.82
C GLY A 47 5.24 -0.51 0.51
N PHE A 48 4.12 -0.86 -0.10
CA PHE A 48 3.84 -2.25 -0.45
C PHE A 48 4.33 -2.56 -1.86
N ASN A 49 4.78 -3.79 -2.06
CA ASN A 49 5.28 -4.22 -3.36
C ASN A 49 4.26 -3.94 -4.45
N PRO A 50 4.74 -3.80 -5.70
CA PRO A 50 3.89 -3.54 -6.86
C PRO A 50 3.01 -4.74 -7.23
N VAL A 51 3.50 -5.93 -6.91
CA VAL A 51 2.77 -7.15 -7.20
C VAL A 51 1.43 -7.18 -6.48
N THR A 52 1.33 -6.42 -5.40
CA THR A 52 0.10 -6.35 -4.62
C THR A 52 -0.78 -5.20 -5.08
N VAL A 53 -0.18 -4.04 -5.29
CA VAL A 53 -0.92 -2.87 -5.75
C VAL A 53 -1.55 -3.10 -7.11
N ASN A 54 -1.01 -4.08 -7.84
CA ASN A 54 -1.54 -4.40 -9.16
C ASN A 54 -2.75 -5.31 -9.07
N SER A 55 -2.69 -6.29 -8.16
CA SER A 55 -3.80 -7.22 -7.97
C SER A 55 -4.91 -6.58 -7.12
N LEU A 56 -4.53 -5.65 -6.27
CA LEU A 56 -5.48 -4.96 -5.41
C LEU A 56 -5.64 -3.49 -5.82
N GLY A 57 -5.30 -3.20 -7.08
CA GLY A 57 -5.41 -1.84 -7.57
C GLY A 57 -6.65 -1.63 -8.42
N VAL A 58 -7.51 -2.64 -8.47
CA VAL A 58 -8.74 -2.56 -9.25
C VAL A 58 -9.97 -2.66 -8.36
N LEU A 59 -9.77 -3.14 -7.13
CA LEU A 59 -10.86 -3.29 -6.18
C LEU A 59 -11.03 -2.03 -5.34
N ASN A 60 -12.27 -1.62 -5.13
CA ASN A 60 -12.57 -0.43 -4.35
C ASN A 60 -12.34 -0.69 -2.86
N GLY A 61 -12.26 0.39 -2.09
CA GLY A 61 -12.04 0.26 -0.66
C GLY A 61 -13.03 -0.69 -0.01
N ALA A 62 -14.28 -0.66 -0.47
CA ALA A 62 -15.32 -1.52 0.07
C ALA A 62 -14.96 -2.99 -0.10
N GLN A 63 -14.68 -3.39 -1.34
CA GLN A 63 -14.32 -4.76 -1.64
C GLN A 63 -13.06 -5.18 -0.89
N LEU A 64 -12.02 -4.35 -0.99
CA LEU A 64 -10.75 -4.62 -0.31
C LEU A 64 -10.96 -4.81 1.19
N PHE A 65 -11.85 -4.00 1.76
CA PHE A 65 -12.15 -4.07 3.18
C PHE A 65 -12.80 -5.41 3.53
N SER A 66 -13.41 -6.05 2.54
CA SER A 66 -14.06 -7.33 2.75
C SER A 66 -13.05 -8.47 2.78
N LEU A 67 -11.94 -8.28 2.08
CA LEU A 67 -10.88 -9.29 2.03
C LEU A 67 -10.16 -9.38 3.36
N ASN A 68 -10.13 -10.59 3.94
CA ASN A 68 -9.47 -10.82 5.21
C ASN A 68 -8.00 -11.19 5.00
N LYS A 69 -7.35 -11.61 6.08
CA LYS A 69 -5.94 -11.99 6.02
C LYS A 69 -5.74 -13.18 5.08
N ASP A 70 -6.81 -13.93 4.85
CA ASP A 70 -6.76 -15.10 3.98
C ASP A 70 -6.94 -14.68 2.52
N GLU A 71 -8.09 -14.07 2.23
CA GLU A 71 -8.39 -13.63 0.87
C GLU A 71 -7.25 -12.78 0.31
N LEU A 72 -6.71 -11.91 1.15
CA LEU A 72 -5.61 -11.03 0.74
C LEU A 72 -4.33 -11.82 0.53
N ARG A 73 -4.14 -12.85 1.34
CA ARG A 73 -2.96 -13.70 1.25
C ARG A 73 -3.00 -14.54 -0.02
N THR A 74 -4.20 -14.81 -0.51
CA THR A 74 -4.38 -15.62 -1.72
C THR A 74 -4.09 -14.80 -2.97
N VAL A 75 -4.67 -13.60 -3.04
CA VAL A 75 -4.48 -12.72 -4.18
C VAL A 75 -3.03 -12.28 -4.30
N CYS A 76 -2.38 -12.06 -3.16
CA CYS A 76 -0.99 -11.64 -3.13
C CYS A 76 -0.26 -12.24 -1.93
N PRO A 77 1.07 -12.39 -2.05
CA PRO A 77 1.90 -12.95 -0.99
C PRO A 77 2.02 -12.00 0.21
N GLU A 78 1.79 -10.72 -0.03
CA GLU A 78 1.87 -9.72 1.03
C GLU A 78 0.50 -9.44 1.63
N GLY A 79 -0.41 -10.42 1.49
CA GLY A 79 -1.74 -10.26 2.02
C GLY A 79 -1.75 -9.99 3.52
N ALA A 80 -1.15 -10.90 4.28
CA ALA A 80 -1.09 -10.75 5.72
C ALA A 80 -0.56 -9.37 6.12
N ARG A 81 0.30 -8.82 5.28
CA ARG A 81 0.89 -7.51 5.53
C ARG A 81 -0.08 -6.39 5.16
N VAL A 82 -0.88 -6.63 4.12
CA VAL A 82 -1.85 -5.65 3.66
C VAL A 82 -3.03 -5.56 4.62
N TYR A 83 -3.58 -6.71 4.99
CA TYR A 83 -4.71 -6.76 5.91
C TYR A 83 -4.41 -6.00 7.20
N SER A 84 -3.21 -6.21 7.73
CA SER A 84 -2.80 -5.56 8.96
C SER A 84 -2.86 -4.04 8.82
N GLN A 85 -2.79 -3.57 7.58
CA GLN A 85 -2.83 -2.14 7.30
C GLN A 85 -4.26 -1.68 7.06
N ILE A 86 -5.13 -2.61 6.70
CA ILE A 86 -6.53 -2.31 6.44
C ILE A 86 -7.36 -2.37 7.73
N THR A 87 -6.96 -3.26 8.63
CA THR A 87 -7.66 -3.42 9.90
C THR A 87 -7.78 -2.09 10.64
N VAL A 88 -6.74 -1.27 10.53
CA VAL A 88 -6.71 0.02 11.20
C VAL A 88 -7.70 0.99 10.54
N GLN A 89 -8.00 0.74 9.27
CA GLN A 89 -8.93 1.59 8.52
C GLN A 89 -10.37 1.26 8.88
N LYS A 90 -10.69 -0.03 8.90
CA LYS A 90 -12.04 -0.49 9.23
C LYS A 90 -12.39 -0.14 10.66
N ALA A 91 -11.44 -0.37 11.57
CA ALA A 91 -11.65 -0.08 12.99
C ALA A 91 -11.99 1.39 13.21
N ALA A 92 -11.55 2.23 12.29
CA ALA A 92 -11.81 3.67 12.38
C ALA A 92 -13.25 3.98 12.02
N LEU A 93 -13.77 3.31 11.00
CA LEU A 93 -15.14 3.53 10.56
C LEU A 93 -16.13 2.81 11.48
N SER A 94 -15.88 1.53 11.72
CA SER A 94 -16.75 0.73 12.58
C SER A 94 -16.90 1.38 13.95
N GLY A 95 -18.00 1.07 14.62
CA GLY A 95 -18.26 1.63 15.93
C GLY A 95 -17.87 0.69 17.05
N PRO A 96 -18.03 1.16 18.30
CA PRO A 96 -17.71 0.37 19.49
C PRO A 96 -18.67 -0.80 19.70
N SER A 97 -19.92 -0.60 19.29
CA SER A 97 -20.94 -1.64 19.43
C SER A 97 -22.18 -1.29 18.61
N SER A 98 -22.59 -2.23 17.76
CA SER A 98 -23.76 -2.04 16.91
C SER A 98 -24.73 -3.19 17.05
N GLY A 99 -25.37 -3.30 18.21
CA GLY A 99 -26.32 -4.37 18.44
C GLY A 99 -27.41 -4.42 17.39
N GLY A 1 27.31 -0.93 -6.34
CA GLY A 1 26.18 -0.08 -6.69
C GLY A 1 26.13 1.19 -5.88
N SER A 2 26.36 2.32 -6.54
CA SER A 2 26.35 3.62 -5.87
C SER A 2 25.33 4.55 -6.51
N SER A 3 24.46 5.13 -5.68
CA SER A 3 23.43 6.04 -6.16
C SER A 3 23.96 7.47 -6.24
N GLY A 4 24.47 7.96 -5.11
CA GLY A 4 25.00 9.32 -5.07
C GLY A 4 23.97 10.33 -4.64
N SER A 5 24.43 11.51 -4.25
CA SER A 5 23.53 12.58 -3.80
C SER A 5 23.66 13.81 -4.69
N SER A 6 22.56 14.52 -4.88
CA SER A 6 22.54 15.72 -5.71
C SER A 6 21.39 16.64 -5.33
N GLY A 7 21.67 17.94 -5.31
CA GLY A 7 20.64 18.91 -4.96
C GLY A 7 20.62 19.21 -3.47
N THR A 8 20.02 18.31 -2.70
CA THR A 8 19.92 18.48 -1.26
C THR A 8 18.92 19.56 -0.90
N ILE A 9 19.26 20.81 -1.22
CA ILE A 9 18.39 21.93 -0.93
C ILE A 9 17.37 22.15 -2.04
N GLY A 10 16.32 21.32 -2.05
CA GLY A 10 15.30 21.42 -3.07
C GLY A 10 14.18 22.36 -2.66
N ARG A 11 13.56 23.00 -3.64
CA ARG A 11 12.47 23.94 -3.39
C ARG A 11 11.17 23.18 -3.14
N SER A 12 10.65 23.27 -1.91
CA SER A 12 9.41 22.60 -1.55
C SER A 12 8.66 23.38 -0.48
N ALA A 13 7.61 24.07 -0.89
CA ALA A 13 6.79 24.86 0.02
C ALA A 13 6.01 23.97 0.98
N ALA A 14 6.07 24.29 2.27
CA ALA A 14 5.37 23.52 3.29
C ALA A 14 5.18 24.34 4.55
N GLN A 15 4.38 23.81 5.48
CA GLN A 15 4.11 24.49 6.74
C GLN A 15 5.39 24.69 7.54
N LYS A 16 5.38 25.66 8.44
CA LYS A 16 6.55 25.95 9.27
C LYS A 16 6.58 25.03 10.49
N LYS A 17 7.26 23.90 10.36
CA LYS A 17 7.37 22.94 11.44
C LYS A 17 8.64 22.11 11.30
N PHE A 18 8.89 21.23 12.28
CA PHE A 18 10.07 20.38 12.26
C PHE A 18 9.89 19.21 11.30
N HIS A 19 10.91 18.95 10.51
CA HIS A 19 10.87 17.86 9.53
C HIS A 19 12.18 17.77 8.76
N VAL A 20 12.31 16.71 7.96
CA VAL A 20 13.52 16.51 7.17
C VAL A 20 13.18 16.30 5.69
N PRO A 21 14.15 16.60 4.81
CA PRO A 21 13.98 16.45 3.37
C PRO A 21 13.90 15.00 2.93
N ARG A 22 12.70 14.56 2.58
CA ARG A 22 12.48 13.18 2.14
C ARG A 22 11.06 12.99 1.63
N GLN A 23 10.08 13.32 2.47
CA GLN A 23 8.68 13.18 2.10
C GLN A 23 7.98 14.53 2.09
N ASN A 24 7.05 14.71 1.15
CA ASN A 24 6.32 15.97 1.03
C ASN A 24 4.91 15.72 0.49
N VAL A 25 4.31 14.61 0.92
CA VAL A 25 2.96 14.26 0.47
C VAL A 25 2.06 13.95 1.67
N PRO A 26 0.75 14.19 1.49
CA PRO A 26 -0.24 13.95 2.54
C PRO A 26 -0.45 12.46 2.81
N VAL A 27 -1.07 12.15 3.95
CA VAL A 27 -1.32 10.77 4.33
C VAL A 27 -2.50 10.20 3.55
N ILE A 28 -2.30 9.03 2.95
CA ILE A 28 -3.35 8.38 2.18
C ILE A 28 -4.18 7.46 3.05
N ASN A 29 -5.48 7.39 2.77
CA ASN A 29 -6.39 6.55 3.54
C ASN A 29 -7.54 6.05 2.66
N ILE A 30 -8.15 4.94 3.06
CA ILE A 30 -9.26 4.36 2.31
C ILE A 30 -10.43 4.04 3.24
N THR A 31 -11.64 4.04 2.67
CA THR A 31 -12.84 3.75 3.44
C THR A 31 -13.73 2.75 2.71
N TYR A 32 -14.84 2.37 3.35
CA TYR A 32 -15.76 1.42 2.76
C TYR A 32 -16.40 1.99 1.50
N ASP A 33 -16.36 3.31 1.37
CA ASP A 33 -16.93 3.99 0.21
C ASP A 33 -15.84 4.65 -0.63
N SER A 34 -14.68 3.98 -0.71
CA SER A 34 -13.56 4.52 -1.48
C SER A 34 -13.57 3.96 -2.90
N THR A 35 -12.73 4.53 -3.76
CA THR A 35 -12.64 4.10 -5.14
C THR A 35 -11.48 3.13 -5.34
N PRO A 36 -11.58 2.30 -6.39
CA PRO A 36 -10.54 1.31 -6.71
C PRO A 36 -9.26 1.96 -7.22
N GLU A 37 -9.31 3.26 -7.46
CA GLU A 37 -8.16 4.00 -7.95
C GLU A 37 -7.36 4.60 -6.79
N ASP A 38 -8.04 4.84 -5.68
CA ASP A 38 -7.40 5.40 -4.49
C ASP A 38 -6.60 4.34 -3.75
N VAL A 39 -7.14 3.12 -3.71
CA VAL A 39 -6.49 2.03 -3.02
C VAL A 39 -5.10 1.77 -3.59
N LYS A 40 -4.96 1.98 -4.90
CA LYS A 40 -3.67 1.78 -5.57
C LYS A 40 -2.58 2.62 -4.93
N THR A 41 -2.89 3.90 -4.70
CA THR A 41 -1.93 4.82 -4.08
C THR A 41 -1.75 4.51 -2.60
N TRP A 42 -2.84 4.11 -1.95
CA TRP A 42 -2.80 3.79 -0.53
C TRP A 42 -1.82 2.66 -0.24
N LEU A 43 -1.69 1.74 -1.19
CA LEU A 43 -0.78 0.62 -1.05
C LEU A 43 0.67 1.04 -1.32
N GLN A 44 0.85 1.85 -2.35
CA GLN A 44 2.18 2.33 -2.71
C GLN A 44 2.74 3.24 -1.64
N SER A 45 1.91 4.17 -1.16
CA SER A 45 2.33 5.11 -0.13
C SER A 45 2.87 4.38 1.10
N LYS A 46 2.11 3.40 1.58
CA LYS A 46 2.52 2.62 2.74
C LYS A 46 3.84 1.91 2.48
N GLY A 47 4.14 1.66 1.21
CA GLY A 47 5.38 1.00 0.86
C GLY A 47 5.19 -0.49 0.61
N PHE A 48 4.21 -0.83 -0.22
CA PHE A 48 3.91 -2.22 -0.54
C PHE A 48 4.38 -2.56 -1.95
N ASN A 49 4.82 -3.80 -2.14
CA ASN A 49 5.31 -4.25 -3.44
C ASN A 49 4.26 -3.98 -4.52
N PRO A 50 4.74 -3.87 -5.77
CA PRO A 50 3.86 -3.60 -6.93
C PRO A 50 2.98 -4.80 -7.27
N VAL A 51 3.46 -6.00 -6.95
CA VAL A 51 2.71 -7.22 -7.22
C VAL A 51 1.38 -7.22 -6.47
N THR A 52 1.30 -6.45 -5.40
CA THR A 52 0.09 -6.35 -4.61
C THR A 52 -0.80 -5.20 -5.08
N VAL A 53 -0.18 -4.05 -5.31
CA VAL A 53 -0.90 -2.87 -5.76
C VAL A 53 -1.55 -3.12 -7.12
N ASN A 54 -1.04 -4.10 -7.85
CA ASN A 54 -1.57 -4.44 -9.16
C ASN A 54 -2.82 -5.32 -9.04
N SER A 55 -2.75 -6.28 -8.14
CA SER A 55 -3.88 -7.19 -7.91
C SER A 55 -4.97 -6.53 -7.08
N LEU A 56 -4.56 -5.60 -6.21
CA LEU A 56 -5.49 -4.89 -5.36
C LEU A 56 -5.63 -3.43 -5.79
N GLY A 57 -5.32 -3.17 -7.05
CA GLY A 57 -5.42 -1.82 -7.57
C GLY A 57 -6.65 -1.61 -8.43
N VAL A 58 -7.51 -2.63 -8.48
CA VAL A 58 -8.73 -2.56 -9.26
C VAL A 58 -9.97 -2.64 -8.38
N LEU A 59 -9.78 -3.16 -7.17
CA LEU A 59 -10.88 -3.30 -6.21
C LEU A 59 -11.05 -2.03 -5.38
N ASN A 60 -12.29 -1.62 -5.19
CA ASN A 60 -12.59 -0.42 -4.40
C ASN A 60 -12.37 -0.68 -2.91
N GLY A 61 -12.32 0.40 -2.13
CA GLY A 61 -12.11 0.26 -0.70
C GLY A 61 -13.08 -0.71 -0.06
N ALA A 62 -14.33 -0.69 -0.53
CA ALA A 62 -15.36 -1.57 0.00
C ALA A 62 -14.97 -3.04 -0.18
N GLN A 63 -14.69 -3.42 -1.42
CA GLN A 63 -14.31 -4.80 -1.72
C GLN A 63 -13.04 -5.19 -0.96
N LEU A 64 -12.03 -4.33 -1.04
CA LEU A 64 -10.76 -4.59 -0.37
C LEU A 64 -10.97 -4.78 1.13
N PHE A 65 -11.89 -4.01 1.69
CA PHE A 65 -12.19 -4.10 3.12
C PHE A 65 -12.82 -5.45 3.46
N SER A 66 -13.41 -6.09 2.46
CA SER A 66 -14.05 -7.38 2.66
C SER A 66 -13.01 -8.50 2.76
N LEU A 67 -11.89 -8.31 2.07
CA LEU A 67 -10.82 -9.30 2.09
C LEU A 67 -10.09 -9.30 3.42
N ASN A 68 -9.88 -10.49 3.97
CA ASN A 68 -9.20 -10.63 5.26
C ASN A 68 -7.78 -11.16 5.07
N LYS A 69 -7.13 -11.53 6.17
CA LYS A 69 -5.77 -12.05 6.12
C LYS A 69 -5.68 -13.21 5.13
N ASP A 70 -6.77 -13.95 4.97
CA ASP A 70 -6.80 -15.08 4.05
C ASP A 70 -7.00 -14.60 2.62
N GLU A 71 -8.12 -13.91 2.39
CA GLU A 71 -8.44 -13.41 1.05
C GLU A 71 -7.28 -12.61 0.48
N LEU A 72 -6.73 -11.72 1.29
CA LEU A 72 -5.60 -10.89 0.87
C LEU A 72 -4.37 -11.74 0.61
N ARG A 73 -4.21 -12.80 1.38
CA ARG A 73 -3.07 -13.70 1.24
C ARG A 73 -3.21 -14.56 -0.02
N THR A 74 -4.44 -14.76 -0.46
CA THR A 74 -4.70 -15.55 -1.66
C THR A 74 -4.46 -14.73 -2.93
N VAL A 75 -4.85 -13.46 -2.89
CA VAL A 75 -4.67 -12.58 -4.03
C VAL A 75 -3.21 -12.17 -4.19
N CYS A 76 -2.52 -12.00 -3.07
CA CYS A 76 -1.13 -11.61 -3.07
C CYS A 76 -0.38 -12.22 -1.88
N PRO A 77 0.94 -12.39 -2.03
CA PRO A 77 1.78 -12.97 -0.98
C PRO A 77 1.96 -12.02 0.21
N GLU A 78 1.75 -10.73 -0.05
CA GLU A 78 1.88 -9.72 1.00
C GLU A 78 0.52 -9.41 1.63
N GLY A 79 -0.40 -10.36 1.53
CA GLY A 79 -1.73 -10.17 2.09
C GLY A 79 -1.69 -9.97 3.59
N ALA A 80 -0.99 -10.86 4.28
CA ALA A 80 -0.88 -10.77 5.74
C ALA A 80 -0.36 -9.41 6.17
N ARG A 81 0.38 -8.75 5.28
CA ARG A 81 0.93 -7.43 5.58
C ARG A 81 -0.06 -6.33 5.23
N VAL A 82 -0.78 -6.51 4.12
CA VAL A 82 -1.76 -5.54 3.68
C VAL A 82 -2.96 -5.49 4.63
N TYR A 83 -3.46 -6.67 4.99
CA TYR A 83 -4.61 -6.77 5.89
C TYR A 83 -4.34 -6.01 7.18
N SER A 84 -3.13 -6.14 7.71
CA SER A 84 -2.76 -5.47 8.94
C SER A 84 -2.83 -3.95 8.79
N GLN A 85 -2.78 -3.49 7.53
CA GLN A 85 -2.85 -2.07 7.25
C GLN A 85 -4.28 -1.62 7.01
N ILE A 86 -5.13 -2.57 6.61
CA ILE A 86 -6.53 -2.27 6.34
C ILE A 86 -7.36 -2.37 7.62
N THR A 87 -7.00 -3.30 8.49
CA THR A 87 -7.71 -3.49 9.74
C THR A 87 -7.82 -2.19 10.51
N VAL A 88 -6.75 -1.42 10.53
CA VAL A 88 -6.73 -0.13 11.23
C VAL A 88 -7.71 0.85 10.60
N GLN A 89 -8.00 0.66 9.33
CA GLN A 89 -8.92 1.53 8.60
C GLN A 89 -10.36 1.15 8.90
N LYS A 90 -10.66 -0.15 8.82
CA LYS A 90 -12.00 -0.65 9.08
C LYS A 90 -12.44 -0.34 10.51
N ALA A 91 -11.52 -0.52 11.45
CA ALA A 91 -11.80 -0.26 12.85
C ALA A 91 -12.08 1.22 13.09
N ALA A 92 -11.55 2.06 12.21
CA ALA A 92 -11.75 3.51 12.33
C ALA A 92 -13.18 3.90 11.95
N LEU A 93 -13.74 3.19 10.97
CA LEU A 93 -15.09 3.46 10.52
C LEU A 93 -16.12 2.78 11.42
N SER A 94 -15.98 1.47 11.59
CA SER A 94 -16.88 0.70 12.42
C SER A 94 -18.31 0.79 11.89
N GLY A 95 -18.56 0.12 10.76
CA GLY A 95 -19.88 0.13 10.17
C GLY A 95 -20.12 -1.05 9.24
N PRO A 96 -20.23 -2.24 9.83
CA PRO A 96 -20.45 -3.48 9.08
C PRO A 96 -21.85 -3.55 8.46
N SER A 97 -21.90 -3.75 7.16
CA SER A 97 -23.18 -3.83 6.45
C SER A 97 -22.97 -4.31 5.01
N SER A 98 -21.92 -3.80 4.36
CA SER A 98 -21.62 -4.17 2.98
C SER A 98 -20.67 -5.36 2.94
N GLY A 99 -21.22 -6.53 2.62
CA GLY A 99 -20.40 -7.73 2.55
C GLY A 99 -20.24 -8.23 1.13
N GLY A 1 29.07 20.98 -24.42
CA GLY A 1 29.15 22.36 -24.88
C GLY A 1 28.03 23.23 -24.31
N SER A 2 26.81 22.96 -24.74
CA SER A 2 25.65 23.73 -24.27
C SER A 2 25.79 25.19 -24.66
N SER A 3 26.38 25.44 -25.83
CA SER A 3 26.57 26.80 -26.32
C SER A 3 26.55 26.83 -27.85
N GLY A 4 26.67 28.02 -28.41
CA GLY A 4 26.67 28.17 -29.86
C GLY A 4 25.36 27.72 -30.48
N SER A 5 25.38 26.56 -31.12
CA SER A 5 24.18 26.03 -31.78
C SER A 5 23.99 24.55 -31.43
N SER A 6 23.82 24.28 -30.14
CA SER A 6 23.63 22.91 -29.67
C SER A 6 22.47 22.83 -28.69
N GLY A 7 21.38 22.19 -29.11
CA GLY A 7 20.22 22.06 -28.26
C GLY A 7 20.42 21.04 -27.17
N THR A 8 20.54 21.51 -25.93
CA THR A 8 20.74 20.63 -24.78
C THR A 8 19.67 19.54 -24.74
N ILE A 9 19.99 18.44 -24.08
CA ILE A 9 19.06 17.32 -23.95
C ILE A 9 18.85 16.93 -22.50
N GLY A 10 18.95 17.91 -21.61
CA GLY A 10 18.77 17.66 -20.19
C GLY A 10 20.03 17.11 -19.54
N ARG A 11 20.18 17.36 -18.25
CA ARG A 11 21.34 16.88 -17.50
C ARG A 11 21.38 15.36 -17.47
N SER A 12 22.51 14.79 -17.88
CA SER A 12 22.66 13.33 -17.91
C SER A 12 23.76 12.90 -16.93
N ALA A 13 24.81 13.71 -16.82
CA ALA A 13 25.92 13.41 -15.94
C ALA A 13 26.72 12.21 -16.44
N ALA A 14 26.18 11.01 -16.24
CA ALA A 14 26.85 9.80 -16.67
C ALA A 14 25.85 8.65 -16.82
N GLN A 15 26.37 7.44 -17.04
CA GLN A 15 25.52 6.27 -17.20
C GLN A 15 25.41 5.51 -15.88
N LYS A 16 24.31 4.78 -15.73
CA LYS A 16 24.07 4.00 -14.51
C LYS A 16 24.11 4.89 -13.28
N LYS A 17 23.98 4.28 -12.10
CA LYS A 17 24.00 5.02 -10.85
C LYS A 17 22.96 6.12 -10.85
N PHE A 18 21.69 5.72 -10.74
CA PHE A 18 20.58 6.68 -10.72
C PHE A 18 19.83 6.62 -9.39
N HIS A 19 19.44 7.79 -8.89
CA HIS A 19 18.71 7.87 -7.63
C HIS A 19 18.14 9.26 -7.42
N VAL A 20 16.92 9.33 -6.91
CA VAL A 20 16.26 10.60 -6.66
C VAL A 20 16.04 10.83 -5.17
N PRO A 21 15.93 12.11 -4.78
CA PRO A 21 15.72 12.49 -3.37
C PRO A 21 14.34 12.10 -2.87
N ARG A 22 14.18 12.08 -1.54
CA ARG A 22 12.90 11.73 -0.93
C ARG A 22 11.79 12.67 -1.40
N GLN A 23 10.63 12.11 -1.68
CA GLN A 23 9.49 12.89 -2.14
C GLN A 23 8.42 12.99 -1.06
N ASN A 24 8.15 14.20 -0.60
CA ASN A 24 7.14 14.42 0.43
C ASN A 24 5.74 14.31 -0.14
N VAL A 25 4.97 13.35 0.38
CA VAL A 25 3.60 13.13 -0.07
C VAL A 25 2.62 13.17 1.09
N PRO A 26 1.36 13.56 0.80
CA PRO A 26 0.31 13.65 1.81
C PRO A 26 -0.13 12.27 2.30
N VAL A 27 -0.83 12.25 3.43
CA VAL A 27 -1.32 11.00 4.01
C VAL A 27 -2.43 10.40 3.16
N ILE A 28 -2.39 9.09 2.97
CA ILE A 28 -3.40 8.39 2.18
C ILE A 28 -4.26 7.49 3.07
N ASN A 29 -5.55 7.43 2.74
CA ASN A 29 -6.48 6.60 3.51
C ASN A 29 -7.63 6.13 2.63
N ILE A 30 -8.25 5.03 3.01
CA ILE A 30 -9.38 4.48 2.26
C ILE A 30 -10.54 4.15 3.18
N THR A 31 -11.75 4.11 2.62
CA THR A 31 -12.95 3.81 3.39
C THR A 31 -13.81 2.79 2.67
N TYR A 32 -14.92 2.41 3.30
CA TYR A 32 -15.84 1.43 2.72
C TYR A 32 -16.48 1.98 1.45
N ASP A 33 -16.43 3.30 1.29
CA ASP A 33 -17.01 3.95 0.13
C ASP A 33 -15.92 4.61 -0.72
N SER A 34 -14.77 3.97 -0.80
CA SER A 34 -13.65 4.49 -1.57
C SER A 34 -13.63 3.89 -2.98
N THR A 35 -12.81 4.47 -3.85
CA THR A 35 -12.69 4.00 -5.22
C THR A 35 -11.53 3.02 -5.38
N PRO A 36 -11.63 2.16 -6.41
CA PRO A 36 -10.59 1.15 -6.69
C PRO A 36 -9.31 1.79 -7.21
N GLU A 37 -9.35 3.08 -7.48
CA GLU A 37 -8.18 3.80 -7.98
C GLU A 37 -7.42 4.47 -6.83
N ASP A 38 -8.13 4.75 -5.74
CA ASP A 38 -7.53 5.38 -4.59
C ASP A 38 -6.78 4.36 -3.73
N VAL A 39 -7.23 3.11 -3.78
CA VAL A 39 -6.62 2.04 -3.01
C VAL A 39 -5.22 1.72 -3.53
N LYS A 40 -5.04 1.88 -4.84
CA LYS A 40 -3.76 1.61 -5.47
C LYS A 40 -2.67 2.52 -4.90
N THR A 41 -3.01 3.78 -4.67
CA THR A 41 -2.06 4.75 -4.13
C THR A 41 -1.88 4.54 -2.62
N TRP A 42 -2.92 4.05 -1.97
CA TRP A 42 -2.87 3.81 -0.53
C TRP A 42 -1.88 2.70 -0.20
N LEU A 43 -1.75 1.73 -1.10
CA LEU A 43 -0.84 0.62 -0.90
C LEU A 43 0.60 1.02 -1.18
N GLN A 44 0.78 1.78 -2.26
CA GLN A 44 2.11 2.24 -2.65
C GLN A 44 2.69 3.16 -1.57
N SER A 45 1.90 4.10 -1.09
CA SER A 45 2.33 5.04 -0.07
C SER A 45 2.94 4.30 1.11
N LYS A 46 2.21 3.30 1.62
CA LYS A 46 2.67 2.51 2.75
C LYS A 46 4.01 1.86 2.44
N GLY A 47 4.24 1.54 1.18
CA GLY A 47 5.49 0.91 0.78
C GLY A 47 5.32 -0.55 0.45
N PHE A 48 4.16 -0.91 -0.09
CA PHE A 48 3.88 -2.28 -0.45
C PHE A 48 4.36 -2.59 -1.87
N ASN A 49 4.82 -3.82 -2.09
CA ASN A 49 5.32 -4.24 -3.39
C ASN A 49 4.29 -3.93 -4.48
N PRO A 50 4.78 -3.79 -5.71
CA PRO A 50 3.92 -3.50 -6.87
C PRO A 50 3.04 -4.68 -7.26
N VAL A 51 3.51 -5.89 -6.94
CA VAL A 51 2.76 -7.10 -7.25
C VAL A 51 1.42 -7.13 -6.52
N THR A 52 1.34 -6.38 -5.42
CA THR A 52 0.12 -6.31 -4.64
C THR A 52 -0.76 -5.14 -5.07
N VAL A 53 -0.13 -3.99 -5.30
CA VAL A 53 -0.84 -2.79 -5.72
C VAL A 53 -1.51 -3.00 -7.08
N ASN A 54 -0.99 -3.96 -7.84
CA ASN A 54 -1.52 -4.26 -9.16
C ASN A 54 -2.74 -5.17 -9.06
N SER A 55 -2.68 -6.14 -8.15
CA SER A 55 -3.77 -7.08 -7.95
C SER A 55 -4.90 -6.44 -7.16
N LEU A 56 -4.54 -5.73 -6.09
CA LEU A 56 -5.53 -5.05 -5.25
C LEU A 56 -5.72 -3.61 -5.68
N GLY A 57 -5.34 -3.31 -6.92
CA GLY A 57 -5.48 -1.95 -7.43
C GLY A 57 -6.70 -1.80 -8.32
N VAL A 58 -7.55 -2.82 -8.34
CA VAL A 58 -8.76 -2.78 -9.16
C VAL A 58 -10.01 -2.86 -8.28
N LEU A 59 -9.83 -3.30 -7.05
CA LEU A 59 -10.94 -3.42 -6.10
C LEU A 59 -11.12 -2.14 -5.30
N ASN A 60 -12.36 -1.72 -5.12
CA ASN A 60 -12.67 -0.52 -4.36
C ASN A 60 -12.44 -0.73 -2.86
N GLY A 61 -12.39 0.35 -2.11
CA GLY A 61 -12.19 0.26 -0.68
C GLY A 61 -13.14 -0.71 -0.02
N ALA A 62 -14.39 -0.73 -0.48
CA ALA A 62 -15.40 -1.62 0.07
C ALA A 62 -14.99 -3.08 -0.08
N GLN A 63 -14.71 -3.48 -1.32
CA GLN A 63 -14.31 -4.86 -1.60
C GLN A 63 -13.03 -5.21 -0.86
N LEU A 64 -12.04 -4.34 -0.95
CA LEU A 64 -10.76 -4.56 -0.27
C LEU A 64 -10.95 -4.72 1.23
N PHE A 65 -11.89 -3.96 1.79
CA PHE A 65 -12.17 -4.03 3.21
C PHE A 65 -12.79 -5.37 3.59
N SER A 66 -13.36 -6.05 2.60
CA SER A 66 -13.99 -7.35 2.83
C SER A 66 -12.95 -8.46 2.84
N LEU A 67 -11.85 -8.24 2.12
CA LEU A 67 -10.79 -9.23 2.05
C LEU A 67 -10.07 -9.36 3.39
N ASN A 68 -10.03 -10.58 3.92
CA ASN A 68 -9.39 -10.84 5.20
C ASN A 68 -7.93 -11.27 5.00
N LYS A 69 -7.28 -11.66 6.08
CA LYS A 69 -5.89 -12.09 6.03
C LYS A 69 -5.73 -13.28 5.09
N ASP A 70 -6.82 -13.99 4.85
CA ASP A 70 -6.80 -15.15 3.97
C ASP A 70 -6.95 -14.73 2.51
N GLU A 71 -8.09 -14.11 2.20
CA GLU A 71 -8.36 -13.65 0.84
C GLU A 71 -7.21 -12.81 0.31
N LEU A 72 -6.69 -11.92 1.14
CA LEU A 72 -5.59 -11.05 0.76
C LEU A 72 -4.30 -11.85 0.58
N ARG A 73 -4.18 -12.93 1.36
CA ARG A 73 -2.99 -13.79 1.28
C ARG A 73 -3.02 -14.63 0.01
N THR A 74 -4.21 -14.84 -0.53
CA THR A 74 -4.37 -15.64 -1.74
C THR A 74 -4.07 -14.81 -2.99
N VAL A 75 -4.65 -13.62 -3.05
CA VAL A 75 -4.45 -12.73 -4.19
C VAL A 75 -3.00 -12.29 -4.30
N CYS A 76 -2.37 -12.09 -3.15
CA CYS A 76 -0.97 -11.67 -3.11
C CYS A 76 -0.25 -12.26 -1.90
N PRO A 77 1.08 -12.41 -2.01
CA PRO A 77 1.91 -12.96 -0.93
C PRO A 77 2.00 -12.02 0.26
N GLU A 78 1.75 -10.74 0.02
CA GLU A 78 1.81 -9.73 1.08
C GLU A 78 0.43 -9.48 1.68
N GLY A 79 -0.44 -10.48 1.57
CA GLY A 79 -1.79 -10.36 2.11
C GLY A 79 -1.79 -10.03 3.59
N ALA A 80 -1.20 -10.90 4.40
CA ALA A 80 -1.13 -10.70 5.84
C ALA A 80 -0.57 -9.32 6.17
N ARG A 81 0.29 -8.81 5.30
CA ARG A 81 0.90 -7.50 5.50
C ARG A 81 -0.07 -6.39 5.12
N VAL A 82 -0.88 -6.64 4.10
CA VAL A 82 -1.86 -5.66 3.65
C VAL A 82 -3.04 -5.57 4.60
N TYR A 83 -3.60 -6.73 4.94
CA TYR A 83 -4.75 -6.78 5.84
C TYR A 83 -4.46 -6.04 7.14
N SER A 84 -3.26 -6.24 7.67
CA SER A 84 -2.85 -5.59 8.92
C SER A 84 -2.90 -4.07 8.77
N GLN A 85 -2.81 -3.59 7.53
CA GLN A 85 -2.82 -2.16 7.26
C GLN A 85 -4.25 -1.68 7.01
N ILE A 86 -5.12 -2.60 6.60
CA ILE A 86 -6.51 -2.27 6.33
C ILE A 86 -7.35 -2.37 7.60
N THR A 87 -6.95 -3.27 8.50
CA THR A 87 -7.68 -3.47 9.74
C THR A 87 -7.79 -2.16 10.54
N VAL A 88 -6.75 -1.33 10.44
CA VAL A 88 -6.72 -0.05 11.15
C VAL A 88 -7.69 0.94 10.51
N GLN A 89 -7.97 0.74 9.23
CA GLN A 89 -8.88 1.62 8.50
C GLN A 89 -10.33 1.30 8.83
N LYS A 90 -10.66 0.01 8.86
CA LYS A 90 -12.02 -0.43 9.16
C LYS A 90 -12.38 -0.09 10.60
N ALA A 91 -11.43 -0.28 11.51
CA ALA A 91 -11.65 0.01 12.92
C ALA A 91 -11.98 1.48 13.14
N ALA A 92 -11.50 2.33 12.23
CA ALA A 92 -11.76 3.76 12.32
C ALA A 92 -13.20 4.09 11.98
N LEU A 93 -13.71 3.47 10.92
CA LEU A 93 -15.09 3.69 10.50
C LEU A 93 -16.07 2.97 11.41
N SER A 94 -15.73 1.75 11.78
CA SER A 94 -16.59 0.95 12.65
C SER A 94 -15.92 0.71 14.00
N GLY A 95 -16.53 1.22 15.06
CA GLY A 95 -15.98 1.06 16.39
C GLY A 95 -16.69 -0.03 17.18
N PRO A 96 -16.45 -0.07 18.50
CA PRO A 96 -17.04 -1.07 19.38
C PRO A 96 -18.55 -0.85 19.56
N SER A 97 -19.33 -1.39 18.63
CA SER A 97 -20.78 -1.26 18.69
C SER A 97 -21.41 -2.41 19.46
N SER A 98 -22.10 -2.08 20.54
CA SER A 98 -22.75 -3.10 21.36
C SER A 98 -24.21 -2.74 21.63
N GLY A 99 -25.12 -3.61 21.20
CA GLY A 99 -26.53 -3.37 21.39
C GLY A 99 -27.13 -4.25 22.47
N GLY A 1 33.24 -25.48 -12.03
CA GLY A 1 32.59 -25.31 -13.32
C GLY A 1 31.19 -25.91 -13.34
N SER A 2 30.38 -25.56 -12.35
CA SER A 2 29.01 -26.07 -12.27
C SER A 2 28.06 -25.00 -11.77
N SER A 3 27.45 -24.27 -12.69
CA SER A 3 26.52 -23.21 -12.35
C SER A 3 25.08 -23.70 -12.45
N GLY A 4 24.63 -24.38 -11.40
CA GLY A 4 23.26 -24.90 -11.37
C GLY A 4 22.96 -25.69 -10.13
N SER A 5 22.33 -26.86 -10.30
CA SER A 5 21.98 -27.71 -9.18
C SER A 5 20.89 -27.08 -8.32
N SER A 6 21.27 -26.07 -7.54
CA SER A 6 20.31 -25.39 -6.67
C SER A 6 19.89 -24.06 -7.29
N GLY A 7 19.28 -24.12 -8.47
CA GLY A 7 18.83 -22.93 -9.15
C GLY A 7 19.99 -22.06 -9.63
N THR A 8 19.95 -21.67 -10.90
CA THR A 8 21.00 -20.85 -11.48
C THR A 8 21.15 -19.53 -10.71
N ILE A 9 22.36 -19.28 -10.21
CA ILE A 9 22.63 -18.06 -9.46
C ILE A 9 23.60 -17.16 -10.22
N GLY A 10 23.06 -16.09 -10.82
CA GLY A 10 23.88 -15.17 -11.58
C GLY A 10 23.06 -14.08 -12.26
N ARG A 11 22.08 -13.54 -11.54
CA ARG A 11 21.23 -12.50 -12.09
C ARG A 11 21.56 -11.15 -11.48
N SER A 12 21.77 -10.15 -12.32
CA SER A 12 22.11 -8.80 -11.87
C SER A 12 20.85 -7.95 -11.73
N ALA A 13 20.90 -6.98 -10.83
CA ALA A 13 19.77 -6.09 -10.59
C ALA A 13 20.22 -4.65 -10.45
N ALA A 14 19.30 -3.71 -10.67
CA ALA A 14 19.60 -2.30 -10.56
C ALA A 14 19.10 -1.72 -9.25
N GLN A 15 20.02 -1.20 -8.44
CA GLN A 15 19.66 -0.62 -7.15
C GLN A 15 19.44 0.89 -7.27
N LYS A 16 18.26 1.33 -6.86
CA LYS A 16 17.91 2.75 -6.93
C LYS A 16 17.37 3.24 -5.59
N LYS A 17 17.97 2.75 -4.50
CA LYS A 17 17.56 3.15 -3.16
C LYS A 17 18.54 4.15 -2.56
N PHE A 18 19.80 4.05 -2.97
CA PHE A 18 20.83 4.95 -2.47
C PHE A 18 20.68 6.34 -3.07
N HIS A 19 20.59 7.34 -2.20
CA HIS A 19 20.44 8.73 -2.64
C HIS A 19 19.14 8.91 -3.41
N VAL A 20 18.02 8.91 -2.69
CA VAL A 20 16.71 9.08 -3.31
C VAL A 20 16.05 10.37 -2.86
N PRO A 21 15.13 10.89 -3.69
CA PRO A 21 14.41 12.13 -3.39
C PRO A 21 13.42 11.97 -2.24
N ARG A 22 13.20 13.05 -1.49
CA ARG A 22 12.29 13.03 -0.37
C ARG A 22 10.86 13.31 -0.81
N GLN A 23 9.96 12.38 -0.52
CA GLN A 23 8.56 12.53 -0.90
C GLN A 23 7.76 13.20 0.22
N ASN A 24 7.01 14.24 -0.13
CA ASN A 24 6.20 14.98 0.83
C ASN A 24 4.71 14.86 0.50
N VAL A 25 4.28 13.64 0.21
CA VAL A 25 2.88 13.39 -0.13
C VAL A 25 2.01 13.32 1.13
N PRO A 26 0.73 13.68 0.98
CA PRO A 26 -0.23 13.67 2.10
C PRO A 26 -0.57 12.25 2.55
N VAL A 27 -1.15 12.14 3.74
CA VAL A 27 -1.53 10.84 4.29
C VAL A 27 -2.67 10.22 3.48
N ILE A 28 -2.41 9.06 2.90
CA ILE A 28 -3.42 8.36 2.11
C ILE A 28 -4.25 7.43 2.98
N ASN A 29 -5.54 7.36 2.68
CA ASN A 29 -6.46 6.50 3.43
C ASN A 29 -7.65 6.08 2.57
N ILE A 30 -8.25 4.95 2.93
CA ILE A 30 -9.40 4.45 2.20
C ILE A 30 -10.55 4.12 3.13
N THR A 31 -11.77 4.08 2.59
CA THR A 31 -12.95 3.78 3.37
C THR A 31 -13.84 2.75 2.67
N TYR A 32 -14.94 2.38 3.31
CA TYR A 32 -15.87 1.41 2.75
C TYR A 32 -16.52 1.95 1.47
N ASP A 33 -16.44 3.26 1.30
CA ASP A 33 -17.03 3.91 0.13
C ASP A 33 -15.94 4.58 -0.72
N SER A 34 -14.81 3.90 -0.86
CA SER A 34 -13.70 4.44 -1.63
C SER A 34 -13.67 3.84 -3.03
N THR A 35 -12.85 4.41 -3.90
CA THR A 35 -12.74 3.94 -5.28
C THR A 35 -11.56 2.98 -5.43
N PRO A 36 -11.64 2.10 -6.45
CA PRO A 36 -10.59 1.11 -6.72
C PRO A 36 -9.32 1.76 -7.24
N GLU A 37 -9.38 3.05 -7.53
CA GLU A 37 -8.22 3.78 -8.04
C GLU A 37 -7.47 4.47 -6.90
N ASP A 38 -8.18 4.75 -5.81
CA ASP A 38 -7.58 5.41 -4.66
C ASP A 38 -6.84 4.40 -3.78
N VAL A 39 -7.29 3.15 -3.82
CA VAL A 39 -6.68 2.09 -3.02
C VAL A 39 -5.28 1.77 -3.54
N LYS A 40 -5.10 1.87 -4.85
CA LYS A 40 -3.81 1.58 -5.48
C LYS A 40 -2.73 2.49 -4.89
N THR A 41 -3.06 3.76 -4.69
CA THR A 41 -2.11 4.72 -4.15
C THR A 41 -1.93 4.52 -2.64
N TRP A 42 -2.97 4.02 -1.99
CA TRP A 42 -2.92 3.77 -0.54
C TRP A 42 -1.93 2.67 -0.22
N LEU A 43 -1.82 1.69 -1.11
CA LEU A 43 -0.90 0.58 -0.90
C LEU A 43 0.54 1.00 -1.18
N GLN A 44 0.73 1.78 -2.25
CA GLN A 44 2.07 2.25 -2.62
C GLN A 44 2.63 3.16 -1.54
N SER A 45 1.81 4.09 -1.06
CA SER A 45 2.23 5.03 -0.02
C SER A 45 2.84 4.29 1.17
N LYS A 46 2.13 3.27 1.65
CA LYS A 46 2.60 2.48 2.78
C LYS A 46 3.95 1.84 2.48
N GLY A 47 4.19 1.55 1.20
CA GLY A 47 5.44 0.94 0.81
C GLY A 47 5.29 -0.52 0.43
N PHE A 48 4.09 -0.89 0.00
CA PHE A 48 3.82 -2.28 -0.38
C PHE A 48 4.33 -2.57 -1.79
N ASN A 49 4.80 -3.79 -2.00
CA ASN A 49 5.32 -4.19 -3.31
C ASN A 49 4.31 -3.90 -4.41
N PRO A 50 4.81 -3.74 -5.64
CA PRO A 50 3.98 -3.45 -6.81
C PRO A 50 3.11 -4.63 -7.21
N VAL A 51 3.57 -5.83 -6.89
CA VAL A 51 2.84 -7.05 -7.21
C VAL A 51 1.49 -7.09 -6.50
N THR A 52 1.39 -6.35 -5.40
CA THR A 52 0.16 -6.30 -4.63
C THR A 52 -0.72 -5.13 -5.07
N VAL A 53 -0.11 -3.97 -5.28
CA VAL A 53 -0.83 -2.78 -5.71
C VAL A 53 -1.46 -3.00 -7.08
N ASN A 54 -0.93 -3.95 -7.83
CA ASN A 54 -1.45 -4.24 -9.16
C ASN A 54 -2.67 -5.18 -9.07
N SER A 55 -2.60 -6.15 -8.18
CA SER A 55 -3.68 -7.10 -7.99
C SER A 55 -4.83 -6.48 -7.21
N LEU A 56 -4.49 -5.77 -6.13
CA LEU A 56 -5.49 -5.11 -5.30
C LEU A 56 -5.69 -3.67 -5.72
N GLY A 57 -5.30 -3.35 -6.96
CA GLY A 57 -5.45 -2.00 -7.46
C GLY A 57 -6.68 -1.84 -8.34
N VAL A 58 -7.52 -2.86 -8.37
CA VAL A 58 -8.73 -2.83 -9.17
C VAL A 58 -9.98 -2.92 -8.29
N LEU A 59 -9.79 -3.34 -7.05
CA LEU A 59 -10.89 -3.46 -6.11
C LEU A 59 -11.09 -2.18 -5.31
N ASN A 60 -12.33 -1.78 -5.12
CA ASN A 60 -12.64 -0.57 -4.37
C ASN A 60 -12.42 -0.79 -2.88
N GLY A 61 -12.36 0.32 -2.13
CA GLY A 61 -12.14 0.22 -0.69
C GLY A 61 -13.11 -0.73 -0.02
N ALA A 62 -14.35 -0.74 -0.49
CA ALA A 62 -15.38 -1.61 0.07
C ALA A 62 -14.98 -3.08 -0.06
N GLN A 63 -14.71 -3.50 -1.30
CA GLN A 63 -14.31 -4.88 -1.56
C GLN A 63 -13.04 -5.24 -0.80
N LEU A 64 -12.03 -4.40 -0.91
CA LEU A 64 -10.76 -4.63 -0.23
C LEU A 64 -10.96 -4.79 1.27
N PHE A 65 -11.89 -3.99 1.82
CA PHE A 65 -12.18 -4.05 3.25
C PHE A 65 -12.83 -5.38 3.62
N SER A 66 -13.40 -6.05 2.63
CA SER A 66 -14.06 -7.33 2.86
C SER A 66 -13.03 -8.47 2.87
N LEU A 67 -11.94 -8.27 2.14
CA LEU A 67 -10.88 -9.27 2.06
C LEU A 67 -10.17 -9.43 3.39
N ASN A 68 -10.13 -10.66 3.89
CA ASN A 68 -9.49 -10.96 5.16
C ASN A 68 -8.02 -11.34 4.95
N LYS A 69 -7.36 -11.74 6.03
CA LYS A 69 -5.96 -12.14 5.97
C LYS A 69 -5.76 -13.31 5.03
N ASP A 70 -6.84 -14.05 4.78
CA ASP A 70 -6.79 -15.21 3.89
C ASP A 70 -6.94 -14.78 2.44
N GLU A 71 -8.07 -14.17 2.11
CA GLU A 71 -8.33 -13.72 0.76
C GLU A 71 -7.18 -12.86 0.24
N LEU A 72 -6.67 -11.98 1.10
CA LEU A 72 -5.57 -11.10 0.72
C LEU A 72 -4.27 -11.90 0.55
N ARG A 73 -4.14 -12.97 1.32
CA ARG A 73 -2.95 -13.81 1.25
C ARG A 73 -2.96 -14.66 -0.02
N THR A 74 -4.15 -14.86 -0.58
CA THR A 74 -4.29 -15.65 -1.80
C THR A 74 -3.98 -14.82 -3.04
N VAL A 75 -4.58 -13.63 -3.10
CA VAL A 75 -4.37 -12.74 -4.23
C VAL A 75 -2.91 -12.29 -4.33
N CYS A 76 -2.28 -12.11 -3.17
CA CYS A 76 -0.88 -11.69 -3.12
C CYS A 76 -0.18 -12.29 -1.91
N PRO A 77 1.15 -12.43 -2.01
CA PRO A 77 1.97 -13.00 -0.93
C PRO A 77 2.06 -12.06 0.26
N GLU A 78 1.83 -10.78 0.03
CA GLU A 78 1.88 -9.78 1.10
C GLU A 78 0.50 -9.52 1.68
N GLY A 79 -0.39 -10.51 1.55
CA GLY A 79 -1.74 -10.36 2.07
C GLY A 79 -1.75 -10.04 3.55
N ALA A 80 -1.16 -10.92 4.35
CA ALA A 80 -1.11 -10.73 5.80
C ALA A 80 -0.57 -9.35 6.15
N ARG A 81 0.29 -8.83 5.28
CA ARG A 81 0.89 -7.51 5.50
C ARG A 81 -0.08 -6.40 5.12
N VAL A 82 -0.90 -6.66 4.11
CA VAL A 82 -1.88 -5.69 3.64
C VAL A 82 -3.07 -5.61 4.58
N TYR A 83 -3.63 -6.77 4.92
CA TYR A 83 -4.78 -6.83 5.81
C TYR A 83 -4.50 -6.10 7.12
N SER A 84 -3.30 -6.28 7.65
CA SER A 84 -2.91 -5.64 8.89
C SER A 84 -2.96 -4.12 8.75
N GLN A 85 -2.85 -3.64 7.52
CA GLN A 85 -2.89 -2.21 7.26
C GLN A 85 -4.31 -1.73 7.02
N ILE A 86 -5.17 -2.65 6.62
CA ILE A 86 -6.57 -2.33 6.36
C ILE A 86 -7.41 -2.42 7.63
N THR A 87 -6.99 -3.29 8.54
CA THR A 87 -7.71 -3.49 9.79
C THR A 87 -7.81 -2.18 10.58
N VAL A 88 -6.79 -1.34 10.44
CA VAL A 88 -6.76 -0.06 11.13
C VAL A 88 -7.70 0.95 10.47
N GLN A 89 -7.99 0.71 9.20
CA GLN A 89 -8.88 1.60 8.45
C GLN A 89 -10.33 1.37 8.84
N LYS A 90 -10.73 0.09 8.90
CA LYS A 90 -12.10 -0.27 9.26
C LYS A 90 -12.39 0.10 10.71
N ALA A 91 -11.43 -0.14 11.59
CA ALA A 91 -11.59 0.17 13.00
C ALA A 91 -11.86 1.66 13.21
N ALA A 92 -11.40 2.47 12.26
CA ALA A 92 -11.61 3.91 12.33
C ALA A 92 -13.05 4.29 12.02
N LEU A 93 -13.60 3.67 10.98
CA LEU A 93 -14.97 3.94 10.57
C LEU A 93 -15.97 3.29 11.54
N SER A 94 -15.88 1.98 11.68
CA SER A 94 -16.77 1.24 12.58
C SER A 94 -16.69 1.79 13.99
N GLY A 95 -17.71 1.51 14.79
CA GLY A 95 -17.74 1.98 16.16
C GLY A 95 -16.58 1.45 16.98
N PRO A 96 -16.60 1.74 18.29
CA PRO A 96 -15.55 1.29 19.21
C PRO A 96 -15.58 -0.21 19.45
N SER A 97 -14.78 -0.68 20.40
CA SER A 97 -14.72 -2.10 20.72
C SER A 97 -15.08 -2.35 22.18
N SER A 98 -16.33 -2.74 22.41
CA SER A 98 -16.82 -3.01 23.76
C SER A 98 -16.19 -4.29 24.31
N GLY A 99 -16.41 -4.54 25.60
CA GLY A 99 -15.88 -5.73 26.23
C GLY A 99 -16.35 -5.90 27.65
N GLY A 1 26.47 0.80 35.11
CA GLY A 1 26.05 -0.59 35.18
C GLY A 1 26.16 -1.31 33.85
N SER A 2 26.95 -2.36 33.80
CA SER A 2 27.14 -3.13 32.57
C SER A 2 27.92 -2.32 31.55
N SER A 3 27.25 -1.36 30.92
CA SER A 3 27.89 -0.51 29.92
C SER A 3 27.09 0.77 29.71
N GLY A 4 27.74 1.91 29.97
CA GLY A 4 27.09 3.20 29.82
C GLY A 4 28.04 4.36 29.98
N SER A 5 28.33 5.04 28.88
CA SER A 5 29.25 6.17 28.90
C SER A 5 28.59 7.38 29.55
N SER A 6 29.35 8.47 29.66
CA SER A 6 28.84 9.70 30.27
C SER A 6 29.55 10.92 29.70
N GLY A 7 29.44 11.11 28.39
CA GLY A 7 30.07 12.24 27.74
C GLY A 7 30.58 11.90 26.35
N THR A 8 30.25 12.74 25.38
CA THR A 8 30.67 12.52 24.00
C THR A 8 30.69 13.83 23.22
N ILE A 9 31.67 13.98 22.33
CA ILE A 9 31.81 15.18 21.52
C ILE A 9 31.53 14.89 20.04
N GLY A 10 30.84 15.81 19.38
CA GLY A 10 30.53 15.63 17.99
C GLY A 10 30.68 16.92 17.18
N ARG A 11 30.59 16.80 15.86
CA ARG A 11 30.73 17.96 14.98
C ARG A 11 29.56 18.92 15.17
N SER A 12 29.85 20.08 15.76
CA SER A 12 28.81 21.08 16.01
C SER A 12 29.02 22.30 15.10
N ALA A 13 28.25 22.36 14.02
CA ALA A 13 28.34 23.47 13.08
C ALA A 13 27.42 24.61 13.49
N ALA A 14 26.20 24.27 13.89
CA ALA A 14 25.21 25.26 14.30
C ALA A 14 24.31 24.71 15.39
N GLN A 15 23.62 25.61 16.10
CA GLN A 15 22.72 25.22 17.16
C GLN A 15 21.31 24.98 16.63
N LYS A 16 20.78 23.79 16.88
CA LYS A 16 19.44 23.43 16.43
C LYS A 16 19.34 23.54 14.91
N LYS A 17 19.63 22.45 14.22
CA LYS A 17 19.56 22.41 12.76
C LYS A 17 18.20 21.93 12.29
N PHE A 18 17.55 22.75 11.46
CA PHE A 18 16.23 22.41 10.94
C PHE A 18 16.32 22.04 9.45
N HIS A 19 15.79 20.87 9.11
CA HIS A 19 15.82 20.40 7.73
C HIS A 19 14.55 19.63 7.40
N VAL A 20 13.98 19.89 6.23
CA VAL A 20 12.76 19.22 5.80
C VAL A 20 13.01 18.34 4.58
N PRO A 21 12.17 17.32 4.39
CA PRO A 21 12.28 16.38 3.27
C PRO A 21 11.95 17.04 1.93
N ARG A 22 12.60 16.60 0.87
CA ARG A 22 12.38 17.13 -0.46
C ARG A 22 10.97 16.80 -0.95
N GLN A 23 10.68 15.51 -1.06
CA GLN A 23 9.38 15.05 -1.52
C GLN A 23 8.45 14.77 -0.34
N ASN A 24 7.36 15.53 -0.24
CA ASN A 24 6.40 15.36 0.84
C ASN A 24 5.00 15.13 0.29
N VAL A 25 4.38 14.04 0.72
CA VAL A 25 3.04 13.70 0.28
C VAL A 25 2.09 13.55 1.46
N PRO A 26 0.79 13.82 1.22
CA PRO A 26 -0.25 13.73 2.25
C PRO A 26 -0.53 12.29 2.67
N VAL A 27 -1.19 12.13 3.80
CA VAL A 27 -1.52 10.80 4.32
C VAL A 27 -2.66 10.18 3.53
N ILE A 28 -2.39 9.05 2.89
CA ILE A 28 -3.39 8.35 2.10
C ILE A 28 -4.24 7.43 2.97
N ASN A 29 -5.53 7.35 2.68
CA ASN A 29 -6.45 6.51 3.43
C ASN A 29 -7.64 6.09 2.58
N ILE A 30 -8.24 4.97 2.93
CA ILE A 30 -9.40 4.46 2.19
C ILE A 30 -10.56 4.14 3.14
N THR A 31 -11.77 4.11 2.60
CA THR A 31 -12.96 3.81 3.39
C THR A 31 -13.84 2.80 2.69
N TYR A 32 -14.96 2.45 3.32
CA TYR A 32 -15.90 1.49 2.77
C TYR A 32 -16.55 2.04 1.50
N ASP A 33 -16.42 3.35 1.30
CA ASP A 33 -17.00 4.00 0.13
C ASP A 33 -15.92 4.65 -0.72
N SER A 34 -14.76 4.00 -0.81
CA SER A 34 -13.64 4.52 -1.59
C SER A 34 -13.64 3.92 -2.99
N THR A 35 -12.81 4.49 -3.87
CA THR A 35 -12.70 4.02 -5.25
C THR A 35 -11.54 3.05 -5.40
N PRO A 36 -11.64 2.18 -6.42
CA PRO A 36 -10.60 1.17 -6.70
C PRO A 36 -9.32 1.81 -7.23
N GLU A 37 -9.36 3.10 -7.50
CA GLU A 37 -8.20 3.83 -8.02
C GLU A 37 -7.44 4.50 -6.88
N ASP A 38 -8.15 4.78 -5.79
CA ASP A 38 -7.54 5.43 -4.63
C ASP A 38 -6.81 4.41 -3.76
N VAL A 39 -7.29 3.17 -3.78
CA VAL A 39 -6.68 2.10 -3.00
C VAL A 39 -5.28 1.77 -3.52
N LYS A 40 -5.09 1.89 -4.82
CA LYS A 40 -3.81 1.60 -5.45
C LYS A 40 -2.71 2.48 -4.85
N THR A 41 -3.01 3.76 -4.70
CA THR A 41 -2.05 4.71 -4.13
C THR A 41 -1.87 4.49 -2.64
N TRP A 42 -2.92 4.03 -1.98
CA TRP A 42 -2.88 3.78 -0.55
C TRP A 42 -1.89 2.67 -0.22
N LEU A 43 -1.80 1.68 -1.11
CA LEU A 43 -0.88 0.56 -0.90
C LEU A 43 0.56 0.98 -1.18
N GLN A 44 0.75 1.75 -2.26
CA GLN A 44 2.08 2.22 -2.62
C GLN A 44 2.66 3.12 -1.55
N SER A 45 1.85 4.06 -1.07
CA SER A 45 2.29 4.99 -0.04
C SER A 45 2.89 4.24 1.15
N LYS A 46 2.18 3.24 1.63
CA LYS A 46 2.64 2.44 2.76
C LYS A 46 3.99 1.79 2.46
N GLY A 47 4.22 1.50 1.19
CA GLY A 47 5.47 0.88 0.78
C GLY A 47 5.30 -0.58 0.40
N PHE A 48 4.09 -0.95 0.00
CA PHE A 48 3.80 -2.33 -0.39
C PHE A 48 4.31 -2.61 -1.80
N ASN A 49 4.77 -3.84 -2.02
CA ASN A 49 5.29 -4.24 -3.32
C ASN A 49 4.28 -3.93 -4.42
N PRO A 50 4.78 -3.77 -5.65
CA PRO A 50 3.93 -3.48 -6.82
C PRO A 50 3.06 -4.66 -7.22
N VAL A 51 3.52 -5.87 -6.90
CA VAL A 51 2.78 -7.08 -7.23
C VAL A 51 1.43 -7.11 -6.51
N THR A 52 1.33 -6.37 -5.41
CA THR A 52 0.11 -6.31 -4.63
C THR A 52 -0.77 -5.14 -5.07
N VAL A 53 -0.14 -3.98 -5.28
CA VAL A 53 -0.86 -2.79 -5.70
C VAL A 53 -1.50 -2.99 -7.06
N ASN A 54 -0.98 -3.94 -7.83
CA ASN A 54 -1.51 -4.23 -9.16
C ASN A 54 -2.72 -5.14 -9.07
N SER A 55 -2.65 -6.13 -8.18
CA SER A 55 -3.75 -7.07 -8.00
C SER A 55 -4.90 -6.44 -7.21
N LEU A 56 -4.55 -5.74 -6.13
CA LEU A 56 -5.53 -5.08 -5.29
C LEU A 56 -5.73 -3.62 -5.71
N GLY A 57 -5.34 -3.31 -6.94
CA GLY A 57 -5.47 -1.95 -7.44
C GLY A 57 -6.70 -1.79 -8.33
N VAL A 58 -7.55 -2.81 -8.36
CA VAL A 58 -8.76 -2.77 -9.17
C VAL A 58 -10.01 -2.85 -8.29
N LEU A 59 -9.82 -3.27 -7.04
CA LEU A 59 -10.94 -3.40 -6.11
C LEU A 59 -11.11 -2.11 -5.30
N ASN A 60 -12.36 -1.70 -5.12
CA ASN A 60 -12.66 -0.49 -4.36
C ASN A 60 -12.44 -0.71 -2.87
N GLY A 61 -12.36 0.38 -2.12
CA GLY A 61 -12.16 0.29 -0.69
C GLY A 61 -13.13 -0.65 -0.01
N ALA A 62 -14.38 -0.65 -0.49
CA ALA A 62 -15.42 -1.50 0.06
C ALA A 62 -15.05 -2.97 -0.08
N GLN A 63 -14.76 -3.39 -1.30
CA GLN A 63 -14.39 -4.78 -1.57
C GLN A 63 -13.13 -5.17 -0.81
N LEU A 64 -12.10 -4.34 -0.91
CA LEU A 64 -10.84 -4.60 -0.23
C LEU A 64 -11.06 -4.75 1.27
N PHE A 65 -11.97 -3.95 1.81
CA PHE A 65 -12.28 -4.00 3.24
C PHE A 65 -12.93 -5.31 3.62
N SER A 66 -13.53 -5.97 2.62
CA SER A 66 -14.20 -7.25 2.85
C SER A 66 -13.19 -8.40 2.89
N LEU A 67 -12.09 -8.22 2.18
CA LEU A 67 -11.04 -9.25 2.13
C LEU A 67 -10.40 -9.43 3.50
N ASN A 68 -10.04 -10.67 3.81
CA ASN A 68 -9.40 -10.98 5.09
C ASN A 68 -7.94 -11.37 4.89
N LYS A 69 -7.27 -11.69 6.00
CA LYS A 69 -5.87 -12.08 5.95
C LYS A 69 -5.66 -13.26 5.00
N ASP A 70 -6.72 -14.05 4.81
CA ASP A 70 -6.67 -15.22 3.94
C ASP A 70 -6.84 -14.80 2.48
N GLU A 71 -7.98 -14.19 2.18
CA GLU A 71 -8.27 -13.75 0.82
C GLU A 71 -7.13 -12.90 0.26
N LEU A 72 -6.62 -11.99 1.09
CA LEU A 72 -5.52 -11.12 0.68
C LEU A 72 -4.23 -11.91 0.51
N ARG A 73 -4.05 -12.93 1.34
CA ARG A 73 -2.86 -13.77 1.29
C ARG A 73 -2.87 -14.63 0.03
N THR A 74 -4.05 -14.89 -0.50
CA THR A 74 -4.19 -15.70 -1.70
C THR A 74 -3.92 -14.89 -2.96
N VAL A 75 -4.52 -13.71 -3.04
CA VAL A 75 -4.33 -12.83 -4.19
C VAL A 75 -2.88 -12.36 -4.30
N CYS A 76 -2.25 -12.13 -3.14
CA CYS A 76 -0.86 -11.67 -3.11
C CYS A 76 -0.13 -12.26 -1.90
N PRO A 77 1.19 -12.38 -2.01
CA PRO A 77 2.03 -12.93 -0.95
C PRO A 77 2.12 -11.99 0.25
N GLU A 78 1.87 -10.71 0.01
CA GLU A 78 1.93 -9.71 1.08
C GLU A 78 0.54 -9.45 1.66
N GLY A 79 -0.35 -10.44 1.51
CA GLY A 79 -1.69 -10.30 2.03
C GLY A 79 -1.72 -10.04 3.52
N ALA A 80 -1.11 -10.93 4.29
CA ALA A 80 -1.06 -10.78 5.74
C ALA A 80 -0.55 -9.40 6.13
N ARG A 81 0.30 -8.82 5.30
CA ARG A 81 0.87 -7.51 5.56
C ARG A 81 -0.11 -6.41 5.17
N VAL A 82 -0.90 -6.67 4.12
CA VAL A 82 -1.88 -5.70 3.65
C VAL A 82 -3.08 -5.62 4.58
N TYR A 83 -3.63 -6.78 4.93
CA TYR A 83 -4.78 -6.84 5.81
C TYR A 83 -4.51 -6.10 7.11
N SER A 84 -3.30 -6.28 7.65
CA SER A 84 -2.91 -5.63 8.89
C SER A 84 -2.96 -4.11 8.76
N GLN A 85 -2.85 -3.64 7.52
CA GLN A 85 -2.89 -2.20 7.25
C GLN A 85 -4.31 -1.72 7.01
N ILE A 86 -5.18 -2.65 6.63
CA ILE A 86 -6.57 -2.33 6.36
C ILE A 86 -7.41 -2.42 7.64
N THR A 87 -7.00 -3.30 8.54
CA THR A 87 -7.71 -3.49 9.80
C THR A 87 -7.81 -2.18 10.57
N VAL A 88 -6.80 -1.34 10.43
CA VAL A 88 -6.77 -0.05 11.12
C VAL A 88 -7.71 0.95 10.45
N GLN A 89 -8.00 0.72 9.17
CA GLN A 89 -8.89 1.60 8.42
C GLN A 89 -10.35 1.34 8.79
N LYS A 90 -10.72 0.07 8.86
CA LYS A 90 -12.09 -0.32 9.21
C LYS A 90 -12.40 0.04 10.66
N ALA A 91 -11.44 -0.21 11.54
CA ALA A 91 -11.61 0.10 12.96
C ALA A 91 -11.89 1.58 13.18
N ALA A 92 -11.44 2.40 12.25
CA ALA A 92 -11.65 3.84 12.33
C ALA A 92 -13.09 4.22 12.01
N LEU A 93 -13.63 3.60 10.95
CA LEU A 93 -15.00 3.87 10.53
C LEU A 93 -16.00 3.22 11.49
N SER A 94 -15.74 1.97 11.85
CA SER A 94 -16.62 1.24 12.75
C SER A 94 -16.76 1.97 14.08
N GLY A 95 -17.99 2.26 14.47
CA GLY A 95 -18.24 2.95 15.72
C GLY A 95 -18.11 2.05 16.93
N PRO A 96 -18.14 2.64 18.13
CA PRO A 96 -18.02 1.90 19.39
C PRO A 96 -19.24 1.03 19.67
N SER A 97 -19.20 -0.21 19.20
CA SER A 97 -20.32 -1.13 19.40
C SER A 97 -19.82 -2.47 19.95
N SER A 98 -19.33 -2.45 21.19
CA SER A 98 -18.82 -3.66 21.82
C SER A 98 -19.97 -4.56 22.28
N GLY A 99 -19.62 -5.79 22.64
CA GLY A 99 -20.63 -6.73 23.10
C GLY A 99 -20.04 -7.96 23.76
N GLY A 1 23.38 -15.54 -46.79
CA GLY A 1 24.38 -15.23 -45.78
C GLY A 1 23.88 -14.21 -44.76
N SER A 2 22.86 -13.46 -45.15
CA SER A 2 22.29 -12.43 -44.27
C SER A 2 20.77 -12.51 -44.27
N SER A 3 20.17 -12.01 -43.19
CA SER A 3 18.71 -12.01 -43.06
C SER A 3 18.25 -11.00 -42.02
N GLY A 4 16.95 -10.70 -42.02
CA GLY A 4 16.42 -9.74 -41.07
C GLY A 4 16.30 -10.32 -39.67
N SER A 5 17.26 -9.98 -38.81
CA SER A 5 17.28 -10.46 -37.44
C SER A 5 17.90 -9.44 -36.50
N SER A 6 17.13 -9.00 -35.50
CA SER A 6 17.60 -8.02 -34.54
C SER A 6 17.86 -8.67 -33.19
N GLY A 7 18.30 -7.86 -32.22
CA GLY A 7 18.58 -8.38 -30.89
C GLY A 7 19.16 -7.33 -29.98
N THR A 8 18.35 -6.81 -29.07
CA THR A 8 18.79 -5.79 -28.12
C THR A 8 18.25 -6.06 -26.72
N ILE A 9 18.78 -7.10 -26.08
CA ILE A 9 18.36 -7.46 -24.74
C ILE A 9 19.30 -6.89 -23.69
N GLY A 10 20.59 -6.88 -24.00
CA GLY A 10 21.58 -6.35 -23.08
C GLY A 10 22.31 -7.45 -22.33
N ARG A 11 23.19 -8.16 -23.02
CA ARG A 11 23.96 -9.23 -22.42
C ARG A 11 24.87 -8.70 -21.32
N SER A 12 24.67 -9.21 -20.10
CA SER A 12 25.47 -8.78 -18.96
C SER A 12 25.27 -7.28 -18.69
N ALA A 13 24.02 -6.89 -18.48
CA ALA A 13 23.70 -5.50 -18.20
C ALA A 13 23.80 -5.20 -16.71
N ALA A 14 24.59 -4.18 -16.38
CA ALA A 14 24.77 -3.79 -14.98
C ALA A 14 23.69 -2.80 -14.54
N GLN A 15 22.67 -3.31 -13.86
CA GLN A 15 21.57 -2.48 -13.39
C GLN A 15 21.81 -2.02 -11.95
N LYS A 16 21.38 -0.82 -11.64
CA LYS A 16 21.54 -0.26 -10.30
C LYS A 16 20.46 0.79 -10.01
N LYS A 17 20.12 0.93 -8.73
CA LYS A 17 19.11 1.89 -8.31
C LYS A 17 19.54 3.31 -8.65
N PHE A 18 18.57 4.20 -8.86
CA PHE A 18 18.85 5.58 -9.18
C PHE A 18 18.51 6.50 -8.01
N HIS A 19 19.53 7.19 -7.49
CA HIS A 19 19.34 8.10 -6.37
C HIS A 19 18.53 9.32 -6.79
N VAL A 20 17.25 9.33 -6.43
CA VAL A 20 16.37 10.44 -6.77
C VAL A 20 15.84 11.13 -5.51
N PRO A 21 15.46 12.41 -5.66
CA PRO A 21 14.93 13.20 -4.55
C PRO A 21 13.55 12.73 -4.10
N ARG A 22 13.35 12.64 -2.78
CA ARG A 22 12.08 12.20 -2.23
C ARG A 22 10.98 13.23 -2.53
N GLN A 23 9.75 12.73 -2.71
CA GLN A 23 8.62 13.61 -3.00
C GLN A 23 7.64 13.61 -1.84
N ASN A 24 7.48 14.77 -1.20
CA ASN A 24 6.57 14.91 -0.08
C ASN A 24 5.13 14.79 -0.53
N VAL A 25 4.42 13.81 0.02
CA VAL A 25 3.02 13.59 -0.33
C VAL A 25 2.14 13.52 0.92
N PRO A 26 0.87 13.90 0.76
CA PRO A 26 -0.11 13.88 1.87
C PRO A 26 -0.47 12.47 2.30
N VAL A 27 -1.07 12.35 3.49
CA VAL A 27 -1.47 11.05 4.01
C VAL A 27 -2.60 10.46 3.18
N ILE A 28 -2.53 9.15 2.96
CA ILE A 28 -3.55 8.45 2.19
C ILE A 28 -4.39 7.55 3.08
N ASN A 29 -5.69 7.50 2.79
CA ASN A 29 -6.61 6.67 3.56
C ASN A 29 -7.74 6.14 2.68
N ILE A 30 -8.32 5.02 3.09
CA ILE A 30 -9.41 4.41 2.33
C ILE A 30 -10.58 4.05 3.25
N THR A 31 -11.78 4.04 2.69
CA THR A 31 -12.98 3.71 3.46
C THR A 31 -13.86 2.71 2.71
N TYR A 32 -14.95 2.30 3.34
CA TYR A 32 -15.87 1.35 2.74
C TYR A 32 -16.51 1.91 1.48
N ASP A 33 -16.44 3.24 1.34
CA ASP A 33 -17.02 3.90 0.17
C ASP A 33 -15.93 4.59 -0.65
N SER A 34 -14.79 3.92 -0.78
CA SER A 34 -13.67 4.46 -1.54
C SER A 34 -13.64 3.90 -2.96
N THR A 35 -12.81 4.49 -3.82
CA THR A 35 -12.70 4.05 -5.20
C THR A 35 -11.52 3.09 -5.37
N PRO A 36 -11.59 2.25 -6.42
CA PRO A 36 -10.54 1.26 -6.71
C PRO A 36 -9.26 1.93 -7.22
N GLU A 37 -9.34 3.24 -7.46
CA GLU A 37 -8.18 3.98 -7.95
C GLU A 37 -7.41 4.61 -6.80
N ASP A 38 -8.11 4.85 -5.69
CA ASP A 38 -7.49 5.44 -4.51
C ASP A 38 -6.67 4.41 -3.75
N VAL A 39 -7.20 3.19 -3.67
CA VAL A 39 -6.52 2.10 -2.96
C VAL A 39 -5.13 1.87 -3.54
N LYS A 40 -5.01 2.01 -4.85
CA LYS A 40 -3.73 1.81 -5.53
C LYS A 40 -2.64 2.67 -4.90
N THR A 41 -2.96 3.94 -4.66
CA THR A 41 -2.01 4.87 -4.07
C THR A 41 -1.82 4.58 -2.58
N TRP A 42 -2.89 4.15 -1.92
CA TRP A 42 -2.85 3.85 -0.49
C TRP A 42 -1.84 2.74 -0.21
N LEU A 43 -1.80 1.75 -1.11
CA LEU A 43 -0.88 0.63 -0.97
C LEU A 43 0.56 1.05 -1.24
N GLN A 44 0.73 1.87 -2.26
CA GLN A 44 2.06 2.36 -2.63
C GLN A 44 2.63 3.27 -1.55
N SER A 45 1.80 4.19 -1.06
CA SER A 45 2.22 5.12 -0.03
C SER A 45 2.84 4.39 1.16
N LYS A 46 2.15 3.35 1.63
CA LYS A 46 2.64 2.57 2.76
C LYS A 46 3.98 1.92 2.44
N GLY A 47 4.24 1.74 1.15
CA GLY A 47 5.50 1.14 0.73
C GLY A 47 5.37 -0.35 0.44
N PHE A 48 4.30 -0.71 -0.26
CA PHE A 48 4.06 -2.11 -0.59
C PHE A 48 4.56 -2.42 -2.00
N ASN A 49 4.90 -3.68 -2.23
CA ASN A 49 5.40 -4.10 -3.54
C ASN A 49 4.35 -3.86 -4.63
N PRO A 50 4.80 -3.91 -5.90
CA PRO A 50 3.91 -3.70 -7.05
C PRO A 50 2.93 -4.85 -7.24
N VAL A 51 3.42 -6.07 -7.10
CA VAL A 51 2.58 -7.26 -7.25
C VAL A 51 1.29 -7.12 -6.45
N THR A 52 1.32 -6.29 -5.41
CA THR A 52 0.15 -6.07 -4.57
C THR A 52 -0.66 -4.88 -5.05
N VAL A 53 0.05 -3.84 -5.48
CA VAL A 53 -0.60 -2.63 -5.98
C VAL A 53 -1.29 -2.87 -7.32
N ASN A 54 -0.86 -3.92 -8.01
CA ASN A 54 -1.44 -4.25 -9.30
C ASN A 54 -2.59 -5.24 -9.14
N SER A 55 -2.51 -6.06 -8.11
CA SER A 55 -3.55 -7.06 -7.84
C SER A 55 -4.68 -6.45 -7.02
N LEU A 56 -4.33 -5.56 -6.10
CA LEU A 56 -5.31 -4.92 -5.24
C LEU A 56 -5.49 -3.44 -5.64
N GLY A 57 -5.16 -3.14 -6.89
CA GLY A 57 -5.30 -1.78 -7.37
C GLY A 57 -6.50 -1.60 -8.27
N VAL A 58 -7.35 -2.62 -8.34
CA VAL A 58 -8.55 -2.56 -9.16
C VAL A 58 -9.81 -2.67 -8.31
N LEU A 59 -9.65 -3.17 -7.08
CA LEU A 59 -10.77 -3.31 -6.17
C LEU A 59 -10.98 -2.05 -5.35
N ASN A 60 -12.24 -1.66 -5.17
CA ASN A 60 -12.57 -0.48 -4.39
C ASN A 60 -12.36 -0.71 -2.91
N GLY A 61 -12.32 0.37 -2.13
CA GLY A 61 -12.13 0.25 -0.70
C GLY A 61 -13.09 -0.72 -0.05
N ALA A 62 -14.34 -0.73 -0.54
CA ALA A 62 -15.36 -1.61 -0.02
C ALA A 62 -14.96 -3.08 -0.18
N GLN A 63 -14.67 -3.47 -1.41
CA GLN A 63 -14.27 -4.84 -1.70
C GLN A 63 -13.00 -5.21 -0.95
N LEU A 64 -12.00 -4.35 -1.02
CA LEU A 64 -10.73 -4.58 -0.35
C LEU A 64 -10.94 -4.79 1.15
N PHE A 65 -11.86 -4.02 1.71
CA PHE A 65 -12.17 -4.11 3.13
C PHE A 65 -12.78 -5.47 3.48
N SER A 66 -13.36 -6.12 2.47
CA SER A 66 -13.98 -7.43 2.66
C SER A 66 -12.94 -8.52 2.74
N LEU A 67 -11.81 -8.32 2.05
CA LEU A 67 -10.74 -9.30 2.04
C LEU A 67 -10.04 -9.35 3.40
N ASN A 68 -10.01 -10.54 3.99
CA ASN A 68 -9.39 -10.72 5.30
C ASN A 68 -7.94 -11.21 5.13
N LYS A 69 -7.33 -11.60 6.24
CA LYS A 69 -5.95 -12.08 6.23
C LYS A 69 -5.79 -13.27 5.29
N ASP A 70 -6.90 -13.95 5.02
CA ASP A 70 -6.89 -15.11 4.14
C ASP A 70 -7.08 -14.68 2.69
N GLU A 71 -8.20 -14.02 2.41
CA GLU A 71 -8.49 -13.56 1.06
C GLU A 71 -7.31 -12.76 0.48
N LEU A 72 -6.81 -11.82 1.27
CA LEU A 72 -5.69 -10.99 0.85
C LEU A 72 -4.42 -11.84 0.67
N ARG A 73 -4.32 -12.91 1.43
CA ARG A 73 -3.18 -13.81 1.35
C ARG A 73 -3.27 -14.73 0.14
N THR A 74 -4.50 -14.95 -0.33
CA THR A 74 -4.73 -15.81 -1.49
C THR A 74 -4.49 -15.06 -2.79
N VAL A 75 -4.74 -13.75 -2.77
CA VAL A 75 -4.55 -12.93 -3.96
C VAL A 75 -3.07 -12.59 -4.15
N CYS A 76 -2.34 -12.47 -3.05
CA CYS A 76 -0.92 -12.15 -3.10
C CYS A 76 -0.22 -12.60 -1.82
N PRO A 77 1.11 -12.75 -1.90
CA PRO A 77 1.93 -13.19 -0.77
C PRO A 77 2.02 -12.12 0.31
N GLU A 78 1.74 -10.88 -0.05
CA GLU A 78 1.78 -9.77 0.89
C GLU A 78 0.40 -9.50 1.48
N GLY A 79 -0.46 -10.52 1.47
CA GLY A 79 -1.79 -10.37 2.01
C GLY A 79 -1.79 -9.98 3.48
N ALA A 80 -1.23 -10.85 4.31
CA ALA A 80 -1.17 -10.59 5.75
C ALA A 80 -0.57 -9.23 6.04
N ARG A 81 0.31 -8.77 5.15
CA ARG A 81 0.96 -7.46 5.32
C ARG A 81 -0.01 -6.34 4.97
N VAL A 82 -0.88 -6.58 3.99
CA VAL A 82 -1.86 -5.59 3.58
C VAL A 82 -3.02 -5.50 4.55
N TYR A 83 -3.56 -6.66 4.92
CA TYR A 83 -4.68 -6.71 5.85
C TYR A 83 -4.36 -5.95 7.14
N SER A 84 -3.16 -6.16 7.66
CA SER A 84 -2.73 -5.49 8.88
C SER A 84 -2.78 -3.99 8.73
N GLN A 85 -2.73 -3.52 7.48
CA GLN A 85 -2.78 -2.08 7.20
C GLN A 85 -4.22 -1.62 6.98
N ILE A 86 -5.09 -2.56 6.62
CA ILE A 86 -6.49 -2.24 6.38
C ILE A 86 -7.30 -2.33 7.67
N THR A 87 -6.89 -3.24 8.55
CA THR A 87 -7.58 -3.43 9.82
C THR A 87 -7.69 -2.12 10.59
N VAL A 88 -6.66 -1.30 10.50
CA VAL A 88 -6.64 -0.01 11.18
C VAL A 88 -7.65 0.95 10.57
N GLN A 89 -7.97 0.73 9.29
CA GLN A 89 -8.92 1.58 8.60
C GLN A 89 -10.36 1.16 8.90
N LYS A 90 -10.62 -0.14 8.80
CA LYS A 90 -11.95 -0.67 9.08
C LYS A 90 -12.38 -0.36 10.50
N ALA A 91 -11.43 -0.48 11.44
CA ALA A 91 -11.72 -0.21 12.85
C ALA A 91 -12.03 1.26 13.07
N ALA A 92 -11.52 2.11 12.18
CA ALA A 92 -11.74 3.55 12.29
C ALA A 92 -13.17 3.92 11.93
N LEU A 93 -13.73 3.20 10.96
CA LEU A 93 -15.11 3.45 10.52
C LEU A 93 -16.10 2.70 11.41
N SER A 94 -15.93 1.39 11.51
CA SER A 94 -16.82 0.57 12.32
C SER A 94 -16.51 0.73 13.80
N GLY A 95 -17.54 1.01 14.59
CA GLY A 95 -17.36 1.18 16.02
C GLY A 95 -18.64 1.58 16.72
N PRO A 96 -19.08 2.82 16.49
CA PRO A 96 -20.32 3.34 17.10
C PRO A 96 -21.57 2.68 16.55
N SER A 97 -22.22 1.88 17.38
CA SER A 97 -23.44 1.18 16.97
C SER A 97 -24.57 2.16 16.71
N SER A 98 -24.99 2.86 17.76
CA SER A 98 -26.08 3.83 17.65
C SER A 98 -25.61 5.08 16.91
N GLY A 99 -26.31 5.44 15.85
CA GLY A 99 -25.96 6.62 15.08
C GLY A 99 -25.27 6.27 13.77
N GLY A 1 13.14 -21.39 22.39
CA GLY A 1 13.78 -20.69 23.49
C GLY A 1 15.20 -20.27 23.16
N SER A 2 15.40 -18.97 22.94
CA SER A 2 16.72 -18.44 22.61
C SER A 2 17.24 -19.06 21.31
N SER A 3 18.43 -18.64 20.91
CA SER A 3 19.04 -19.15 19.69
C SER A 3 18.11 -18.97 18.50
N GLY A 4 18.04 -17.75 17.98
CA GLY A 4 17.17 -17.47 16.85
C GLY A 4 16.90 -16.00 16.68
N SER A 5 17.87 -15.26 16.15
CA SER A 5 17.73 -13.83 15.94
C SER A 5 17.49 -13.10 17.27
N SER A 6 18.28 -13.47 18.28
CA SER A 6 18.16 -12.86 19.60
C SER A 6 19.45 -13.02 20.39
N GLY A 7 20.08 -11.89 20.71
CA GLY A 7 21.32 -11.92 21.47
C GLY A 7 22.50 -12.33 20.62
N THR A 8 22.61 -13.64 20.37
CA THR A 8 23.70 -14.17 19.56
C THR A 8 23.71 -13.56 18.16
N ILE A 9 24.91 -13.26 17.67
CA ILE A 9 25.05 -12.67 16.34
C ILE A 9 26.04 -13.46 15.49
N GLY A 10 25.72 -13.62 14.21
CA GLY A 10 26.60 -14.36 13.31
C GLY A 10 25.85 -14.98 12.16
N ARG A 11 24.56 -15.22 12.34
CA ARG A 11 23.73 -15.82 11.31
C ARG A 11 23.52 -14.84 10.15
N SER A 12 24.25 -15.06 9.05
CA SER A 12 24.13 -14.21 7.88
C SER A 12 22.74 -14.29 7.27
N ALA A 13 22.41 -13.31 6.43
CA ALA A 13 21.10 -13.27 5.79
C ALA A 13 21.18 -12.56 4.44
N ALA A 14 20.04 -12.42 3.78
CA ALA A 14 19.97 -11.76 2.48
C ALA A 14 20.42 -10.31 2.60
N GLN A 15 20.42 -9.61 1.46
CA GLN A 15 20.83 -8.20 1.43
C GLN A 15 19.65 -7.30 1.14
N LYS A 16 19.48 -6.27 1.96
CA LYS A 16 18.38 -5.32 1.80
C LYS A 16 18.85 -4.08 1.06
N LYS A 17 17.91 -3.39 0.41
CA LYS A 17 18.22 -2.18 -0.33
C LYS A 17 17.43 -0.99 0.20
N PHE A 18 18.12 0.12 0.44
CA PHE A 18 17.49 1.33 0.96
C PHE A 18 16.78 2.08 -0.15
N HIS A 19 15.58 2.57 0.15
CA HIS A 19 14.78 3.31 -0.83
C HIS A 19 13.76 4.20 -0.13
N VAL A 20 13.87 5.52 -0.35
CA VAL A 20 12.95 6.47 0.25
C VAL A 20 12.38 7.42 -0.79
N PRO A 21 11.20 7.99 -0.49
CA PRO A 21 10.52 8.93 -1.40
C PRO A 21 11.26 10.26 -1.50
N ARG A 22 11.65 10.63 -2.71
CA ARG A 22 12.37 11.88 -2.94
C ARG A 22 11.53 13.07 -2.46
N GLN A 23 10.24 13.05 -2.77
CA GLN A 23 9.34 14.12 -2.37
C GLN A 23 8.31 13.62 -1.36
N ASN A 24 7.86 14.52 -0.49
CA ASN A 24 6.87 14.18 0.52
C ASN A 24 5.50 13.99 -0.10
N VAL A 25 4.67 13.16 0.53
CA VAL A 25 3.33 12.89 0.04
C VAL A 25 2.30 13.01 1.16
N PRO A 26 1.06 13.37 0.79
CA PRO A 26 -0.04 13.53 1.76
C PRO A 26 -0.49 12.19 2.34
N VAL A 27 -1.23 12.26 3.44
CA VAL A 27 -1.73 11.05 4.09
C VAL A 27 -2.83 10.40 3.27
N ILE A 28 -2.62 9.14 2.90
CA ILE A 28 -3.61 8.39 2.12
C ILE A 28 -4.45 7.50 3.00
N ASN A 29 -5.74 7.39 2.67
CA ASN A 29 -6.66 6.55 3.43
C ASN A 29 -7.82 6.08 2.57
N ILE A 30 -8.42 4.96 2.94
CA ILE A 30 -9.53 4.40 2.20
C ILE A 30 -10.70 4.06 3.13
N THR A 31 -11.91 4.02 2.57
CA THR A 31 -13.10 3.72 3.33
C THR A 31 -13.97 2.69 2.62
N TYR A 32 -15.09 2.33 3.24
CA TYR A 32 -16.01 1.35 2.66
C TYR A 32 -16.64 1.90 1.38
N ASP A 33 -16.55 3.22 1.20
CA ASP A 33 -17.12 3.86 0.02
C ASP A 33 -16.01 4.53 -0.80
N SER A 34 -14.88 3.85 -0.92
CA SER A 34 -13.76 4.39 -1.67
C SER A 34 -13.71 3.79 -3.08
N THR A 35 -12.87 4.37 -3.94
CA THR A 35 -12.74 3.90 -5.31
C THR A 35 -11.56 2.94 -5.45
N PRO A 36 -11.62 2.07 -6.47
CA PRO A 36 -10.56 1.09 -6.73
C PRO A 36 -9.28 1.74 -7.24
N GLU A 37 -9.35 3.03 -7.52
CA GLU A 37 -8.19 3.78 -8.00
C GLU A 37 -7.45 4.45 -6.85
N ASP A 38 -8.18 4.72 -5.78
CA ASP A 38 -7.59 5.36 -4.60
C ASP A 38 -6.84 4.35 -3.74
N VAL A 39 -7.28 3.09 -3.80
CA VAL A 39 -6.66 2.03 -3.03
C VAL A 39 -5.25 1.73 -3.54
N LYS A 40 -5.05 1.93 -4.83
CA LYS A 40 -3.75 1.69 -5.45
C LYS A 40 -2.68 2.60 -4.85
N THR A 41 -3.04 3.86 -4.65
CA THR A 41 -2.10 4.84 -4.09
C THR A 41 -1.93 4.62 -2.59
N TRP A 42 -2.95 4.08 -1.95
CA TRP A 42 -2.90 3.83 -0.51
C TRP A 42 -1.89 2.74 -0.19
N LEU A 43 -1.84 1.72 -1.04
CA LEU A 43 -0.90 0.60 -0.84
C LEU A 43 0.53 1.05 -1.09
N GLN A 44 0.72 1.86 -2.14
CA GLN A 44 2.05 2.35 -2.50
C GLN A 44 2.61 3.23 -1.38
N SER A 45 1.80 4.17 -0.91
CA SER A 45 2.23 5.07 0.15
C SER A 45 2.78 4.30 1.34
N LYS A 46 2.03 3.31 1.80
CA LYS A 46 2.46 2.48 2.93
C LYS A 46 3.81 1.83 2.65
N GLY A 47 4.14 1.67 1.38
CA GLY A 47 5.40 1.06 1.00
C GLY A 47 5.26 -0.41 0.67
N PHE A 48 4.24 -0.73 -0.12
CA PHE A 48 4.00 -2.13 -0.50
C PHE A 48 4.51 -2.39 -1.92
N ASN A 49 4.91 -3.63 -2.17
CA ASN A 49 5.43 -4.02 -3.48
C ASN A 49 4.40 -3.76 -4.56
N PRO A 50 4.86 -3.77 -5.83
CA PRO A 50 3.98 -3.55 -6.98
C PRO A 50 3.01 -4.71 -7.21
N VAL A 51 3.52 -5.92 -7.09
CA VAL A 51 2.70 -7.12 -7.29
C VAL A 51 1.39 -7.02 -6.51
N THR A 52 1.41 -6.23 -5.44
CA THR A 52 0.22 -6.05 -4.61
C THR A 52 -0.61 -4.86 -5.08
N VAL A 53 0.07 -3.78 -5.44
CA VAL A 53 -0.61 -2.58 -5.91
C VAL A 53 -1.29 -2.82 -7.25
N ASN A 54 -0.82 -3.82 -7.98
CA ASN A 54 -1.39 -4.17 -9.28
C ASN A 54 -2.52 -5.18 -9.12
N SER A 55 -2.45 -5.99 -8.07
CA SER A 55 -3.47 -7.00 -7.81
C SER A 55 -4.65 -6.39 -7.05
N LEU A 56 -4.36 -5.69 -5.97
CA LEU A 56 -5.39 -5.05 -5.16
C LEU A 56 -5.60 -3.60 -5.58
N GLY A 57 -5.21 -3.28 -6.81
CA GLY A 57 -5.36 -1.93 -7.31
C GLY A 57 -6.57 -1.79 -8.22
N VAL A 58 -7.40 -2.82 -8.27
CA VAL A 58 -8.60 -2.81 -9.09
C VAL A 58 -9.86 -2.90 -8.25
N LEU A 59 -9.71 -3.37 -7.01
CA LEU A 59 -10.83 -3.51 -6.11
C LEU A 59 -11.04 -2.22 -5.30
N ASN A 60 -12.29 -1.82 -5.15
CA ASN A 60 -12.62 -0.62 -4.40
C ASN A 60 -12.44 -0.83 -2.90
N GLY A 61 -12.39 0.26 -2.15
CA GLY A 61 -12.21 0.17 -0.71
C GLY A 61 -13.19 -0.79 -0.07
N ALA A 62 -14.42 -0.80 -0.56
CA ALA A 62 -15.46 -1.67 -0.03
C ALA A 62 -15.06 -3.13 -0.17
N GLN A 63 -14.76 -3.55 -1.40
CA GLN A 63 -14.37 -4.93 -1.67
C GLN A 63 -13.11 -5.29 -0.88
N LEU A 64 -12.10 -4.44 -0.96
CA LEU A 64 -10.85 -4.67 -0.25
C LEU A 64 -11.09 -4.82 1.25
N PHE A 65 -12.02 -4.05 1.78
CA PHE A 65 -12.35 -4.10 3.20
C PHE A 65 -13.00 -5.43 3.56
N SER A 66 -13.57 -6.10 2.56
CA SER A 66 -14.24 -7.37 2.77
C SER A 66 -13.22 -8.51 2.84
N LEU A 67 -12.10 -8.33 2.14
CA LEU A 67 -11.05 -9.34 2.11
C LEU A 67 -10.40 -9.49 3.48
N ASN A 68 -10.06 -10.72 3.84
CA ASN A 68 -9.42 -11.00 5.13
C ASN A 68 -7.98 -11.44 4.94
N LYS A 69 -7.30 -11.73 6.04
CA LYS A 69 -5.91 -12.16 5.99
C LYS A 69 -5.75 -13.37 5.08
N ASP A 70 -6.83 -14.14 4.92
CA ASP A 70 -6.80 -15.32 4.07
C ASP A 70 -6.96 -14.94 2.60
N GLU A 71 -8.07 -14.30 2.29
CA GLU A 71 -8.36 -13.88 0.92
C GLU A 71 -7.23 -13.01 0.38
N LEU A 72 -6.73 -12.10 1.20
CA LEU A 72 -5.65 -11.21 0.80
C LEU A 72 -4.34 -11.97 0.64
N ARG A 73 -4.22 -13.08 1.37
CA ARG A 73 -3.01 -13.90 1.31
C ARG A 73 -3.03 -14.78 0.05
N THR A 74 -4.21 -15.02 -0.49
CA THR A 74 -4.37 -15.84 -1.68
C THR A 74 -4.10 -15.02 -2.94
N VAL A 75 -4.60 -13.79 -2.95
CA VAL A 75 -4.42 -12.90 -4.10
C VAL A 75 -2.94 -12.53 -4.28
N CYS A 76 -2.24 -12.36 -3.16
CA CYS A 76 -0.83 -12.00 -3.20
C CYS A 76 -0.12 -12.49 -1.94
N PRO A 77 1.22 -12.60 -2.03
CA PRO A 77 2.05 -13.06 -0.91
C PRO A 77 2.11 -12.05 0.23
N GLU A 78 1.83 -10.79 -0.09
CA GLU A 78 1.85 -9.72 0.90
C GLU A 78 0.46 -9.48 1.46
N GLY A 79 -0.38 -10.51 1.43
CA GLY A 79 -1.73 -10.38 1.93
C GLY A 79 -1.77 -10.04 3.41
N ALA A 80 -1.19 -10.90 4.24
CA ALA A 80 -1.15 -10.67 5.68
C ALA A 80 -0.61 -9.28 6.01
N ARG A 81 0.26 -8.77 5.14
CA ARG A 81 0.85 -7.45 5.34
C ARG A 81 -0.15 -6.35 5.01
N VAL A 82 -0.99 -6.60 4.00
CA VAL A 82 -1.99 -5.63 3.58
C VAL A 82 -3.15 -5.59 4.57
N TYR A 83 -3.65 -6.76 4.94
CA TYR A 83 -4.77 -6.85 5.88
C TYR A 83 -4.47 -6.07 7.16
N SER A 84 -3.26 -6.26 7.69
CA SER A 84 -2.85 -5.58 8.91
C SER A 84 -2.89 -4.07 8.74
N GLN A 85 -2.82 -3.63 7.48
CA GLN A 85 -2.85 -2.19 7.17
C GLN A 85 -4.27 -1.71 6.95
N ILE A 86 -5.16 -2.64 6.60
CA ILE A 86 -6.57 -2.30 6.37
C ILE A 86 -7.37 -2.36 7.67
N THR A 87 -6.97 -3.27 8.55
CA THR A 87 -7.66 -3.42 9.83
C THR A 87 -7.74 -2.10 10.58
N VAL A 88 -6.71 -1.29 10.45
CA VAL A 88 -6.65 0.01 11.11
C VAL A 88 -7.63 1.00 10.46
N GLN A 89 -7.94 0.76 9.19
CA GLN A 89 -8.86 1.62 8.46
C GLN A 89 -10.31 1.35 8.87
N LYS A 90 -10.70 0.08 8.78
CA LYS A 90 -12.05 -0.33 9.14
C LYS A 90 -12.38 0.07 10.58
N ALA A 91 -11.44 -0.18 11.48
CA ALA A 91 -11.62 0.14 12.89
C ALA A 91 -11.80 1.65 13.09
N ALA A 92 -11.25 2.43 12.17
CA ALA A 92 -11.35 3.88 12.24
C ALA A 92 -12.77 4.35 11.91
N LEU A 93 -13.45 3.61 11.05
CA LEU A 93 -14.81 3.95 10.65
C LEU A 93 -15.81 3.42 11.67
N SER A 94 -15.67 2.15 12.02
CA SER A 94 -16.58 1.52 12.99
C SER A 94 -15.79 0.72 14.03
N GLY A 95 -15.99 1.07 15.29
CA GLY A 95 -15.29 0.38 16.37
C GLY A 95 -15.70 -1.08 16.49
N PRO A 96 -16.93 -1.31 16.95
CA PRO A 96 -17.48 -2.66 17.13
C PRO A 96 -17.75 -3.35 15.79
N SER A 97 -18.29 -2.59 14.84
CA SER A 97 -18.61 -3.13 13.52
C SER A 97 -19.66 -4.23 13.63
N SER A 98 -20.93 -3.84 13.64
CA SER A 98 -22.02 -4.79 13.74
C SER A 98 -22.84 -4.82 12.45
N GLY A 99 -23.77 -5.78 12.36
CA GLY A 99 -24.60 -5.90 11.18
C GLY A 99 -26.03 -5.48 11.43
#